data_1JHB
#
_entry.id   1JHB
#
_cell.length_a   1.000
_cell.length_b   1.000
_cell.length_c   1.000
_cell.angle_alpha   90.00
_cell.angle_beta   90.00
_cell.angle_gamma   90.00
#
_symmetry.space_group_name_H-M   'P 1'
#
_entity_poly.entity_id   1
_entity_poly.type   'polypeptide(L)'
_entity_poly.pdbx_seq_one_letter_code
;MAQEFVNCKIQPGKVVVFIKPTCPYCRRAQEILSQLPIKQGLLEFVDITATNHTNEIQDYLQQLTGARTVPRVFIGKDCI
GGCSDLVSLQQSGELLTRLKQIGALQ
;
_entity_poly.pdbx_strand_id   A
#
# COMPACT_ATOMS: atom_id res chain seq x y z
N ALA A 2 16.82 0.15 -7.55
CA ALA A 2 15.96 1.31 -7.25
C ALA A 2 15.39 1.17 -5.84
N GLN A 3 15.92 1.93 -4.87
CA GLN A 3 15.55 1.83 -3.46
C GLN A 3 14.83 3.11 -3.06
N GLU A 4 15.38 4.27 -3.41
CA GLU A 4 14.86 5.58 -3.02
C GLU A 4 13.41 5.83 -3.44
N PHE A 5 12.94 5.26 -4.57
CA PHE A 5 11.60 5.53 -5.09
C PHE A 5 10.57 5.14 -4.04
N VAL A 6 10.53 3.86 -3.64
CA VAL A 6 9.62 3.38 -2.62
C VAL A 6 9.98 4.06 -1.30
N ASN A 7 11.27 4.12 -0.95
CA ASN A 7 11.73 4.58 0.35
C ASN A 7 11.20 5.98 0.67
N CYS A 8 11.37 6.92 -0.26
CA CYS A 8 10.95 8.30 -0.11
C CYS A 8 9.44 8.47 -0.41
N LYS A 9 8.82 7.60 -1.23
CA LYS A 9 7.39 7.69 -1.49
C LYS A 9 6.60 7.40 -0.22
N ILE A 10 7.00 6.46 0.64
CA ILE A 10 6.28 6.26 1.88
C ILE A 10 6.66 7.40 2.84
N GLN A 11 5.77 7.69 3.77
CA GLN A 11 6.04 8.44 4.99
C GLN A 11 5.13 7.89 6.09
N PRO A 12 5.35 8.21 7.37
CA PRO A 12 4.28 8.10 8.36
C PRO A 12 3.17 9.10 8.02
N GLY A 13 1.95 8.87 8.50
CA GLY A 13 0.83 9.78 8.26
C GLY A 13 0.44 9.93 6.79
N LYS A 14 0.60 8.87 5.99
CA LYS A 14 0.00 8.67 4.67
C LYS A 14 -0.30 7.18 4.48
N VAL A 15 -1.31 6.84 3.68
CA VAL A 15 -1.64 5.48 3.29
C VAL A 15 -1.14 5.28 1.86
N VAL A 16 0.15 5.03 1.69
CA VAL A 16 0.76 4.82 0.39
C VAL A 16 0.59 3.34 0.03
N VAL A 17 0.31 3.03 -1.23
CA VAL A 17 0.07 1.68 -1.70
C VAL A 17 0.78 1.54 -3.04
N PHE A 18 1.79 0.68 -3.14
CA PHE A 18 2.45 0.46 -4.41
C PHE A 18 1.59 -0.51 -5.23
N ILE A 19 1.32 -0.18 -6.49
CA ILE A 19 0.45 -0.90 -7.41
C ILE A 19 1.03 -0.94 -8.81
N LYS A 20 0.40 -1.73 -9.70
CA LYS A 20 0.55 -1.65 -11.15
C LYS A 20 -0.85 -1.88 -11.71
N PRO A 21 -1.26 -1.22 -12.81
CA PRO A 21 -2.60 -1.40 -13.35
C PRO A 21 -2.73 -2.77 -14.04
N THR A 22 -1.63 -3.49 -14.26
CA THR A 22 -1.60 -4.80 -14.87
C THR A 22 -1.74 -5.93 -13.84
N CYS A 23 -1.69 -5.62 -12.53
CA CYS A 23 -2.19 -6.52 -11.50
C CYS A 23 -3.73 -6.40 -11.43
N PRO A 24 -4.49 -7.50 -11.58
CA PRO A 24 -5.92 -7.49 -11.26
C PRO A 24 -6.13 -7.30 -9.75
N TYR A 25 -5.13 -7.65 -8.95
CA TYR A 25 -5.18 -7.58 -7.51
C TYR A 25 -5.11 -6.12 -7.04
N CYS A 26 -4.44 -5.25 -7.81
CA CYS A 26 -4.35 -3.85 -7.43
C CYS A 26 -5.73 -3.21 -7.54
N ARG A 27 -6.58 -3.65 -8.47
CA ARG A 27 -7.96 -3.14 -8.58
C ARG A 27 -8.79 -3.52 -7.35
N ARG A 28 -8.61 -4.75 -6.82
CA ARG A 28 -9.26 -5.16 -5.58
C ARG A 28 -8.86 -4.20 -4.48
N ALA A 29 -7.56 -4.10 -4.22
CA ALA A 29 -7.06 -3.24 -3.16
C ALA A 29 -7.60 -1.82 -3.29
N GLN A 30 -7.76 -1.30 -4.51
CA GLN A 30 -8.29 0.03 -4.74
C GLN A 30 -9.71 0.20 -4.22
N GLU A 31 -10.62 -0.73 -4.47
CA GLU A 31 -11.96 -0.61 -3.91
C GLU A 31 -11.88 -0.87 -2.42
N ILE A 32 -11.26 -1.97 -2.01
CA ILE A 32 -11.13 -2.39 -0.63
C ILE A 32 -10.70 -1.22 0.25
N LEU A 33 -9.65 -0.52 -0.17
CA LEU A 33 -9.13 0.56 0.63
C LEU A 33 -9.99 1.81 0.40
N SER A 34 -10.30 2.18 -0.85
CA SER A 34 -11.04 3.42 -1.09
C SER A 34 -12.52 3.37 -0.65
N GLN A 35 -13.04 2.21 -0.22
CA GLN A 35 -14.36 2.08 0.35
C GLN A 35 -14.41 2.67 1.77
N LEU A 36 -13.26 2.80 2.45
CA LEU A 36 -13.20 3.16 3.85
C LEU A 36 -13.02 4.68 4.00
N PRO A 37 -13.65 5.33 5.00
CA PRO A 37 -13.56 6.78 5.20
C PRO A 37 -12.18 7.15 5.74
N ILE A 38 -11.35 7.81 4.94
CA ILE A 38 -9.93 8.02 5.24
C ILE A 38 -9.64 9.50 4.96
N LYS A 39 -8.70 10.11 5.68
CA LYS A 39 -8.31 11.49 5.45
C LYS A 39 -7.94 11.70 3.98
N GLN A 40 -8.54 12.71 3.37
CA GLN A 40 -8.35 13.02 1.97
C GLN A 40 -6.88 13.33 1.72
N GLY A 41 -6.32 12.70 0.69
CA GLY A 41 -4.94 12.84 0.26
C GLY A 41 -4.06 11.74 0.83
N LEU A 42 -4.47 11.06 1.91
CA LEU A 42 -3.64 10.04 2.51
C LEU A 42 -3.61 8.79 1.65
N LEU A 43 -4.70 8.43 0.97
CA LEU A 43 -4.69 7.17 0.23
C LEU A 43 -4.03 7.52 -1.10
N GLU A 44 -2.83 7.00 -1.34
CA GLU A 44 -2.08 7.27 -2.55
C GLU A 44 -1.64 5.94 -3.15
N PHE A 45 -2.26 5.56 -4.27
CA PHE A 45 -1.86 4.40 -5.03
C PHE A 45 -0.70 4.85 -5.93
N VAL A 46 0.52 4.51 -5.55
CA VAL A 46 1.76 4.82 -6.24
C VAL A 46 2.02 3.69 -7.23
N ASP A 47 2.44 4.02 -8.44
CA ASP A 47 2.58 3.03 -9.50
C ASP A 47 4.01 2.47 -9.53
N ILE A 48 4.17 1.21 -9.95
CA ILE A 48 5.45 0.52 -10.08
C ILE A 48 5.79 0.22 -11.54
N THR A 49 5.08 0.74 -12.54
CA THR A 49 5.45 0.64 -13.94
C THR A 49 5.33 1.99 -14.67
N ALA A 50 4.57 2.96 -14.16
CA ALA A 50 4.36 4.24 -14.84
C ALA A 50 5.64 5.03 -15.10
N THR A 51 6.63 4.99 -14.19
CA THR A 51 7.70 5.99 -14.13
C THR A 51 9.03 5.43 -13.60
N ASN A 52 9.22 4.11 -13.66
CA ASN A 52 10.24 3.42 -12.87
C ASN A 52 10.61 2.10 -13.54
N HIS A 53 10.99 1.10 -12.73
CA HIS A 53 11.35 -0.25 -13.07
C HIS A 53 10.64 -1.08 -12.01
N THR A 54 9.50 -1.69 -12.32
CA THR A 54 8.87 -2.73 -11.49
C THR A 54 9.95 -3.66 -10.99
N ASN A 55 10.61 -4.33 -11.92
CA ASN A 55 11.61 -5.38 -11.74
C ASN A 55 12.63 -5.07 -10.65
N GLU A 56 12.99 -3.80 -10.47
CA GLU A 56 13.95 -3.37 -9.46
C GLU A 56 13.17 -3.15 -8.15
N ILE A 57 12.20 -2.23 -8.18
CA ILE A 57 11.42 -1.79 -7.01
C ILE A 57 10.76 -2.99 -6.33
N GLN A 58 10.36 -4.01 -7.08
CA GLN A 58 9.58 -5.11 -6.58
C GLN A 58 10.55 -5.95 -5.75
N ASP A 59 11.77 -6.12 -6.24
CA ASP A 59 12.88 -6.83 -5.59
C ASP A 59 13.30 -6.10 -4.33
N TYR A 60 13.42 -4.77 -4.42
CA TYR A 60 13.67 -3.93 -3.25
C TYR A 60 12.55 -4.10 -2.21
N LEU A 61 11.28 -4.05 -2.63
CA LEU A 61 10.13 -4.28 -1.78
C LEU A 61 10.22 -5.68 -1.14
N GLN A 62 10.73 -6.67 -1.86
CA GLN A 62 10.98 -8.01 -1.33
C GLN A 62 11.85 -7.93 -0.09
N GLN A 63 12.98 -7.21 -0.18
CA GLN A 63 13.92 -7.07 0.92
C GLN A 63 13.30 -6.23 2.03
N LEU A 64 12.66 -5.11 1.68
CA LEU A 64 12.28 -4.09 2.65
C LEU A 64 11.04 -4.57 3.44
N THR A 65 10.17 -5.40 2.83
CA THR A 65 8.86 -5.78 3.39
C THR A 65 8.66 -7.29 3.52
N GLY A 66 9.48 -8.15 2.91
CA GLY A 66 9.39 -9.61 3.02
C GLY A 66 8.67 -10.25 1.83
N ALA A 67 8.19 -9.44 0.87
CA ALA A 67 7.51 -9.92 -0.32
C ALA A 67 7.54 -8.85 -1.41
N ARG A 68 7.56 -9.29 -2.66
CA ARG A 68 7.65 -8.40 -3.84
C ARG A 68 6.32 -8.21 -4.53
N THR A 69 5.43 -9.18 -4.38
CA THR A 69 4.19 -9.23 -5.12
C THR A 69 3.26 -8.13 -4.60
N VAL A 70 2.51 -7.56 -5.52
CA VAL A 70 1.69 -6.37 -5.33
C VAL A 70 0.20 -6.75 -5.41
N PRO A 71 -0.73 -5.87 -4.99
CA PRO A 71 -0.52 -4.55 -4.38
C PRO A 71 0.22 -4.66 -3.05
N ARG A 72 0.80 -3.56 -2.56
CA ARG A 72 1.65 -3.57 -1.38
C ARG A 72 1.29 -2.33 -0.55
N VAL A 73 0.44 -2.52 0.45
CA VAL A 73 -0.14 -1.44 1.24
C VAL A 73 0.84 -1.06 2.35
N PHE A 74 1.16 0.23 2.44
CA PHE A 74 1.93 0.89 3.48
C PHE A 74 1.00 1.87 4.20
N ILE A 75 0.43 1.44 5.33
CA ILE A 75 -0.30 2.31 6.21
C ILE A 75 0.77 2.97 7.10
N GLY A 76 1.04 4.26 6.87
CA GLY A 76 1.97 5.12 7.61
C GLY A 76 3.24 4.39 8.00
N LYS A 77 4.19 4.29 7.07
CA LYS A 77 5.45 3.56 7.16
C LYS A 77 5.39 2.14 7.73
N ASP A 78 4.22 1.52 7.79
CA ASP A 78 4.06 0.10 8.11
C ASP A 78 3.47 -0.61 6.91
N CYS A 79 4.24 -1.46 6.23
CA CYS A 79 3.74 -2.34 5.20
C CYS A 79 2.87 -3.40 5.88
N ILE A 80 1.58 -3.44 5.56
CA ILE A 80 0.67 -4.37 6.21
C ILE A 80 0.75 -5.73 5.51
N GLY A 81 1.22 -5.75 4.26
CA GLY A 81 1.28 -6.93 3.43
C GLY A 81 0.67 -6.63 2.07
N GLY A 82 0.22 -7.69 1.42
CA GLY A 82 -0.42 -7.68 0.11
C GLY A 82 -1.93 -7.73 0.27
N CYS A 83 -2.67 -7.96 -0.82
CA CYS A 83 -4.12 -7.96 -0.77
C CYS A 83 -4.67 -9.14 0.02
N SER A 84 -3.95 -10.25 0.15
CA SER A 84 -4.41 -11.36 0.98
C SER A 84 -4.57 -10.88 2.43
N ASP A 85 -3.52 -10.22 2.94
CA ASP A 85 -3.51 -9.67 4.29
C ASP A 85 -4.50 -8.52 4.38
N LEU A 86 -4.57 -7.68 3.35
CA LEU A 86 -5.51 -6.56 3.29
C LEU A 86 -6.96 -7.03 3.43
N VAL A 87 -7.33 -8.17 2.83
CA VAL A 87 -8.63 -8.75 2.98
C VAL A 87 -8.86 -9.11 4.45
N SER A 88 -7.91 -9.75 5.16
CA SER A 88 -8.11 -10.11 6.56
C SER A 88 -8.40 -8.82 7.28
N LEU A 89 -7.48 -7.86 7.17
CA LEU A 89 -7.52 -6.69 7.99
C LEU A 89 -8.78 -5.86 7.67
N GLN A 90 -9.34 -5.93 6.46
CA GLN A 90 -10.65 -5.36 6.18
C GLN A 90 -11.73 -6.16 6.93
N GLN A 91 -11.80 -7.48 6.77
CA GLN A 91 -12.90 -8.31 7.24
C GLN A 91 -12.91 -8.42 8.78
N SER A 92 -11.74 -8.55 9.39
CA SER A 92 -11.44 -8.52 10.82
C SER A 92 -11.61 -7.10 11.36
N GLY A 93 -11.56 -6.09 10.48
CA GLY A 93 -11.56 -4.69 10.84
C GLY A 93 -10.22 -4.22 11.39
N GLU A 94 -9.15 -5.04 11.36
CA GLU A 94 -7.89 -4.66 11.98
C GLU A 94 -7.33 -3.42 11.27
N LEU A 95 -7.60 -3.30 9.97
CA LEU A 95 -7.17 -2.23 9.08
C LEU A 95 -7.61 -0.88 9.63
N LEU A 96 -8.83 -0.78 10.15
CA LEU A 96 -9.38 0.50 10.62
C LEU A 96 -8.53 1.02 11.78
N THR A 97 -8.23 0.16 12.75
CA THR A 97 -7.37 0.51 13.87
C THR A 97 -5.98 0.88 13.35
N ARG A 98 -5.40 0.04 12.47
CA ARG A 98 -4.09 0.26 11.86
C ARG A 98 -4.01 1.64 11.24
N LEU A 99 -5.01 2.04 10.44
CA LEU A 99 -5.12 3.34 9.83
C LEU A 99 -5.28 4.45 10.85
N LYS A 100 -6.20 4.35 11.81
CA LYS A 100 -6.50 5.57 12.55
C LYS A 100 -5.35 6.05 13.40
N GLN A 101 -4.47 5.14 13.80
CA GLN A 101 -3.18 5.49 14.41
C GLN A 101 -2.47 6.57 13.58
N ILE A 102 -2.42 6.44 12.25
CA ILE A 102 -1.71 7.38 11.38
C ILE A 102 -2.54 8.67 11.12
N GLY A 103 -3.67 8.84 11.81
CA GLY A 103 -4.52 10.01 11.70
C GLY A 103 -5.36 9.98 10.42
N ALA A 104 -5.78 8.80 9.97
CA ALA A 104 -6.52 8.63 8.73
C ALA A 104 -7.99 8.87 8.97
N LEU A 105 -8.72 7.95 9.59
CA LEU A 105 -10.16 7.96 9.41
C LEU A 105 -10.76 9.25 9.95
N GLN A 106 -11.65 9.82 9.14
CA GLN A 106 -12.34 11.08 9.23
C GLN A 106 -13.52 10.95 8.27
N ALA A 2 15.70 1.57 -6.00
CA ALA A 2 14.39 1.83 -5.39
C ALA A 2 14.42 2.24 -3.91
N GLN A 3 15.54 2.14 -3.16
CA GLN A 3 15.68 2.52 -1.75
C GLN A 3 15.55 4.05 -1.50
N GLU A 4 14.71 4.74 -2.26
CA GLU A 4 14.52 6.18 -2.29
C GLU A 4 13.20 6.40 -2.99
N PHE A 5 13.01 5.92 -4.22
CA PHE A 5 11.73 6.10 -4.93
C PHE A 5 10.57 5.54 -4.09
N VAL A 6 10.67 4.29 -3.63
CA VAL A 6 9.70 3.70 -2.71
C VAL A 6 9.71 4.45 -1.37
N ASN A 7 10.89 4.67 -0.78
CA ASN A 7 10.99 5.15 0.60
C ASN A 7 10.40 6.54 0.74
N CYS A 8 10.84 7.49 -0.08
CA CYS A 8 10.34 8.85 -0.14
C CYS A 8 8.90 8.93 -0.71
N LYS A 9 8.32 7.81 -1.16
CA LYS A 9 6.89 7.74 -1.46
C LYS A 9 6.05 7.59 -0.21
N ILE A 10 6.57 7.01 0.87
CA ILE A 10 5.84 6.85 2.11
C ILE A 10 6.37 7.89 3.09
N GLN A 11 5.65 8.07 4.19
CA GLN A 11 5.98 8.84 5.38
C GLN A 11 5.16 8.22 6.52
N PRO A 12 5.46 8.51 7.79
CA PRO A 12 4.67 8.02 8.92
C PRO A 12 3.37 8.84 9.10
N GLY A 13 2.51 8.82 8.08
CA GLY A 13 1.19 9.43 8.11
C GLY A 13 0.46 9.51 6.76
N LYS A 14 0.89 8.75 5.75
CA LYS A 14 0.18 8.60 4.48
C LYS A 14 -0.18 7.13 4.31
N VAL A 15 -1.14 6.83 3.46
CA VAL A 15 -1.59 5.48 3.13
C VAL A 15 -1.12 5.21 1.70
N VAL A 16 -0.01 4.51 1.52
CA VAL A 16 0.56 4.31 0.20
C VAL A 16 0.23 2.90 -0.25
N VAL A 17 0.12 2.68 -1.55
CA VAL A 17 0.06 1.35 -2.13
C VAL A 17 0.96 1.35 -3.37
N PHE A 18 2.04 0.57 -3.37
CA PHE A 18 2.78 0.32 -4.60
C PHE A 18 1.94 -0.66 -5.41
N ILE A 19 1.54 -0.27 -6.61
CA ILE A 19 0.61 -0.94 -7.51
C ILE A 19 1.12 -0.90 -8.95
N LYS A 20 0.40 -1.54 -9.86
CA LYS A 20 0.51 -1.40 -11.31
C LYS A 20 -0.91 -1.01 -11.78
N PRO A 21 -1.09 -0.39 -12.96
CA PRO A 21 -2.35 0.23 -13.37
C PRO A 21 -3.41 -0.79 -13.79
N THR A 22 -3.16 -2.08 -13.56
CA THR A 22 -3.96 -3.20 -14.00
C THR A 22 -4.09 -4.09 -12.76
N CYS A 23 -3.39 -5.23 -12.70
CA CYS A 23 -3.30 -6.25 -11.65
C CYS A 23 -4.62 -6.47 -10.87
N PRO A 24 -5.26 -7.64 -10.97
CA PRO A 24 -6.50 -7.88 -10.26
C PRO A 24 -6.34 -7.76 -8.74
N TYR A 25 -5.12 -7.90 -8.21
CA TYR A 25 -4.87 -7.76 -6.79
C TYR A 25 -4.77 -6.27 -6.46
N CYS A 26 -4.07 -5.49 -7.30
CA CYS A 26 -3.95 -4.05 -7.13
C CYS A 26 -5.34 -3.42 -7.21
N ARG A 27 -6.17 -3.86 -8.18
CA ARG A 27 -7.54 -3.41 -8.35
C ARG A 27 -8.32 -3.61 -7.05
N ARG A 28 -8.30 -4.83 -6.50
CA ARG A 28 -9.02 -5.10 -5.26
C ARG A 28 -8.57 -4.12 -4.20
N ALA A 29 -7.26 -4.08 -3.93
CA ALA A 29 -6.74 -3.27 -2.84
C ALA A 29 -7.17 -1.81 -2.98
N GLN A 30 -7.20 -1.27 -4.22
CA GLN A 30 -7.72 0.03 -4.54
C GLN A 30 -9.14 0.22 -4.05
N GLU A 31 -10.02 -0.70 -4.40
CA GLU A 31 -11.43 -0.63 -4.20
C GLU A 31 -11.76 -0.84 -2.73
N ILE A 32 -11.15 -1.87 -2.13
CA ILE A 32 -11.18 -2.16 -0.71
C ILE A 32 -10.81 -0.90 0.04
N LEU A 33 -9.65 -0.31 -0.25
CA LEU A 33 -9.19 0.80 0.55
C LEU A 33 -10.03 2.03 0.24
N SER A 34 -10.33 2.32 -1.03
CA SER A 34 -11.02 3.56 -1.36
C SER A 34 -12.49 3.58 -0.91
N GLN A 35 -13.06 2.49 -0.36
CA GLN A 35 -14.39 2.53 0.23
C GLN A 35 -14.41 3.25 1.57
N LEU A 36 -13.29 3.29 2.30
CA LEU A 36 -13.28 3.80 3.67
C LEU A 36 -13.19 5.32 3.68
N PRO A 37 -13.74 6.00 4.69
CA PRO A 37 -13.54 7.42 4.93
C PRO A 37 -12.14 7.62 5.53
N ILE A 38 -11.12 7.46 4.69
CA ILE A 38 -9.71 7.69 5.07
C ILE A 38 -9.48 9.16 4.74
N LYS A 39 -8.62 9.84 5.51
CA LYS A 39 -8.30 11.24 5.29
C LYS A 39 -7.93 11.46 3.83
N GLN A 40 -8.64 12.38 3.18
CA GLN A 40 -8.42 12.65 1.77
C GLN A 40 -7.02 13.22 1.63
N GLY A 41 -6.31 12.82 0.57
CA GLY A 41 -4.93 13.19 0.35
C GLY A 41 -3.96 12.22 1.02
N LEU A 42 -4.42 11.20 1.76
CA LEU A 42 -3.53 10.18 2.27
C LEU A 42 -3.42 8.99 1.34
N LEU A 43 -4.42 8.62 0.53
CA LEU A 43 -4.36 7.35 -0.22
C LEU A 43 -3.56 7.60 -1.51
N GLU A 44 -2.35 7.07 -1.65
CA GLU A 44 -1.48 7.31 -2.80
C GLU A 44 -1.13 5.99 -3.48
N PHE A 45 -1.63 5.80 -4.71
CA PHE A 45 -1.51 4.56 -5.47
C PHE A 45 -0.31 4.68 -6.43
N VAL A 46 0.87 4.25 -5.99
CA VAL A 46 2.17 4.47 -6.62
C VAL A 46 2.37 3.40 -7.69
N ASP A 47 2.21 3.79 -8.95
CA ASP A 47 2.40 2.96 -10.12
C ASP A 47 3.88 2.61 -10.35
N ILE A 48 4.26 1.37 -10.04
CA ILE A 48 5.60 0.85 -10.22
C ILE A 48 5.99 0.68 -11.70
N THR A 49 5.07 0.83 -12.64
CA THR A 49 5.30 0.56 -14.05
C THR A 49 4.87 1.75 -14.91
N ALA A 50 4.66 2.95 -14.32
CA ALA A 50 4.32 4.16 -15.06
C ALA A 50 5.38 4.54 -16.11
N THR A 51 6.60 4.02 -16.01
CA THR A 51 7.47 3.96 -17.17
C THR A 51 8.43 2.78 -17.05
N ASN A 52 9.03 2.52 -15.87
CA ASN A 52 9.98 1.41 -15.64
C ASN A 52 10.27 1.31 -14.14
N HIS A 53 11.36 0.66 -13.74
CA HIS A 53 11.80 0.41 -12.35
C HIS A 53 10.88 -0.53 -11.55
N THR A 54 9.82 -1.10 -12.13
CA THR A 54 9.01 -2.14 -11.50
C THR A 54 9.92 -3.21 -10.90
N ASN A 55 10.69 -3.88 -11.74
CA ASN A 55 11.65 -4.91 -11.30
C ASN A 55 12.51 -4.46 -10.11
N GLU A 56 13.13 -3.29 -10.18
CA GLU A 56 13.99 -2.73 -9.13
C GLU A 56 13.17 -2.56 -7.84
N ILE A 57 11.97 -2.01 -7.96
CA ILE A 57 11.07 -1.67 -6.87
C ILE A 57 10.61 -2.98 -6.23
N GLN A 58 10.29 -3.97 -7.06
CA GLN A 58 9.69 -5.25 -6.72
C GLN A 58 10.73 -5.98 -5.88
N ASP A 59 11.98 -6.01 -6.38
CA ASP A 59 13.16 -6.59 -5.71
C ASP A 59 13.30 -6.00 -4.32
N TYR A 60 13.43 -4.67 -4.28
CA TYR A 60 13.62 -3.94 -3.03
C TYR A 60 12.45 -4.17 -2.07
N LEU A 61 11.21 -4.25 -2.55
CA LEU A 61 10.04 -4.55 -1.72
C LEU A 61 10.14 -5.94 -1.11
N GLN A 62 10.77 -6.90 -1.78
CA GLN A 62 11.03 -8.21 -1.19
C GLN A 62 11.94 -8.08 0.04
N GLN A 63 12.93 -7.19 0.00
CA GLN A 63 13.79 -6.95 1.15
C GLN A 63 13.08 -6.11 2.22
N LEU A 64 12.50 -4.97 1.83
CA LEU A 64 11.95 -3.96 2.74
C LEU A 64 10.69 -4.50 3.42
N THR A 65 9.98 -5.49 2.84
CA THR A 65 8.80 -6.09 3.45
C THR A 65 9.12 -7.56 3.74
N GLY A 66 9.21 -8.37 2.70
CA GLY A 66 9.49 -9.80 2.76
C GLY A 66 9.08 -10.49 1.48
N ALA A 67 8.14 -9.92 0.72
CA ALA A 67 7.70 -10.43 -0.56
C ALA A 67 7.61 -9.28 -1.56
N ARG A 68 7.94 -9.56 -2.81
CA ARG A 68 7.91 -8.54 -3.86
C ARG A 68 6.50 -8.24 -4.33
N THR A 69 5.57 -9.17 -4.11
CA THR A 69 4.35 -9.21 -4.89
C THR A 69 3.54 -7.95 -4.66
N VAL A 70 3.06 -7.35 -5.73
CA VAL A 70 2.18 -6.19 -5.65
C VAL A 70 0.73 -6.69 -5.48
N PRO A 71 -0.18 -5.90 -4.91
CA PRO A 71 0.03 -4.59 -4.30
C PRO A 71 0.88 -4.69 -3.04
N ARG A 72 1.39 -3.56 -2.54
CA ARG A 72 2.03 -3.47 -1.22
C ARG A 72 1.47 -2.24 -0.53
N VAL A 73 0.45 -2.40 0.31
CA VAL A 73 -0.09 -1.31 1.10
C VAL A 73 0.88 -1.01 2.22
N PHE A 74 1.31 0.24 2.35
CA PHE A 74 2.04 0.78 3.49
C PHE A 74 1.13 1.81 4.15
N ILE A 75 0.49 1.44 5.27
CA ILE A 75 -0.20 2.40 6.11
C ILE A 75 0.89 2.97 7.02
N GLY A 76 1.17 4.27 6.89
CA GLY A 76 2.11 5.00 7.74
C GLY A 76 3.44 4.28 7.88
N LYS A 77 4.23 4.29 6.81
CA LYS A 77 5.53 3.66 6.68
C LYS A 77 5.66 2.21 7.17
N ASP A 78 4.58 1.44 7.28
CA ASP A 78 4.69 -0.02 7.48
C ASP A 78 3.77 -0.77 6.54
N CYS A 79 4.31 -1.78 5.85
CA CYS A 79 3.57 -2.62 4.93
C CYS A 79 2.64 -3.55 5.72
N ILE A 80 1.32 -3.41 5.55
CA ILE A 80 0.36 -4.23 6.27
C ILE A 80 0.12 -5.57 5.57
N GLY A 81 0.69 -5.76 4.38
CA GLY A 81 0.56 -6.94 3.56
C GLY A 81 0.24 -6.53 2.13
N GLY A 82 -0.01 -7.54 1.28
CA GLY A 82 -0.32 -7.35 -0.12
C GLY A 82 -1.82 -7.21 -0.30
N CYS A 83 -2.52 -8.33 -0.56
CA CYS A 83 -3.96 -8.34 -0.79
C CYS A 83 -4.67 -9.40 0.03
N SER A 84 -4.28 -10.67 -0.09
CA SER A 84 -4.93 -11.76 0.63
C SER A 84 -4.82 -11.57 2.16
N ASP A 85 -3.69 -10.99 2.60
CA ASP A 85 -3.44 -10.54 3.98
C ASP A 85 -4.43 -9.42 4.28
N LEU A 86 -4.31 -8.33 3.53
CA LEU A 86 -5.03 -7.08 3.64
C LEU A 86 -6.56 -7.29 3.73
N VAL A 87 -7.12 -8.25 3.00
CA VAL A 87 -8.53 -8.55 3.04
C VAL A 87 -8.96 -8.92 4.46
N SER A 88 -8.16 -9.61 5.27
CA SER A 88 -8.56 -9.96 6.63
C SER A 88 -8.66 -8.66 7.41
N LEU A 89 -7.60 -7.86 7.29
CA LEU A 89 -7.48 -6.64 8.04
C LEU A 89 -8.68 -5.75 7.69
N GLN A 90 -9.13 -5.74 6.43
CA GLN A 90 -10.38 -5.09 6.05
C GLN A 90 -11.56 -5.76 6.77
N GLN A 91 -11.82 -7.06 6.50
CA GLN A 91 -13.01 -7.79 6.92
C GLN A 91 -13.24 -7.69 8.42
N SER A 92 -12.20 -7.99 9.21
CA SER A 92 -12.24 -7.93 10.66
C SER A 92 -12.19 -6.48 11.12
N GLY A 93 -11.44 -5.61 10.43
CA GLY A 93 -11.26 -4.21 10.80
C GLY A 93 -9.89 -3.94 11.39
N GLU A 94 -8.93 -4.88 11.40
CA GLU A 94 -7.61 -4.58 11.94
C GLU A 94 -6.93 -3.47 11.12
N LEU A 95 -7.28 -3.36 9.82
CA LEU A 95 -6.80 -2.31 8.91
C LEU A 95 -7.35 -0.98 9.35
N LEU A 96 -8.61 -0.94 9.78
CA LEU A 96 -9.30 0.29 10.18
C LEU A 96 -8.66 0.83 11.44
N THR A 97 -8.30 -0.05 12.38
CA THR A 97 -7.51 0.30 13.54
C THR A 97 -6.17 0.88 13.10
N ARG A 98 -5.39 0.13 12.30
CA ARG A 98 -4.04 0.52 11.93
C ARG A 98 -4.03 1.79 11.07
N LEU A 99 -5.03 1.99 10.22
CA LEU A 99 -5.30 3.25 9.52
C LEU A 99 -5.46 4.36 10.52
N LYS A 100 -6.36 4.21 11.50
CA LYS A 100 -6.56 5.29 12.45
C LYS A 100 -5.32 5.56 13.27
N GLN A 101 -4.45 4.58 13.47
CA GLN A 101 -3.17 4.81 14.10
C GLN A 101 -2.36 5.90 13.37
N ILE A 102 -2.52 6.06 12.05
CA ILE A 102 -1.81 7.09 11.26
C ILE A 102 -2.65 8.36 11.09
N GLY A 103 -3.79 8.50 11.78
CA GLY A 103 -4.65 9.67 11.67
C GLY A 103 -5.44 9.70 10.36
N ALA A 104 -5.79 8.53 9.81
CA ALA A 104 -6.55 8.40 8.59
C ALA A 104 -8.01 8.70 8.85
N LEU A 105 -8.74 7.84 9.57
CA LEU A 105 -10.18 7.96 9.59
C LEU A 105 -10.53 9.17 10.42
N GLN A 106 -11.44 9.96 9.89
CA GLN A 106 -11.87 11.25 10.39
C GLN A 106 -13.37 11.22 10.21
N ALA A 2 15.91 2.34 -8.40
CA ALA A 2 14.61 2.47 -7.72
C ALA A 2 14.80 2.94 -6.28
N GLN A 3 14.96 2.02 -5.31
CA GLN A 3 15.05 2.23 -3.86
C GLN A 3 14.17 3.37 -3.37
N GLU A 4 14.72 4.59 -3.31
CA GLU A 4 14.14 5.88 -2.98
C GLU A 4 12.69 6.03 -3.46
N PHE A 5 12.39 5.60 -4.70
CA PHE A 5 11.07 5.67 -5.30
C PHE A 5 10.01 5.00 -4.42
N VAL A 6 10.34 3.86 -3.82
CA VAL A 6 9.53 3.26 -2.76
C VAL A 6 9.85 3.98 -1.45
N ASN A 7 11.14 3.96 -1.09
CA ASN A 7 11.63 4.17 0.26
C ASN A 7 11.27 5.51 0.89
N CYS A 8 11.10 6.54 0.07
CA CYS A 8 10.89 7.92 0.50
C CYS A 8 9.46 8.41 0.25
N LYS A 9 8.67 7.73 -0.61
CA LYS A 9 7.28 8.12 -0.81
C LYS A 9 6.47 7.89 0.47
N ILE A 10 6.75 6.80 1.19
CA ILE A 10 6.05 6.47 2.42
C ILE A 10 6.48 7.48 3.49
N GLN A 11 5.56 7.86 4.38
CA GLN A 11 5.88 8.51 5.65
C GLN A 11 4.85 8.10 6.69
N PRO A 12 5.11 8.22 8.00
CA PRO A 12 4.20 7.83 9.08
C PRO A 12 3.04 8.82 9.25
N GLY A 13 2.13 8.80 8.28
CA GLY A 13 0.92 9.59 8.19
C GLY A 13 0.50 9.77 6.73
N LYS A 14 0.56 8.69 5.97
CA LYS A 14 0.06 8.53 4.61
C LYS A 14 -0.28 7.05 4.46
N VAL A 15 -1.07 6.69 3.45
CA VAL A 15 -1.24 5.32 3.01
C VAL A 15 -0.66 5.21 1.59
N VAL A 16 0.63 4.94 1.47
CA VAL A 16 1.24 4.73 0.16
C VAL A 16 1.10 3.25 -0.18
N VAL A 17 0.71 2.93 -1.41
CA VAL A 17 0.39 1.59 -1.86
C VAL A 17 1.07 1.40 -3.21
N PHE A 18 2.05 0.50 -3.30
CA PHE A 18 2.72 0.23 -4.58
C PHE A 18 1.87 -0.79 -5.33
N ILE A 19 1.56 -0.51 -6.60
CA ILE A 19 0.61 -1.26 -7.42
C ILE A 19 1.13 -1.40 -8.84
N LYS A 20 0.50 -2.27 -9.63
CA LYS A 20 0.57 -2.27 -11.07
C LYS A 20 -0.87 -2.17 -11.59
N PRO A 21 -1.10 -1.56 -12.76
CA PRO A 21 -2.42 -1.46 -13.37
C PRO A 21 -2.77 -2.74 -14.14
N THR A 22 -1.76 -3.55 -14.49
CA THR A 22 -1.85 -4.87 -15.10
C THR A 22 -2.27 -5.93 -14.05
N CYS A 23 -3.07 -5.54 -13.05
CA CYS A 23 -3.49 -6.36 -11.94
C CYS A 23 -4.94 -6.05 -11.52
N PRO A 24 -5.84 -7.04 -11.54
CA PRO A 24 -7.13 -6.92 -10.88
C PRO A 24 -6.98 -7.03 -9.35
N TYR A 25 -5.88 -7.61 -8.83
CA TYR A 25 -5.72 -7.78 -7.39
C TYR A 25 -5.34 -6.41 -6.82
N CYS A 26 -4.47 -5.65 -7.50
CA CYS A 26 -4.12 -4.30 -7.10
C CYS A 26 -5.40 -3.47 -7.10
N ARG A 27 -6.21 -3.58 -8.16
CA ARG A 27 -7.50 -2.91 -8.25
C ARG A 27 -8.43 -3.29 -7.10
N ARG A 28 -8.52 -4.56 -6.68
CA ARG A 28 -9.35 -4.87 -5.53
C ARG A 28 -8.83 -4.08 -4.35
N ALA A 29 -7.56 -4.23 -4.00
CA ALA A 29 -7.01 -3.53 -2.84
C ALA A 29 -7.27 -2.03 -2.93
N GLN A 30 -7.29 -1.47 -4.14
CA GLN A 30 -7.71 -0.13 -4.44
C GLN A 30 -9.12 0.14 -3.98
N GLU A 31 -10.12 -0.57 -4.47
CA GLU A 31 -11.50 -0.26 -4.10
C GLU A 31 -11.70 -0.56 -2.61
N ILE A 32 -11.21 -1.70 -2.14
CA ILE A 32 -11.22 -2.11 -0.75
C ILE A 32 -10.67 -0.99 0.13
N LEU A 33 -9.53 -0.40 -0.23
CA LEU A 33 -8.93 0.61 0.61
C LEU A 33 -9.76 1.89 0.44
N SER A 34 -9.95 2.31 -0.82
CA SER A 34 -10.55 3.57 -1.22
C SER A 34 -12.02 3.72 -0.80
N GLN A 35 -12.71 2.65 -0.40
CA GLN A 35 -14.09 2.72 0.09
C GLN A 35 -14.14 3.32 1.50
N LEU A 36 -13.07 3.24 2.29
CA LEU A 36 -13.06 3.74 3.66
C LEU A 36 -12.98 5.28 3.69
N PRO A 37 -13.54 5.94 4.72
CA PRO A 37 -13.51 7.40 4.83
C PRO A 37 -12.14 7.87 5.35
N ILE A 38 -11.09 7.71 4.53
CA ILE A 38 -9.71 7.96 4.93
C ILE A 38 -9.42 9.42 4.59
N LYS A 39 -8.46 10.01 5.32
CA LYS A 39 -8.05 11.39 5.15
C LYS A 39 -7.65 11.63 3.70
N GLN A 40 -8.22 12.68 3.09
CA GLN A 40 -8.03 12.95 1.68
C GLN A 40 -6.54 13.15 1.40
N GLY A 41 -6.03 12.55 0.32
CA GLY A 41 -4.64 12.69 -0.07
C GLY A 41 -3.67 11.77 0.68
N LEU A 42 -4.15 10.99 1.67
CA LEU A 42 -3.27 10.01 2.30
C LEU A 42 -3.03 8.84 1.36
N LEU A 43 -4.08 8.38 0.67
CA LEU A 43 -4.05 7.13 -0.08
C LEU A 43 -3.43 7.44 -1.44
N GLU A 44 -2.22 6.96 -1.71
CA GLU A 44 -1.61 7.07 -3.03
C GLU A 44 -1.29 5.67 -3.54
N PHE A 45 -1.87 5.31 -4.68
CA PHE A 45 -1.60 4.11 -5.43
C PHE A 45 -0.47 4.42 -6.42
N VAL A 46 0.77 4.13 -6.02
CA VAL A 46 2.01 4.41 -6.74
C VAL A 46 2.26 3.27 -7.73
N ASP A 47 2.07 3.57 -9.00
CA ASP A 47 2.24 2.64 -10.11
C ASP A 47 3.71 2.29 -10.35
N ILE A 48 4.12 1.07 -10.02
CA ILE A 48 5.49 0.60 -10.20
C ILE A 48 5.85 0.42 -11.68
N THR A 49 4.87 0.39 -12.58
CA THR A 49 5.07 0.23 -14.01
C THR A 49 5.15 1.60 -14.71
N ALA A 50 4.83 2.69 -14.01
CA ALA A 50 4.88 4.05 -14.50
C ALA A 50 6.32 4.54 -14.46
N THR A 51 7.09 4.00 -15.40
CA THR A 51 8.37 4.45 -15.93
C THR A 51 9.52 4.53 -14.91
N ASN A 52 9.34 4.05 -13.68
CA ASN A 52 10.49 3.77 -12.82
C ASN A 52 11.10 2.44 -13.27
N HIS A 53 10.94 1.35 -12.52
CA HIS A 53 11.41 0.01 -12.86
C HIS A 53 10.66 -0.94 -11.94
N THR A 54 9.53 -1.48 -12.39
CA THR A 54 8.72 -2.44 -11.64
C THR A 54 9.60 -3.56 -11.12
N ASN A 55 10.18 -4.30 -12.04
CA ASN A 55 10.95 -5.51 -11.76
C ASN A 55 12.09 -5.29 -10.75
N GLU A 56 12.65 -4.08 -10.62
CA GLU A 56 13.67 -3.78 -9.61
C GLU A 56 13.03 -3.19 -8.33
N ILE A 57 11.90 -2.48 -8.44
CA ILE A 57 11.09 -2.06 -7.30
C ILE A 57 10.64 -3.33 -6.57
N GLN A 58 10.34 -4.39 -7.32
CA GLN A 58 9.82 -5.66 -6.84
C GLN A 58 10.91 -6.26 -5.93
N ASP A 59 12.15 -6.34 -6.42
CA ASP A 59 13.33 -6.77 -5.66
C ASP A 59 13.46 -5.98 -4.37
N TYR A 60 13.47 -4.66 -4.54
CA TYR A 60 13.59 -3.70 -3.46
C TYR A 60 12.49 -3.87 -2.40
N LEU A 61 11.24 -4.12 -2.81
CA LEU A 61 10.12 -4.34 -1.88
C LEU A 61 10.36 -5.60 -1.07
N GLN A 62 10.96 -6.65 -1.66
CA GLN A 62 11.34 -7.84 -0.93
C GLN A 62 12.44 -7.52 0.09
N GLN A 63 13.38 -6.66 -0.26
CA GLN A 63 14.44 -6.22 0.63
C GLN A 63 13.85 -5.45 1.82
N LEU A 64 13.01 -4.45 1.54
CA LEU A 64 12.53 -3.51 2.55
C LEU A 64 11.46 -4.21 3.40
N THR A 65 10.43 -4.79 2.78
CA THR A 65 9.23 -5.25 3.50
C THR A 65 9.26 -6.74 3.83
N GLY A 66 10.13 -7.53 3.19
CA GLY A 66 10.24 -8.96 3.40
C GLY A 66 9.48 -9.76 2.34
N ALA A 67 8.86 -9.10 1.35
CA ALA A 67 8.29 -9.74 0.18
C ALA A 67 7.98 -8.69 -0.90
N ARG A 68 8.02 -9.11 -2.17
CA ARG A 68 7.77 -8.22 -3.30
C ARG A 68 6.31 -8.10 -3.68
N THR A 69 5.51 -9.13 -3.40
CA THR A 69 4.25 -9.35 -4.09
C THR A 69 3.31 -8.16 -3.95
N VAL A 70 2.71 -7.74 -5.07
CA VAL A 70 1.87 -6.54 -5.15
C VAL A 70 0.39 -6.95 -5.13
N PRO A 71 -0.55 -6.02 -4.82
CA PRO A 71 -0.31 -4.68 -4.29
C PRO A 71 0.42 -4.76 -2.95
N ARG A 72 1.13 -3.70 -2.59
CA ARG A 72 1.93 -3.61 -1.37
C ARG A 72 1.37 -2.41 -0.63
N VAL A 73 0.74 -2.60 0.54
CA VAL A 73 0.17 -1.51 1.32
C VAL A 73 1.14 -1.15 2.45
N PHE A 74 1.54 0.12 2.50
CA PHE A 74 2.16 0.77 3.64
C PHE A 74 1.09 1.69 4.23
N ILE A 75 0.48 1.30 5.34
CA ILE A 75 -0.24 2.26 6.18
C ILE A 75 0.88 2.85 7.04
N GLY A 76 1.06 4.18 6.99
CA GLY A 76 1.99 4.99 7.77
C GLY A 76 3.27 4.28 8.19
N LYS A 77 4.24 4.20 7.26
CA LYS A 77 5.52 3.54 7.41
C LYS A 77 5.50 2.13 8.00
N ASP A 78 4.39 1.38 7.98
CA ASP A 78 4.50 -0.07 8.12
C ASP A 78 3.71 -0.80 7.03
N CYS A 79 4.43 -1.68 6.32
CA CYS A 79 3.92 -2.62 5.35
C CYS A 79 3.02 -3.63 6.02
N ILE A 80 1.73 -3.60 5.71
CA ILE A 80 0.78 -4.48 6.35
C ILE A 80 0.76 -5.84 5.66
N GLY A 81 1.22 -5.91 4.41
CA GLY A 81 1.21 -7.13 3.60
C GLY A 81 0.71 -6.83 2.18
N GLY A 82 0.38 -7.91 1.46
CA GLY A 82 -0.16 -7.85 0.12
C GLY A 82 -1.69 -7.89 0.14
N CYS A 83 -2.33 -8.11 -1.02
CA CYS A 83 -3.78 -8.00 -1.17
C CYS A 83 -4.51 -8.99 -0.26
N SER A 84 -3.96 -10.18 -0.04
CA SER A 84 -4.67 -11.19 0.72
C SER A 84 -4.63 -10.82 2.21
N ASP A 85 -3.49 -10.37 2.72
CA ASP A 85 -3.40 -9.88 4.11
C ASP A 85 -4.27 -8.64 4.25
N LEU A 86 -4.18 -7.71 3.31
CA LEU A 86 -4.98 -6.49 3.25
C LEU A 86 -6.48 -6.82 3.30
N VAL A 87 -6.92 -7.86 2.59
CA VAL A 87 -8.27 -8.37 2.68
C VAL A 87 -8.58 -8.74 4.12
N SER A 88 -7.74 -9.49 4.85
CA SER A 88 -8.04 -9.88 6.23
C SER A 88 -8.22 -8.61 7.05
N LEU A 89 -7.29 -7.65 6.90
CA LEU A 89 -7.35 -6.39 7.61
C LEU A 89 -8.66 -5.68 7.29
N GLN A 90 -9.15 -5.66 6.05
CA GLN A 90 -10.46 -5.12 5.71
C GLN A 90 -11.56 -5.96 6.38
N GLN A 91 -11.74 -7.21 5.96
CA GLN A 91 -12.82 -8.10 6.31
C GLN A 91 -12.99 -8.29 7.82
N SER A 92 -11.88 -8.47 8.54
CA SER A 92 -11.85 -8.66 9.99
C SER A 92 -11.63 -7.33 10.72
N GLY A 93 -11.42 -6.24 9.98
CA GLY A 93 -11.40 -4.88 10.50
C GLY A 93 -10.08 -4.44 11.11
N GLU A 94 -8.99 -5.20 11.06
CA GLU A 94 -7.73 -4.71 11.61
C GLU A 94 -7.27 -3.43 10.87
N LEU A 95 -7.63 -3.30 9.60
CA LEU A 95 -7.35 -2.15 8.74
C LEU A 95 -7.83 -0.85 9.38
N LEU A 96 -8.97 -0.86 10.06
CA LEU A 96 -9.59 0.36 10.57
C LEU A 96 -8.72 0.91 11.70
N THR A 97 -8.36 0.09 12.67
CA THR A 97 -7.43 0.45 13.74
C THR A 97 -6.07 0.83 13.15
N ARG A 98 -5.53 0.02 12.23
CA ARG A 98 -4.27 0.29 11.56
C ARG A 98 -4.26 1.71 10.99
N LEU A 99 -5.29 2.06 10.23
CA LEU A 99 -5.44 3.36 9.60
C LEU A 99 -5.60 4.44 10.66
N LYS A 100 -6.43 4.23 11.66
CA LYS A 100 -6.66 5.25 12.67
C LYS A 100 -5.44 5.54 13.52
N GLN A 101 -4.55 4.57 13.67
CA GLN A 101 -3.25 4.81 14.28
C GLN A 101 -2.51 5.94 13.54
N ILE A 102 -2.70 6.10 12.22
CA ILE A 102 -2.05 7.16 11.45
C ILE A 102 -2.97 8.39 11.25
N GLY A 103 -4.11 8.46 11.94
CA GLY A 103 -5.03 9.59 11.88
C GLY A 103 -5.90 9.63 10.61
N ALA A 104 -6.00 8.51 9.90
CA ALA A 104 -6.61 8.37 8.59
C ALA A 104 -8.10 8.56 8.65
N LEU A 105 -8.84 7.73 9.38
CA LEU A 105 -10.24 7.99 9.50
C LEU A 105 -10.27 9.22 10.39
N GLN A 106 -11.09 10.14 9.93
CA GLN A 106 -10.86 11.55 10.23
C GLN A 106 -11.06 11.87 11.70
N ALA A 2 13.07 0.96 -2.59
CA ALA A 2 13.75 0.86 -3.88
C ALA A 2 14.29 2.23 -4.21
N GLN A 3 15.62 2.36 -4.25
CA GLN A 3 16.41 3.43 -4.85
C GLN A 3 15.74 4.79 -4.70
N GLU A 4 15.50 5.14 -3.44
CA GLU A 4 14.81 6.33 -2.97
C GLU A 4 13.34 6.46 -3.39
N PHE A 5 12.92 6.02 -4.58
CA PHE A 5 11.61 6.24 -5.17
C PHE A 5 10.52 5.69 -4.25
N VAL A 6 10.52 4.37 -3.99
CA VAL A 6 9.55 3.77 -3.06
C VAL A 6 9.78 4.32 -1.64
N ASN A 7 11.04 4.63 -1.30
CA ASN A 7 11.45 4.82 0.08
C ASN A 7 11.08 6.20 0.60
N CYS A 8 11.04 7.21 -0.29
CA CYS A 8 10.53 8.54 -0.04
C CYS A 8 9.03 8.61 -0.38
N LYS A 9 8.48 7.67 -1.16
CA LYS A 9 7.06 7.70 -1.50
C LYS A 9 6.24 7.52 -0.24
N ILE A 10 6.57 6.55 0.61
CA ILE A 10 5.84 6.33 1.84
C ILE A 10 6.17 7.47 2.82
N GLN A 11 5.21 7.85 3.67
CA GLN A 11 5.37 8.90 4.67
C GLN A 11 4.76 8.42 6.01
N PRO A 12 5.31 8.80 7.17
CA PRO A 12 4.86 8.38 8.51
C PRO A 12 3.62 9.14 8.98
N GLY A 13 2.53 8.99 8.24
CA GLY A 13 1.23 9.59 8.49
C GLY A 13 0.37 9.63 7.24
N LYS A 14 0.66 8.75 6.28
CA LYS A 14 0.00 8.62 4.99
C LYS A 14 -0.17 7.14 4.73
N VAL A 15 -1.16 6.78 3.93
CA VAL A 15 -1.38 5.41 3.51
C VAL A 15 -0.85 5.30 2.08
N VAL A 16 0.41 4.89 1.90
CA VAL A 16 0.98 4.83 0.57
C VAL A 16 1.06 3.37 0.19
N VAL A 17 0.55 3.05 -0.99
CA VAL A 17 0.47 1.70 -1.49
C VAL A 17 1.31 1.66 -2.76
N PHE A 18 1.80 0.49 -3.15
CA PHE A 18 2.44 0.28 -4.44
C PHE A 18 1.60 -0.75 -5.19
N ILE A 19 1.16 -0.41 -6.41
CA ILE A 19 0.38 -1.25 -7.33
C ILE A 19 0.99 -1.19 -8.74
N LYS A 20 0.45 -1.99 -9.66
CA LYS A 20 0.66 -1.87 -11.11
C LYS A 20 -0.74 -1.88 -11.74
N PRO A 21 -0.94 -1.27 -12.93
CA PRO A 21 -2.26 -1.05 -13.50
C PRO A 21 -2.92 -2.32 -14.03
N THR A 22 -2.14 -3.39 -14.17
CA THR A 22 -2.47 -4.62 -14.87
C THR A 22 -2.84 -5.75 -13.91
N CYS A 23 -2.63 -5.58 -12.60
CA CYS A 23 -2.88 -6.60 -11.60
C CYS A 23 -4.33 -6.45 -11.07
N PRO A 24 -5.14 -7.52 -11.08
CA PRO A 24 -6.46 -7.48 -10.50
C PRO A 24 -6.39 -7.50 -8.96
N TYR A 25 -5.30 -7.99 -8.36
CA TYR A 25 -5.17 -8.05 -6.92
C TYR A 25 -4.81 -6.65 -6.44
N CYS A 26 -4.02 -5.91 -7.24
CA CYS A 26 -3.82 -4.49 -7.04
C CYS A 26 -5.16 -3.77 -7.11
N ARG A 27 -5.94 -3.95 -8.19
CA ARG A 27 -7.27 -3.33 -8.32
C ARG A 27 -8.12 -3.60 -7.09
N ARG A 28 -8.14 -4.84 -6.60
CA ARG A 28 -8.88 -5.21 -5.39
C ARG A 28 -8.41 -4.34 -4.25
N ALA A 29 -7.14 -4.42 -3.89
CA ALA A 29 -6.64 -3.70 -2.73
C ALA A 29 -6.95 -2.21 -2.85
N GLN A 30 -6.89 -1.64 -4.06
CA GLN A 30 -7.32 -0.30 -4.36
C GLN A 30 -8.76 -0.04 -3.95
N GLU A 31 -9.72 -0.81 -4.47
CA GLU A 31 -11.13 -0.55 -4.22
C GLU A 31 -11.45 -0.81 -2.76
N ILE A 32 -10.90 -1.89 -2.21
CA ILE A 32 -10.99 -2.27 -0.82
C ILE A 32 -10.53 -1.10 0.04
N LEU A 33 -9.33 -0.55 -0.22
CA LEU A 33 -8.81 0.49 0.64
C LEU A 33 -9.63 1.76 0.41
N SER A 34 -9.89 2.09 -0.87
CA SER A 34 -10.72 3.23 -1.26
C SER A 34 -12.14 3.21 -0.64
N GLN A 35 -12.65 2.10 -0.09
CA GLN A 35 -13.99 2.10 0.53
C GLN A 35 -13.98 2.82 1.88
N LEU A 36 -12.83 2.94 2.54
CA LEU A 36 -12.79 3.42 3.91
C LEU A 36 -12.78 4.95 3.93
N PRO A 37 -13.55 5.61 4.81
CA PRO A 37 -13.64 7.06 4.91
C PRO A 37 -12.39 7.65 5.58
N ILE A 38 -11.34 7.88 4.79
CA ILE A 38 -9.97 8.14 5.23
C ILE A 38 -9.72 9.63 5.04
N LYS A 39 -8.83 10.22 5.86
CA LYS A 39 -8.40 11.61 5.73
C LYS A 39 -8.00 11.89 4.29
N GLN A 40 -8.57 12.93 3.68
CA GLN A 40 -8.38 13.20 2.27
C GLN A 40 -6.89 13.33 1.98
N GLY A 41 -6.41 12.62 0.97
CA GLY A 41 -5.04 12.70 0.49
C GLY A 41 -4.11 11.74 1.21
N LEU A 42 -4.55 11.00 2.24
CA LEU A 42 -3.68 10.00 2.84
C LEU A 42 -3.55 8.79 1.95
N LEU A 43 -4.60 8.33 1.26
CA LEU A 43 -4.50 7.11 0.48
C LEU A 43 -3.88 7.45 -0.87
N GLU A 44 -2.65 7.02 -1.10
CA GLU A 44 -1.84 7.36 -2.26
C GLU A 44 -1.40 6.07 -2.95
N PHE A 45 -2.11 5.68 -4.01
CA PHE A 45 -1.78 4.47 -4.75
C PHE A 45 -0.68 4.82 -5.77
N VAL A 46 0.56 4.40 -5.53
CA VAL A 46 1.69 4.63 -6.39
C VAL A 46 1.73 3.49 -7.41
N ASP A 47 1.79 3.83 -8.69
CA ASP A 47 2.09 2.91 -9.78
C ASP A 47 3.60 2.70 -9.92
N ILE A 48 4.10 1.49 -9.67
CA ILE A 48 5.53 1.18 -9.90
C ILE A 48 5.90 1.17 -11.38
N THR A 49 4.90 1.09 -12.25
CA THR A 49 5.09 1.19 -13.68
C THR A 49 5.13 2.65 -14.11
N ALA A 50 4.83 3.63 -13.23
CA ALA A 50 4.79 5.06 -13.53
C ALA A 50 6.04 5.53 -14.28
N THR A 51 7.20 5.00 -13.92
CA THR A 51 8.46 5.27 -14.61
C THR A 51 9.09 3.97 -15.14
N ASN A 52 8.36 2.85 -15.07
CA ASN A 52 8.78 1.47 -15.29
C ASN A 52 10.16 1.18 -14.69
N HIS A 53 10.22 1.27 -13.36
CA HIS A 53 11.27 0.68 -12.53
C HIS A 53 10.69 -0.50 -11.74
N THR A 54 9.54 -1.03 -12.18
CA THR A 54 8.79 -2.12 -11.56
C THR A 54 9.74 -3.20 -11.08
N ASN A 55 10.43 -3.80 -12.04
CA ASN A 55 11.36 -4.89 -11.84
C ASN A 55 12.34 -4.67 -10.67
N GLU A 56 12.97 -3.50 -10.57
CA GLU A 56 13.87 -3.21 -9.45
C GLU A 56 13.08 -3.03 -8.15
N ILE A 57 11.92 -2.37 -8.25
CA ILE A 57 11.09 -2.04 -7.10
C ILE A 57 10.62 -3.35 -6.46
N GLN A 58 10.22 -4.30 -7.31
CA GLN A 58 9.71 -5.62 -7.02
C GLN A 58 10.73 -6.41 -6.18
N ASP A 59 11.99 -6.44 -6.65
CA ASP A 59 13.13 -7.08 -6.02
C ASP A 59 13.33 -6.54 -4.61
N TYR A 60 13.60 -5.24 -4.57
CA TYR A 60 13.84 -4.51 -3.34
C TYR A 60 12.68 -4.71 -2.35
N LEU A 61 11.43 -4.72 -2.82
CA LEU A 61 10.23 -4.89 -1.99
C LEU A 61 10.19 -6.27 -1.33
N GLN A 62 10.80 -7.29 -1.93
CA GLN A 62 10.90 -8.62 -1.32
C GLN A 62 11.70 -8.55 -0.04
N GLN A 63 12.82 -7.82 -0.07
CA GLN A 63 13.68 -7.62 1.07
C GLN A 63 13.04 -6.64 2.07
N LEU A 64 12.53 -5.52 1.56
CA LEU A 64 12.06 -4.36 2.34
C LEU A 64 10.81 -4.72 3.16
N THR A 65 10.00 -5.73 2.79
CA THR A 65 8.95 -6.22 3.68
C THR A 65 9.09 -7.74 3.85
N GLY A 66 8.77 -8.54 2.82
CA GLY A 66 8.73 -9.99 2.98
C GLY A 66 8.42 -10.75 1.69
N ALA A 67 7.81 -10.14 0.67
CA ALA A 67 7.54 -10.79 -0.60
C ALA A 67 7.73 -9.81 -1.75
N ARG A 68 7.99 -10.31 -2.96
CA ARG A 68 7.99 -9.48 -4.16
C ARG A 68 6.56 -9.09 -4.52
N THR A 69 5.57 -9.92 -4.20
CA THR A 69 4.23 -9.81 -4.75
C THR A 69 3.59 -8.47 -4.38
N VAL A 70 2.98 -7.81 -5.35
CA VAL A 70 2.13 -6.64 -5.17
C VAL A 70 0.69 -7.14 -5.00
N PRO A 71 -0.27 -6.32 -4.53
CA PRO A 71 -0.11 -4.96 -4.00
C PRO A 71 0.78 -4.93 -2.77
N ARG A 72 1.15 -3.73 -2.30
CA ARG A 72 1.85 -3.58 -1.04
C ARG A 72 1.35 -2.34 -0.34
N VAL A 73 0.59 -2.50 0.74
CA VAL A 73 0.11 -1.37 1.51
C VAL A 73 1.16 -1.04 2.57
N PHE A 74 1.49 0.24 2.71
CA PHE A 74 2.13 0.79 3.88
C PHE A 74 1.15 1.75 4.54
N ILE A 75 1.11 1.73 5.87
CA ILE A 75 0.31 2.58 6.72
C ILE A 75 1.36 3.24 7.63
N GLY A 76 1.56 4.56 7.51
CA GLY A 76 2.47 5.32 8.37
C GLY A 76 3.88 4.76 8.34
N LYS A 77 4.47 4.72 7.14
CA LYS A 77 5.76 4.12 6.84
C LYS A 77 6.03 2.73 7.42
N ASP A 78 5.01 1.92 7.66
CA ASP A 78 5.20 0.49 7.96
C ASP A 78 4.28 -0.33 7.06
N CYS A 79 4.79 -1.41 6.48
CA CYS A 79 3.98 -2.30 5.65
C CYS A 79 3.01 -3.08 6.52
N ILE A 80 1.85 -3.46 5.99
CA ILE A 80 0.91 -4.34 6.66
C ILE A 80 0.92 -5.74 6.05
N GLY A 81 1.55 -5.91 4.88
CA GLY A 81 1.41 -7.08 4.03
C GLY A 81 0.97 -6.66 2.62
N GLY A 82 0.53 -7.63 1.83
CA GLY A 82 0.19 -7.43 0.42
C GLY A 82 -1.31 -7.46 0.22
N CYS A 83 -1.88 -8.61 -0.14
CA CYS A 83 -3.29 -8.73 -0.45
C CYS A 83 -4.03 -9.51 0.66
N SER A 84 -3.64 -10.74 1.00
CA SER A 84 -4.38 -11.54 2.00
C SER A 84 -4.47 -10.83 3.36
N ASP A 85 -3.38 -10.17 3.78
CA ASP A 85 -3.36 -9.42 5.03
C ASP A 85 -4.26 -8.21 4.93
N LEU A 86 -4.22 -7.52 3.80
CA LEU A 86 -5.04 -6.34 3.54
C LEU A 86 -6.52 -6.73 3.50
N VAL A 87 -6.85 -7.90 2.96
CA VAL A 87 -8.17 -8.47 2.96
C VAL A 87 -8.60 -8.79 4.38
N SER A 88 -7.83 -9.47 5.25
CA SER A 88 -8.30 -9.65 6.62
C SER A 88 -8.46 -8.33 7.34
N LEU A 89 -7.53 -7.40 7.14
CA LEU A 89 -7.69 -6.08 7.71
C LEU A 89 -9.05 -5.53 7.26
N GLN A 90 -9.46 -5.63 5.98
CA GLN A 90 -10.76 -5.10 5.59
C GLN A 90 -11.91 -5.95 6.16
N GLN A 91 -11.90 -7.28 5.97
CA GLN A 91 -12.97 -8.20 6.34
C GLN A 91 -13.18 -8.24 7.85
N SER A 92 -12.14 -8.50 8.62
CA SER A 92 -12.14 -8.46 10.07
C SER A 92 -12.23 -7.01 10.58
N GLY A 93 -12.20 -6.00 9.69
CA GLY A 93 -12.25 -4.60 10.05
C GLY A 93 -11.00 -4.12 10.77
N GLU A 94 -9.91 -4.90 10.85
CA GLU A 94 -8.72 -4.44 11.54
C GLU A 94 -8.05 -3.26 10.79
N LEU A 95 -8.32 -3.09 9.49
CA LEU A 95 -7.84 -1.99 8.66
C LEU A 95 -8.20 -0.63 9.28
N LEU A 96 -9.38 -0.51 9.86
CA LEU A 96 -9.82 0.77 10.42
C LEU A 96 -8.90 1.18 11.57
N THR A 97 -8.62 0.27 12.50
CA THR A 97 -7.72 0.49 13.62
C THR A 97 -6.29 0.73 13.11
N ARG A 98 -5.83 -0.11 12.18
CA ARG A 98 -4.56 0.02 11.48
C ARG A 98 -4.37 1.45 10.97
N LEU A 99 -5.33 1.98 10.22
CA LEU A 99 -5.27 3.34 9.70
C LEU A 99 -5.48 4.41 10.77
N LYS A 100 -6.32 4.20 11.78
CA LYS A 100 -6.45 5.18 12.85
C LYS A 100 -5.12 5.45 13.54
N GLN A 101 -4.25 4.44 13.62
CA GLN A 101 -2.91 4.58 14.15
C GLN A 101 -2.10 5.70 13.48
N ILE A 102 -2.48 6.17 12.29
CA ILE A 102 -1.75 7.20 11.54
C ILE A 102 -2.60 8.46 11.30
N GLY A 103 -3.76 8.59 11.95
CA GLY A 103 -4.57 9.79 11.88
C GLY A 103 -5.40 9.86 10.60
N ALA A 104 -6.08 8.77 10.26
CA ALA A 104 -6.84 8.61 9.04
C ALA A 104 -8.28 9.01 9.21
N LEU A 105 -9.11 8.25 9.92
CA LEU A 105 -10.53 8.40 9.71
C LEU A 105 -10.98 9.75 10.23
N GLN A 106 -11.84 10.40 9.44
CA GLN A 106 -12.64 11.52 9.87
C GLN A 106 -13.52 11.05 11.01
N ALA A 2 15.26 1.77 -7.50
CA ALA A 2 14.05 1.58 -6.69
C ALA A 2 14.13 2.24 -5.30
N GLN A 3 15.31 2.23 -4.65
CA GLN A 3 15.60 2.73 -3.30
C GLN A 3 15.49 4.26 -3.15
N GLU A 4 14.41 4.84 -3.65
CA GLU A 4 14.12 6.26 -3.48
C GLU A 4 12.65 6.48 -3.82
N PHE A 5 12.21 6.10 -5.02
CA PHE A 5 10.83 6.30 -5.43
C PHE A 5 9.87 5.56 -4.51
N VAL A 6 10.23 4.35 -4.08
CA VAL A 6 9.50 3.67 -3.02
C VAL A 6 9.75 4.42 -1.71
N ASN A 7 11.00 4.46 -1.27
CA ASN A 7 11.32 4.75 0.13
C ASN A 7 10.84 6.13 0.57
N CYS A 8 11.05 7.16 -0.27
CA CYS A 8 10.67 8.53 0.03
C CYS A 8 9.16 8.78 -0.11
N LYS A 9 8.38 7.90 -0.75
CA LYS A 9 6.94 8.11 -0.89
C LYS A 9 6.23 7.91 0.44
N ILE A 10 6.61 6.93 1.25
CA ILE A 10 5.88 6.61 2.45
C ILE A 10 6.39 7.52 3.57
N GLN A 11 5.49 8.24 4.23
CA GLN A 11 5.79 8.96 5.47
C GLN A 11 5.14 8.23 6.65
N PRO A 12 5.59 8.51 7.89
CA PRO A 12 4.87 8.15 9.09
C PRO A 12 3.58 8.96 9.19
N GLY A 13 2.56 8.51 8.44
CA GLY A 13 1.20 9.00 8.43
C GLY A 13 0.61 9.11 7.02
N LYS A 14 1.15 8.42 6.02
CA LYS A 14 0.54 8.27 4.70
C LYS A 14 0.13 6.81 4.52
N VAL A 15 -0.81 6.55 3.62
CA VAL A 15 -1.24 5.22 3.24
C VAL A 15 -0.80 5.00 1.79
N VAL A 16 0.47 4.69 1.59
CA VAL A 16 0.95 4.45 0.25
C VAL A 16 0.62 2.99 -0.09
N VAL A 17 0.36 2.70 -1.36
CA VAL A 17 0.19 1.37 -1.86
C VAL A 17 1.00 1.32 -3.14
N PHE A 18 2.08 0.56 -3.17
CA PHE A 18 2.79 0.35 -4.42
C PHE A 18 1.96 -0.64 -5.20
N ILE A 19 1.62 -0.28 -6.44
CA ILE A 19 0.68 -1.00 -7.30
C ILE A 19 1.17 -1.00 -8.73
N LYS A 20 0.55 -1.83 -9.56
CA LYS A 20 0.51 -1.70 -11.01
C LYS A 20 -0.98 -1.49 -11.34
N PRO A 21 -1.33 -0.75 -12.40
CA PRO A 21 -2.73 -0.53 -12.75
C PRO A 21 -3.37 -1.75 -13.44
N THR A 22 -2.66 -2.88 -13.55
CA THR A 22 -3.02 -3.98 -14.42
C THR A 22 -3.15 -5.32 -13.70
N CYS A 23 -2.63 -5.47 -12.47
CA CYS A 23 -2.94 -6.62 -11.64
C CYS A 23 -4.41 -6.47 -11.20
N PRO A 24 -5.23 -7.52 -11.32
CA PRO A 24 -6.58 -7.51 -10.76
C PRO A 24 -6.50 -7.42 -9.24
N TYR A 25 -5.36 -7.81 -8.66
CA TYR A 25 -5.15 -7.83 -7.23
C TYR A 25 -4.98 -6.41 -6.71
N CYS A 26 -4.21 -5.57 -7.43
CA CYS A 26 -4.09 -4.15 -7.13
C CYS A 26 -5.46 -3.49 -7.29
N ARG A 27 -6.19 -3.80 -8.38
CA ARG A 27 -7.53 -3.25 -8.56
C ARG A 27 -8.42 -3.56 -7.36
N ARG A 28 -8.41 -4.80 -6.85
CA ARG A 28 -9.14 -5.13 -5.61
C ARG A 28 -8.72 -4.19 -4.51
N ALA A 29 -7.44 -4.14 -4.18
CA ALA A 29 -6.96 -3.29 -3.10
C ALA A 29 -7.39 -1.85 -3.27
N GLN A 30 -7.51 -1.36 -4.50
CA GLN A 30 -7.98 0.00 -4.78
C GLN A 30 -9.44 0.20 -4.49
N GLU A 31 -10.32 -0.76 -4.74
CA GLU A 31 -11.69 -0.60 -4.29
C GLU A 31 -11.74 -0.80 -2.79
N ILE A 32 -11.13 -1.87 -2.28
CA ILE A 32 -11.08 -2.23 -0.88
C ILE A 32 -10.64 -1.03 -0.05
N LEU A 33 -9.50 -0.42 -0.42
CA LEU A 33 -8.98 0.67 0.36
C LEU A 33 -9.75 1.93 0.00
N SER A 34 -9.99 2.24 -1.30
CA SER A 34 -10.69 3.50 -1.61
C SER A 34 -12.21 3.47 -1.32
N GLN A 35 -12.76 2.41 -0.71
CA GLN A 35 -14.13 2.33 -0.23
C GLN A 35 -14.33 3.03 1.11
N LEU A 36 -13.26 3.43 1.82
CA LEU A 36 -13.33 3.70 3.24
C LEU A 36 -12.84 5.12 3.55
N PRO A 37 -13.38 5.78 4.59
CA PRO A 37 -13.12 7.19 4.87
C PRO A 37 -11.73 7.34 5.49
N ILE A 38 -10.73 7.67 4.69
CA ILE A 38 -9.34 7.81 5.12
C ILE A 38 -8.93 9.21 4.71
N LYS A 39 -8.07 9.87 5.51
CA LYS A 39 -7.74 11.28 5.34
C LYS A 39 -7.42 11.62 3.88
N GLN A 40 -7.98 12.72 3.40
CA GLN A 40 -7.87 13.18 2.03
C GLN A 40 -6.39 13.18 1.62
N GLY A 41 -6.06 12.34 0.64
CA GLY A 41 -4.73 12.28 0.05
C GLY A 41 -3.72 11.48 0.87
N LEU A 42 -4.10 10.75 1.93
CA LEU A 42 -3.19 9.77 2.47
C LEU A 42 -3.11 8.57 1.56
N LEU A 43 -4.19 8.21 0.86
CA LEU A 43 -4.23 6.96 0.10
C LEU A 43 -3.57 7.28 -1.24
N GLU A 44 -2.37 6.74 -1.46
CA GLU A 44 -1.54 7.11 -2.60
C GLU A 44 -1.09 5.83 -3.31
N PHE A 45 -1.75 5.54 -4.43
CA PHE A 45 -1.57 4.33 -5.21
C PHE A 45 -0.42 4.56 -6.19
N VAL A 46 0.81 4.23 -5.78
CA VAL A 46 2.05 4.57 -6.46
C VAL A 46 2.33 3.50 -7.53
N ASP A 47 2.23 3.91 -8.79
CA ASP A 47 2.45 3.04 -9.95
C ASP A 47 3.93 2.65 -10.14
N ILE A 48 4.24 1.37 -10.00
CA ILE A 48 5.54 0.77 -10.25
C ILE A 48 5.88 0.73 -11.75
N THR A 49 4.89 0.51 -12.61
CA THR A 49 5.09 0.16 -14.02
C THR A 49 4.87 1.37 -14.94
N ALA A 50 4.62 2.55 -14.37
CA ALA A 50 4.74 3.84 -15.04
C ALA A 50 6.22 4.17 -15.34
N THR A 51 6.91 3.25 -16.01
CA THR A 51 8.31 3.32 -16.44
C THR A 51 9.28 3.47 -15.25
N ASN A 52 8.82 3.24 -14.01
CA ASN A 52 9.58 3.62 -12.82
C ASN A 52 10.62 2.58 -12.37
N HIS A 53 10.90 1.58 -13.22
CA HIS A 53 11.58 0.32 -12.93
C HIS A 53 10.66 -0.53 -12.02
N THR A 54 9.66 -1.18 -12.60
CA THR A 54 8.70 -2.00 -11.86
C THR A 54 9.46 -3.12 -11.17
N ASN A 55 10.08 -3.99 -11.97
CA ASN A 55 10.59 -5.25 -11.44
C ASN A 55 11.76 -5.07 -10.47
N GLU A 56 12.51 -3.97 -10.56
CA GLU A 56 13.45 -3.49 -9.57
C GLU A 56 12.73 -3.11 -8.27
N ILE A 57 11.65 -2.32 -8.37
CA ILE A 57 10.84 -1.90 -7.23
C ILE A 57 10.25 -3.15 -6.55
N GLN A 58 9.85 -4.14 -7.34
CA GLN A 58 9.20 -5.36 -6.89
C GLN A 58 10.18 -6.04 -5.93
N ASP A 59 11.43 -6.19 -6.37
CA ASP A 59 12.51 -6.82 -5.60
C ASP A 59 12.87 -6.00 -4.37
N TYR A 60 12.97 -4.70 -4.57
CA TYR A 60 13.27 -3.78 -3.48
C TYR A 60 12.23 -3.89 -2.37
N LEU A 61 10.93 -3.96 -2.72
CA LEU A 61 9.84 -4.17 -1.78
C LEU A 61 9.97 -5.50 -1.06
N GLN A 62 10.51 -6.54 -1.70
CA GLN A 62 10.82 -7.81 -1.03
C GLN A 62 11.74 -7.56 0.14
N GLN A 63 12.84 -6.85 -0.10
CA GLN A 63 13.80 -6.58 0.97
C GLN A 63 13.14 -5.72 2.04
N LEU A 64 12.49 -4.63 1.62
CA LEU A 64 12.05 -3.56 2.50
C LEU A 64 10.82 -4.00 3.33
N THR A 65 10.09 -5.06 2.96
CA THR A 65 8.91 -5.53 3.69
C THR A 65 8.91 -7.03 4.03
N GLY A 66 9.61 -7.85 3.26
CA GLY A 66 9.70 -9.29 3.44
C GLY A 66 9.05 -10.06 2.29
N ALA A 67 8.36 -9.42 1.35
CA ALA A 67 7.89 -10.10 0.14
C ALA A 67 7.68 -9.10 -0.99
N ARG A 68 7.91 -9.54 -2.23
CA ARG A 68 7.74 -8.68 -3.40
C ARG A 68 6.28 -8.41 -3.74
N THR A 69 5.35 -9.25 -3.28
CA THR A 69 4.06 -9.32 -3.91
C THR A 69 3.25 -8.04 -3.63
N VAL A 70 2.66 -7.50 -4.68
CA VAL A 70 1.83 -6.30 -4.69
C VAL A 70 0.36 -6.74 -4.73
N PRO A 71 -0.62 -5.88 -4.39
CA PRO A 71 -0.50 -4.50 -3.91
C PRO A 71 0.17 -4.41 -2.54
N ARG A 72 1.25 -3.63 -2.41
CA ARG A 72 2.03 -3.57 -1.18
C ARG A 72 1.53 -2.38 -0.37
N VAL A 73 0.55 -2.61 0.50
CA VAL A 73 -0.03 -1.56 1.33
C VAL A 73 0.96 -1.19 2.44
N PHE A 74 1.29 0.10 2.50
CA PHE A 74 2.25 0.73 3.37
C PHE A 74 1.50 1.79 4.18
N ILE A 75 1.05 1.41 5.38
CA ILE A 75 0.36 2.27 6.32
C ILE A 75 1.44 2.83 7.26
N GLY A 76 1.70 4.14 7.18
CA GLY A 76 2.53 4.88 8.13
C GLY A 76 3.97 4.35 8.20
N LYS A 77 4.69 4.44 7.08
CA LYS A 77 6.02 3.87 6.82
C LYS A 77 6.19 2.40 7.23
N ASP A 78 5.13 1.65 7.49
CA ASP A 78 5.20 0.22 7.77
C ASP A 78 4.25 -0.55 6.84
N CYS A 79 4.65 -1.74 6.43
CA CYS A 79 3.89 -2.58 5.52
C CYS A 79 2.88 -3.44 6.28
N ILE A 80 1.62 -3.54 5.82
CA ILE A 80 0.69 -4.52 6.37
C ILE A 80 0.89 -5.88 5.70
N GLY A 81 1.54 -5.93 4.54
CA GLY A 81 1.68 -7.13 3.74
C GLY A 81 1.23 -6.82 2.32
N GLY A 82 0.55 -7.79 1.72
CA GLY A 82 -0.02 -7.73 0.40
C GLY A 82 -1.54 -7.73 0.51
N CYS A 83 -2.24 -8.13 -0.55
CA CYS A 83 -3.70 -8.09 -0.50
C CYS A 83 -4.29 -9.20 0.35
N SER A 84 -3.58 -10.30 0.61
CA SER A 84 -4.14 -11.39 1.39
C SER A 84 -4.37 -10.91 2.82
N ASP A 85 -3.36 -10.21 3.37
CA ASP A 85 -3.41 -9.49 4.63
C ASP A 85 -4.52 -8.47 4.53
N LEU A 86 -4.46 -7.58 3.53
CA LEU A 86 -5.40 -6.47 3.37
C LEU A 86 -6.86 -6.91 3.40
N VAL A 87 -7.21 -8.03 2.78
CA VAL A 87 -8.53 -8.58 2.80
C VAL A 87 -8.92 -8.88 4.24
N SER A 88 -8.10 -9.58 5.04
CA SER A 88 -8.44 -9.83 6.44
C SER A 88 -8.56 -8.52 7.21
N LEU A 89 -7.63 -7.58 7.01
CA LEU A 89 -7.76 -6.25 7.62
C LEU A 89 -9.14 -5.68 7.30
N GLN A 90 -9.60 -5.72 6.05
CA GLN A 90 -10.89 -5.17 5.66
C GLN A 90 -12.04 -5.98 6.30
N GLN A 91 -12.05 -7.30 6.13
CA GLN A 91 -13.13 -8.20 6.50
C GLN A 91 -13.26 -8.32 8.01
N SER A 92 -12.19 -8.77 8.67
CA SER A 92 -12.12 -9.04 10.08
C SER A 92 -11.93 -7.72 10.86
N GLY A 93 -11.63 -6.60 10.18
CA GLY A 93 -11.78 -5.26 10.69
C GLY A 93 -10.49 -4.60 11.17
N GLU A 94 -9.35 -5.28 11.13
CA GLU A 94 -8.09 -4.69 11.61
C GLU A 94 -7.74 -3.41 10.83
N LEU A 95 -8.16 -3.29 9.56
CA LEU A 95 -8.00 -2.11 8.70
C LEU A 95 -8.33 -0.84 9.48
N LEU A 96 -9.54 -0.72 10.03
CA LEU A 96 -9.98 0.56 10.55
C LEU A 96 -9.06 0.99 11.69
N THR A 97 -8.67 0.06 12.57
CA THR A 97 -7.71 0.29 13.62
C THR A 97 -6.35 0.67 13.02
N ARG A 98 -5.79 -0.13 12.10
CA ARG A 98 -4.47 0.09 11.50
C ARG A 98 -4.41 1.46 10.83
N LEU A 99 -5.46 1.88 10.13
CA LEU A 99 -5.51 3.18 9.52
C LEU A 99 -5.65 4.25 10.59
N LYS A 100 -6.55 4.12 11.56
CA LYS A 100 -6.68 5.19 12.54
C LYS A 100 -5.43 5.34 13.41
N GLN A 101 -4.66 4.27 13.59
CA GLN A 101 -3.37 4.26 14.25
C GLN A 101 -2.45 5.32 13.63
N ILE A 102 -2.55 5.60 12.33
CA ILE A 102 -1.70 6.59 11.65
C ILE A 102 -2.43 7.92 11.40
N GLY A 103 -3.60 8.14 12.01
CA GLY A 103 -4.35 9.39 11.90
C GLY A 103 -5.12 9.50 10.58
N ALA A 104 -5.68 8.38 10.08
CA ALA A 104 -6.41 8.32 8.84
C ALA A 104 -7.84 8.81 8.99
N LEU A 105 -8.70 8.08 9.71
CA LEU A 105 -10.12 8.26 9.51
C LEU A 105 -10.59 9.62 10.02
N GLN A 106 -11.43 10.24 9.22
CA GLN A 106 -11.99 11.57 9.33
C GLN A 106 -13.28 11.51 8.54
N ALA A 2 12.71 -0.41 -1.69
CA ALA A 2 12.80 -0.31 -3.15
C ALA A 2 13.38 1.04 -3.53
N GLN A 3 13.90 1.15 -4.76
CA GLN A 3 14.70 2.29 -5.24
C GLN A 3 14.04 3.62 -4.92
N GLU A 4 14.83 4.70 -4.88
CA GLU A 4 14.48 5.92 -4.17
C GLU A 4 13.08 6.48 -4.45
N PHE A 5 12.52 6.31 -5.66
CA PHE A 5 11.14 6.70 -5.93
C PHE A 5 10.14 6.07 -4.95
N VAL A 6 10.33 4.80 -4.54
CA VAL A 6 9.57 4.14 -3.48
C VAL A 6 9.84 4.85 -2.16
N ASN A 7 11.11 4.97 -1.77
CA ASN A 7 11.46 5.41 -0.44
C ASN A 7 10.94 6.84 -0.21
N CYS A 8 11.05 7.68 -1.23
CA CYS A 8 10.56 9.05 -1.28
C CYS A 8 9.06 9.11 -1.62
N LYS A 9 8.24 8.17 -1.10
CA LYS A 9 6.80 8.34 -0.96
C LYS A 9 6.36 7.98 0.44
N ILE A 10 6.82 6.84 0.97
CA ILE A 10 6.28 6.39 2.24
C ILE A 10 6.79 7.32 3.32
N GLN A 11 5.88 7.73 4.18
CA GLN A 11 6.12 8.47 5.40
C GLN A 11 5.16 7.87 6.44
N PRO A 12 5.34 8.12 7.74
CA PRO A 12 4.25 7.97 8.68
C PRO A 12 3.12 8.93 8.26
N GLY A 13 1.88 8.64 8.66
CA GLY A 13 0.78 9.56 8.43
C GLY A 13 0.29 9.65 6.97
N LYS A 14 0.64 8.68 6.11
CA LYS A 14 0.10 8.51 4.76
C LYS A 14 -0.20 7.03 4.55
N VAL A 15 -1.02 6.67 3.57
CA VAL A 15 -1.39 5.29 3.25
C VAL A 15 -0.93 5.02 1.83
N VAL A 16 0.35 4.75 1.67
CA VAL A 16 0.98 4.59 0.37
C VAL A 16 0.88 3.11 0.01
N VAL A 17 0.46 2.82 -1.22
CA VAL A 17 0.24 1.46 -1.68
C VAL A 17 0.95 1.34 -3.01
N PHE A 18 2.03 0.57 -3.05
CA PHE A 18 2.70 0.34 -4.32
C PHE A 18 1.83 -0.65 -5.10
N ILE A 19 1.53 -0.33 -6.37
CA ILE A 19 0.61 -1.04 -7.24
C ILE A 19 1.11 -0.99 -8.67
N LYS A 20 0.39 -1.60 -9.62
CA LYS A 20 0.48 -1.27 -11.03
C LYS A 20 -0.95 -1.31 -11.60
N PRO A 21 -1.27 -0.53 -12.65
CA PRO A 21 -2.58 -0.60 -13.29
C PRO A 21 -2.72 -1.85 -14.17
N THR A 22 -1.62 -2.54 -14.49
CA THR A 22 -1.62 -3.79 -15.25
C THR A 22 -2.22 -4.92 -14.40
N CYS A 23 -1.74 -5.10 -13.16
CA CYS A 23 -2.26 -6.05 -12.20
C CYS A 23 -3.73 -5.77 -11.85
N PRO A 24 -4.70 -6.59 -12.27
CA PRO A 24 -6.10 -6.41 -11.88
C PRO A 24 -6.27 -6.62 -10.38
N TYR A 25 -5.35 -7.32 -9.71
CA TYR A 25 -5.45 -7.54 -8.27
C TYR A 25 -5.13 -6.26 -7.49
N CYS A 26 -4.40 -5.31 -8.09
CA CYS A 26 -4.23 -4.00 -7.48
C CYS A 26 -5.58 -3.26 -7.48
N ARG A 27 -6.41 -3.48 -8.51
CA ARG A 27 -7.73 -2.86 -8.62
C ARG A 27 -8.65 -3.30 -7.49
N ARG A 28 -8.48 -4.52 -6.95
CA ARG A 28 -9.19 -4.90 -5.73
C ARG A 28 -8.81 -3.95 -4.63
N ALA A 29 -7.51 -3.91 -4.31
CA ALA A 29 -7.01 -3.13 -3.19
C ALA A 29 -7.46 -1.68 -3.27
N GLN A 30 -7.61 -1.11 -4.48
CA GLN A 30 -8.20 0.18 -4.66
C GLN A 30 -9.57 0.29 -4.01
N GLU A 31 -10.49 -0.58 -4.37
CA GLU A 31 -11.87 -0.48 -3.93
C GLU A 31 -11.98 -0.88 -2.47
N ILE A 32 -11.26 -1.93 -2.06
CA ILE A 32 -11.11 -2.35 -0.69
C ILE A 32 -10.69 -1.15 0.15
N LEU A 33 -9.57 -0.50 -0.21
CA LEU A 33 -9.03 0.52 0.66
C LEU A 33 -9.87 1.79 0.52
N SER A 34 -10.27 2.21 -0.70
CA SER A 34 -11.05 3.44 -0.81
C SER A 34 -12.45 3.36 -0.17
N GLN A 35 -13.00 2.16 0.05
CA GLN A 35 -14.30 2.04 0.71
C GLN A 35 -14.18 2.33 2.20
N LEU A 36 -12.98 2.20 2.78
CA LEU A 36 -12.76 2.56 4.17
C LEU A 36 -12.61 4.09 4.23
N PRO A 37 -13.13 4.76 5.28
CA PRO A 37 -12.92 6.17 5.48
C PRO A 37 -11.43 6.45 5.74
N ILE A 38 -10.79 7.36 5.02
CA ILE A 38 -9.42 7.78 5.28
C ILE A 38 -9.37 9.28 4.90
N LYS A 39 -8.40 10.01 5.45
CA LYS A 39 -8.16 11.40 5.13
C LYS A 39 -7.80 11.54 3.66
N GLN A 40 -8.49 12.42 2.94
CA GLN A 40 -8.39 12.44 1.49
C GLN A 40 -6.96 12.79 1.08
N GLY A 41 -6.35 11.96 0.25
CA GLY A 41 -4.98 12.14 -0.23
C GLY A 41 -3.95 11.43 0.63
N LEU A 42 -4.35 10.76 1.72
CA LEU A 42 -3.45 9.81 2.36
C LEU A 42 -3.37 8.56 1.49
N LEU A 43 -4.47 8.12 0.88
CA LEU A 43 -4.52 6.82 0.21
C LEU A 43 -3.92 7.01 -1.18
N GLU A 44 -2.66 6.63 -1.34
CA GLU A 44 -1.84 7.01 -2.47
C GLU A 44 -1.35 5.75 -3.18
N PHE A 45 -2.00 5.42 -4.30
CA PHE A 45 -1.76 4.23 -5.08
C PHE A 45 -0.59 4.50 -6.04
N VAL A 46 0.63 4.16 -5.64
CA VAL A 46 1.86 4.51 -6.34
C VAL A 46 2.19 3.40 -7.34
N ASP A 47 2.10 3.73 -8.63
CA ASP A 47 2.44 2.87 -9.75
C ASP A 47 3.93 2.50 -9.78
N ILE A 48 4.26 1.20 -9.75
CA ILE A 48 5.63 0.67 -9.89
C ILE A 48 6.04 0.47 -11.34
N THR A 49 5.10 0.36 -12.28
CA THR A 49 5.44 0.16 -13.68
C THR A 49 5.59 1.51 -14.37
N ALA A 50 5.32 2.63 -13.69
CA ALA A 50 5.32 4.00 -14.17
C ALA A 50 6.46 4.30 -15.15
N THR A 51 7.71 4.06 -14.75
CA THR A 51 8.89 4.16 -15.62
C THR A 51 10.12 3.61 -14.87
N ASN A 52 10.11 3.69 -13.53
CA ASN A 52 11.26 3.52 -12.64
C ASN A 52 12.07 2.24 -12.85
N HIS A 53 11.36 1.11 -12.94
CA HIS A 53 11.77 -0.30 -12.94
C HIS A 53 11.03 -1.06 -11.84
N THR A 54 9.79 -1.47 -12.13
CA THR A 54 8.98 -2.46 -11.42
C THR A 54 9.87 -3.58 -10.92
N ASN A 55 10.50 -4.32 -11.83
CA ASN A 55 11.34 -5.48 -11.55
C ASN A 55 12.29 -5.27 -10.36
N GLU A 56 13.04 -4.16 -10.34
CA GLU A 56 13.89 -3.79 -9.24
C GLU A 56 13.09 -3.45 -7.99
N ILE A 57 12.01 -2.69 -8.17
CA ILE A 57 11.18 -2.25 -7.07
C ILE A 57 10.57 -3.51 -6.41
N GLN A 58 10.30 -4.56 -7.16
CA GLN A 58 9.71 -5.80 -6.70
C GLN A 58 10.76 -6.46 -5.80
N ASP A 59 11.97 -6.67 -6.30
CA ASP A 59 13.11 -7.24 -5.57
C ASP A 59 13.34 -6.49 -4.27
N TYR A 60 13.52 -5.20 -4.40
CA TYR A 60 13.77 -4.32 -3.27
C TYR A 60 12.47 -3.98 -2.49
N LEU A 61 11.28 -4.54 -2.79
CA LEU A 61 10.15 -4.60 -1.86
C LEU A 61 10.21 -5.91 -1.08
N GLN A 62 10.61 -7.01 -1.73
CA GLN A 62 10.92 -8.29 -1.13
C GLN A 62 11.86 -8.05 0.03
N GLN A 63 12.93 -7.29 -0.20
CA GLN A 63 13.84 -6.92 0.88
C GLN A 63 13.16 -5.95 1.84
N LEU A 64 12.67 -4.79 1.36
CA LEU A 64 12.33 -3.65 2.22
C LEU A 64 11.17 -4.00 3.17
N THR A 65 10.32 -4.97 2.82
CA THR A 65 9.14 -5.33 3.61
C THR A 65 9.06 -6.82 3.98
N GLY A 66 9.80 -7.71 3.31
CA GLY A 66 9.82 -9.15 3.59
C GLY A 66 8.99 -9.94 2.58
N ALA A 67 8.31 -9.28 1.64
CA ALA A 67 7.60 -9.86 0.50
C ALA A 67 7.43 -8.78 -0.57
N ARG A 68 7.24 -9.14 -1.84
CA ARG A 68 7.21 -8.15 -2.93
C ARG A 68 5.82 -7.88 -3.47
N THR A 69 4.89 -8.80 -3.29
CA THR A 69 3.66 -8.86 -4.06
C THR A 69 2.90 -7.56 -4.01
N VAL A 70 2.46 -7.11 -5.18
CA VAL A 70 1.60 -5.95 -5.32
C VAL A 70 0.16 -6.47 -5.38
N PRO A 71 -0.85 -5.68 -4.99
CA PRO A 71 -0.74 -4.40 -4.28
C PRO A 71 -0.03 -4.60 -2.94
N ARG A 72 0.74 -3.61 -2.47
CA ARG A 72 1.58 -3.72 -1.28
C ARG A 72 1.30 -2.49 -0.41
N VAL A 73 0.53 -2.66 0.66
CA VAL A 73 0.03 -1.54 1.48
C VAL A 73 1.07 -1.19 2.54
N PHE A 74 1.48 0.07 2.56
CA PHE A 74 2.11 0.73 3.68
C PHE A 74 1.07 1.64 4.34
N ILE A 75 0.55 1.25 5.49
CA ILE A 75 -0.12 2.20 6.37
C ILE A 75 1.02 2.85 7.16
N GLY A 76 1.23 4.16 7.01
CA GLY A 76 2.18 4.97 7.74
C GLY A 76 3.52 4.30 7.97
N LYS A 77 4.31 4.13 6.90
CA LYS A 77 5.60 3.45 6.89
C LYS A 77 5.65 2.07 7.61
N ASP A 78 4.53 1.39 7.81
CA ASP A 78 4.46 -0.03 8.19
C ASP A 78 3.77 -0.81 7.08
N CYS A 79 4.45 -1.80 6.50
CA CYS A 79 3.93 -2.58 5.38
C CYS A 79 3.06 -3.71 5.91
N ILE A 80 1.74 -3.60 5.80
CA ILE A 80 0.82 -4.52 6.46
C ILE A 80 0.60 -5.79 5.63
N GLY A 81 1.08 -5.84 4.39
CA GLY A 81 1.10 -7.03 3.56
C GLY A 81 0.63 -6.75 2.13
N GLY A 82 0.37 -7.86 1.42
CA GLY A 82 -0.24 -7.86 0.09
C GLY A 82 -1.74 -8.04 0.20
N CYS A 83 -2.41 -8.43 -0.90
CA CYS A 83 -3.86 -8.34 -1.02
C CYS A 83 -4.52 -9.38 -0.12
N SER A 84 -3.95 -10.58 -0.02
CA SER A 84 -4.57 -11.63 0.77
C SER A 84 -4.53 -11.28 2.25
N ASP A 85 -3.44 -10.64 2.70
CA ASP A 85 -3.29 -10.10 4.05
C ASP A 85 -4.26 -8.93 4.22
N LEU A 86 -4.25 -8.00 3.27
CA LEU A 86 -5.05 -6.78 3.26
C LEU A 86 -6.53 -7.08 3.47
N VAL A 87 -7.07 -8.11 2.82
CA VAL A 87 -8.44 -8.54 2.98
C VAL A 87 -8.68 -8.87 4.46
N SER A 88 -7.81 -9.58 5.17
CA SER A 88 -8.11 -9.99 6.55
C SER A 88 -8.23 -8.71 7.34
N LEU A 89 -7.26 -7.80 7.20
CA LEU A 89 -7.26 -6.58 7.96
C LEU A 89 -8.55 -5.82 7.69
N GLN A 90 -9.00 -5.73 6.43
CA GLN A 90 -10.24 -5.05 6.09
C GLN A 90 -11.44 -5.76 6.74
N GLN A 91 -11.64 -7.05 6.47
CA GLN A 91 -12.81 -7.82 6.87
C GLN A 91 -12.89 -7.98 8.40
N SER A 92 -11.80 -8.43 9.03
CA SER A 92 -11.64 -8.53 10.47
C SER A 92 -11.50 -7.14 11.11
N GLY A 93 -11.39 -6.07 10.33
CA GLY A 93 -11.35 -4.72 10.82
C GLY A 93 -10.04 -4.34 11.51
N GLU A 94 -8.95 -5.13 11.38
CA GLU A 94 -7.66 -4.70 11.92
C GLU A 94 -7.20 -3.39 11.25
N LEU A 95 -7.54 -3.23 9.97
CA LEU A 95 -7.09 -2.16 9.11
C LEU A 95 -7.55 -0.82 9.67
N LEU A 96 -8.76 -0.78 10.21
CA LEU A 96 -9.36 0.45 10.71
C LEU A 96 -8.60 0.96 11.92
N THR A 97 -8.10 0.09 12.81
CA THR A 97 -7.22 0.52 13.88
C THR A 97 -5.90 1.03 13.29
N ARG A 98 -5.29 0.26 12.38
CA ARG A 98 -4.02 0.60 11.73
C ARG A 98 -4.09 2.00 11.12
N LEU A 99 -5.13 2.26 10.34
CA LEU A 99 -5.43 3.53 9.72
C LEU A 99 -5.63 4.60 10.79
N LYS A 100 -6.42 4.34 11.81
CA LYS A 100 -6.64 5.34 12.86
C LYS A 100 -5.35 5.70 13.57
N GLN A 101 -4.43 4.75 13.77
CA GLN A 101 -3.12 4.98 14.35
C GLN A 101 -2.38 6.10 13.59
N ILE A 102 -2.58 6.24 12.27
CA ILE A 102 -1.86 7.22 11.46
C ILE A 102 -2.69 8.48 11.15
N GLY A 103 -3.89 8.65 11.71
CA GLY A 103 -4.70 9.85 11.51
C GLY A 103 -5.46 9.85 10.19
N ALA A 104 -6.01 8.69 9.81
CA ALA A 104 -6.75 8.46 8.59
C ALA A 104 -8.23 8.80 8.73
N LEU A 105 -9.02 7.97 9.42
CA LEU A 105 -10.48 7.89 9.33
C LEU A 105 -11.22 9.21 9.51
N GLN A 106 -10.54 10.11 10.20
CA GLN A 106 -10.93 11.43 10.68
C GLN A 106 -12.43 11.45 11.03
N ALA A 2 15.78 0.18 -6.95
CA ALA A 2 14.82 1.29 -6.91
C ALA A 2 14.45 1.65 -5.46
N GLN A 3 15.40 2.26 -4.74
CA GLN A 3 15.35 2.44 -3.30
C GLN A 3 14.33 3.51 -2.91
N GLU A 4 14.60 4.77 -3.27
CA GLU A 4 13.81 5.91 -2.79
C GLU A 4 12.44 5.95 -3.46
N PHE A 5 12.28 5.33 -4.64
CA PHE A 5 10.99 5.23 -5.31
C PHE A 5 9.95 4.60 -4.37
N VAL A 6 10.37 3.69 -3.49
CA VAL A 6 9.57 3.23 -2.38
C VAL A 6 9.84 4.11 -1.15
N ASN A 7 11.08 4.15 -0.64
CA ASN A 7 11.37 4.64 0.71
C ASN A 7 11.01 6.12 0.91
N CYS A 8 11.03 6.95 -0.15
CA CYS A 8 10.67 8.35 -0.09
C CYS A 8 9.15 8.54 -0.30
N LYS A 9 8.46 7.61 -0.96
CA LYS A 9 7.03 7.73 -1.23
C LYS A 9 6.21 7.51 0.03
N ILE A 10 6.59 6.58 0.90
CA ILE A 10 5.87 6.37 2.15
C ILE A 10 6.36 7.40 3.15
N GLN A 11 5.50 7.82 4.07
CA GLN A 11 5.86 8.62 5.23
C GLN A 11 4.88 8.29 6.38
N PRO A 12 5.23 8.57 7.64
CA PRO A 12 4.39 8.26 8.79
C PRO A 12 3.25 9.28 8.85
N GLY A 13 2.03 8.83 8.60
CA GLY A 13 0.84 9.64 8.49
C GLY A 13 0.26 9.70 7.07
N LYS A 14 0.75 8.89 6.13
CA LYS A 14 0.16 8.64 4.81
C LYS A 14 -0.09 7.16 4.64
N VAL A 15 -0.87 6.79 3.63
CA VAL A 15 -1.21 5.42 3.30
C VAL A 15 -0.80 5.20 1.86
N VAL A 16 0.22 4.41 1.60
CA VAL A 16 0.82 4.30 0.29
C VAL A 16 0.70 2.85 -0.16
N VAL A 17 0.38 2.61 -1.43
CA VAL A 17 0.21 1.27 -1.96
C VAL A 17 0.96 1.20 -3.27
N PHE A 18 2.03 0.42 -3.32
CA PHE A 18 2.77 0.20 -4.55
C PHE A 18 1.96 -0.80 -5.37
N ILE A 19 1.53 -0.41 -6.57
CA ILE A 19 0.67 -1.20 -7.45
C ILE A 19 1.10 -1.09 -8.89
N LYS A 20 0.65 -2.04 -9.71
CA LYS A 20 0.75 -1.99 -11.18
C LYS A 20 -0.69 -2.06 -11.71
N PRO A 21 -1.03 -1.33 -12.77
CA PRO A 21 -2.36 -1.40 -13.35
C PRO A 21 -2.58 -2.75 -14.06
N THR A 22 -1.51 -3.46 -14.41
CA THR A 22 -1.49 -4.74 -15.07
C THR A 22 -1.61 -5.91 -14.07
N CYS A 23 -2.23 -5.65 -12.91
CA CYS A 23 -2.64 -6.61 -11.89
C CYS A 23 -4.12 -6.33 -11.51
N PRO A 24 -4.98 -7.36 -11.41
CA PRO A 24 -6.34 -7.21 -10.90
C PRO A 24 -6.38 -7.05 -9.38
N TYR A 25 -5.37 -7.57 -8.65
CA TYR A 25 -5.36 -7.49 -7.19
C TYR A 25 -5.01 -6.07 -6.81
N CYS A 26 -4.24 -5.35 -7.64
CA CYS A 26 -3.99 -3.94 -7.44
C CYS A 26 -5.32 -3.17 -7.51
N ARG A 27 -6.15 -3.42 -8.53
CA ARG A 27 -7.48 -2.79 -8.61
C ARG A 27 -8.31 -3.15 -7.38
N ARG A 28 -8.26 -4.42 -6.94
CA ARG A 28 -8.92 -4.85 -5.71
C ARG A 28 -8.47 -3.98 -4.55
N ALA A 29 -7.18 -3.93 -4.28
CA ALA A 29 -6.64 -3.20 -3.14
C ALA A 29 -7.10 -1.75 -3.16
N GLN A 30 -7.15 -1.10 -4.33
CA GLN A 30 -7.72 0.22 -4.47
C GLN A 30 -9.15 0.30 -3.99
N GLU A 31 -10.04 -0.56 -4.49
CA GLU A 31 -11.46 -0.43 -4.14
C GLU A 31 -11.65 -0.82 -2.67
N ILE A 32 -10.98 -1.88 -2.23
CA ILE A 32 -10.95 -2.36 -0.86
C ILE A 32 -10.57 -1.21 0.08
N LEU A 33 -9.47 -0.52 -0.20
CA LEU A 33 -8.97 0.50 0.71
C LEU A 33 -9.84 1.74 0.55
N SER A 34 -10.07 2.18 -0.70
CA SER A 34 -10.69 3.47 -0.97
C SER A 34 -12.18 3.50 -0.59
N GLN A 35 -12.80 2.35 -0.33
CA GLN A 35 -14.18 2.28 0.15
C GLN A 35 -14.29 2.73 1.60
N LEU A 36 -13.20 2.65 2.38
CA LEU A 36 -13.19 3.24 3.71
C LEU A 36 -13.07 4.75 3.56
N PRO A 37 -13.62 5.55 4.50
CA PRO A 37 -13.26 6.94 4.61
C PRO A 37 -11.83 6.99 5.12
N ILE A 38 -10.89 7.49 4.30
CA ILE A 38 -9.51 7.71 4.75
C ILE A 38 -9.25 9.17 4.42
N LYS A 39 -8.59 9.88 5.34
CA LYS A 39 -8.42 11.32 5.32
C LYS A 39 -7.99 11.76 3.94
N GLN A 40 -8.74 12.67 3.32
CA GLN A 40 -8.66 12.88 1.88
C GLN A 40 -7.23 13.27 1.51
N GLY A 41 -6.62 12.49 0.62
CA GLY A 41 -5.25 12.65 0.17
C GLY A 41 -4.26 11.69 0.84
N LEU A 42 -4.62 10.98 1.92
CA LEU A 42 -3.65 10.09 2.55
C LEU A 42 -3.45 8.85 1.70
N LEU A 43 -4.43 8.40 0.91
CA LEU A 43 -4.25 7.19 0.13
C LEU A 43 -3.54 7.56 -1.16
N GLU A 44 -2.36 6.98 -1.42
CA GLU A 44 -1.58 7.22 -2.62
C GLU A 44 -1.15 5.87 -3.22
N PHE A 45 -1.82 5.49 -4.30
CA PHE A 45 -1.56 4.28 -5.04
C PHE A 45 -0.43 4.59 -6.03
N VAL A 46 0.81 4.21 -5.71
CA VAL A 46 1.99 4.53 -6.48
C VAL A 46 2.08 3.51 -7.60
N ASP A 47 1.80 3.96 -8.83
CA ASP A 47 1.91 3.15 -10.02
C ASP A 47 3.39 2.85 -10.28
N ILE A 48 3.81 1.63 -9.98
CA ILE A 48 5.19 1.19 -10.14
C ILE A 48 5.58 1.09 -11.63
N THR A 49 4.61 1.02 -12.54
CA THR A 49 4.86 0.94 -13.97
C THR A 49 5.09 2.33 -14.58
N ALA A 50 5.21 3.38 -13.75
CA ALA A 50 5.41 4.75 -14.19
C ALA A 50 6.68 4.95 -15.03
N THR A 51 7.68 4.06 -14.94
CA THR A 51 8.71 3.96 -15.97
C THR A 51 8.88 2.47 -16.31
N ASN A 52 9.97 1.84 -15.87
CA ASN A 52 10.19 0.39 -15.84
C ASN A 52 10.78 -0.02 -14.48
N HIS A 53 10.97 0.92 -13.55
CA HIS A 53 11.46 0.63 -12.20
C HIS A 53 10.49 -0.27 -11.41
N THR A 54 9.33 -0.63 -11.96
CA THR A 54 8.37 -1.60 -11.42
C THR A 54 9.13 -2.80 -10.90
N ASN A 55 9.81 -3.50 -11.80
CA ASN A 55 10.46 -4.79 -11.54
C ASN A 55 11.38 -4.67 -10.34
N GLU A 56 12.14 -3.57 -10.27
CA GLU A 56 13.03 -3.27 -9.16
C GLU A 56 12.27 -2.87 -7.90
N ILE A 57 11.13 -2.16 -7.99
CA ILE A 57 10.35 -1.66 -6.87
C ILE A 57 9.76 -2.87 -6.16
N GLN A 58 9.09 -3.76 -6.90
CA GLN A 58 8.55 -4.99 -6.33
C GLN A 58 9.63 -5.75 -5.58
N ASP A 59 10.69 -6.05 -6.30
CA ASP A 59 11.86 -6.73 -5.75
C ASP A 59 12.39 -6.04 -4.49
N TYR A 60 12.45 -4.70 -4.47
CA TYR A 60 12.86 -3.94 -3.30
C TYR A 60 11.89 -4.19 -2.14
N LEU A 61 10.58 -4.21 -2.40
CA LEU A 61 9.58 -4.46 -1.38
C LEU A 61 9.77 -5.84 -0.75
N GLN A 62 10.32 -6.84 -1.44
CA GLN A 62 10.67 -8.11 -0.80
C GLN A 62 11.72 -7.87 0.26
N GLN A 63 12.85 -7.28 -0.14
CA GLN A 63 13.97 -7.00 0.76
C GLN A 63 13.48 -6.18 1.95
N LEU A 64 12.74 -5.11 1.68
CA LEU A 64 12.32 -4.10 2.63
C LEU A 64 11.15 -4.61 3.52
N THR A 65 10.28 -5.51 3.05
CA THR A 65 9.04 -5.87 3.77
C THR A 65 8.83 -7.36 4.05
N GLY A 66 9.34 -8.27 3.23
CA GLY A 66 9.14 -9.70 3.36
C GLY A 66 8.44 -10.34 2.16
N ALA A 67 8.01 -9.59 1.13
CA ALA A 67 7.50 -10.15 -0.13
C ALA A 67 7.46 -9.07 -1.21
N ARG A 68 7.60 -9.47 -2.48
CA ARG A 68 7.59 -8.55 -3.64
C ARG A 68 6.23 -8.46 -4.30
N THR A 69 5.28 -9.30 -3.91
CA THR A 69 3.98 -9.31 -4.53
C THR A 69 3.31 -7.97 -4.26
N VAL A 70 2.75 -7.42 -5.32
CA VAL A 70 1.96 -6.21 -5.35
C VAL A 70 0.52 -6.65 -5.58
N PRO A 71 -0.51 -5.97 -5.04
CA PRO A 71 -0.43 -4.73 -4.26
C PRO A 71 0.28 -4.95 -2.93
N ARG A 72 0.86 -3.88 -2.39
CA ARG A 72 1.62 -3.93 -1.15
C ARG A 72 1.30 -2.69 -0.36
N VAL A 73 0.51 -2.84 0.72
CA VAL A 73 -0.01 -1.72 1.48
C VAL A 73 1.00 -1.33 2.55
N PHE A 74 1.35 -0.04 2.57
CA PHE A 74 2.25 0.62 3.48
C PHE A 74 1.42 1.68 4.22
N ILE A 75 0.89 1.35 5.38
CA ILE A 75 0.21 2.30 6.25
C ILE A 75 1.33 2.94 7.10
N GLY A 76 1.48 4.26 7.04
CA GLY A 76 2.34 5.03 7.94
C GLY A 76 3.75 4.44 8.09
N LYS A 77 4.49 4.42 6.98
CA LYS A 77 5.80 3.80 6.81
C LYS A 77 5.98 2.37 7.38
N ASP A 78 4.91 1.60 7.62
CA ASP A 78 5.00 0.19 7.94
C ASP A 78 4.11 -0.64 7.01
N CYS A 79 4.64 -1.74 6.47
CA CYS A 79 3.95 -2.59 5.51
C CYS A 79 3.00 -3.55 6.23
N ILE A 80 1.70 -3.52 5.93
CA ILE A 80 0.77 -4.46 6.55
C ILE A 80 0.75 -5.80 5.80
N GLY A 81 1.34 -5.88 4.62
CA GLY A 81 1.36 -7.09 3.78
C GLY A 81 0.83 -6.79 2.39
N GLY A 82 0.49 -7.87 1.66
CA GLY A 82 -0.04 -7.81 0.32
C GLY A 82 -1.56 -7.92 0.31
N CYS A 83 -2.14 -8.39 -0.78
CA CYS A 83 -3.59 -8.45 -0.95
C CYS A 83 -4.23 -9.41 0.04
N SER A 84 -3.61 -10.57 0.27
CA SER A 84 -4.23 -11.56 1.13
C SER A 84 -4.31 -11.06 2.57
N ASP A 85 -3.22 -10.46 3.08
CA ASP A 85 -3.20 -9.78 4.36
C ASP A 85 -4.27 -8.70 4.36
N LEU A 86 -4.19 -7.77 3.40
CA LEU A 86 -5.05 -6.60 3.30
C LEU A 86 -6.53 -6.98 3.39
N VAL A 87 -6.95 -8.05 2.72
CA VAL A 87 -8.31 -8.51 2.77
C VAL A 87 -8.68 -8.88 4.21
N SER A 88 -7.90 -9.69 4.95
CA SER A 88 -8.23 -10.05 6.33
C SER A 88 -8.40 -8.75 7.10
N LEU A 89 -7.37 -7.90 7.01
CA LEU A 89 -7.33 -6.68 7.79
C LEU A 89 -8.57 -5.84 7.47
N GLN A 90 -9.00 -5.73 6.21
CA GLN A 90 -10.08 -4.82 5.85
C GLN A 90 -11.40 -5.43 6.34
N GLN A 91 -11.62 -6.72 6.05
CA GLN A 91 -12.89 -7.39 6.25
C GLN A 91 -13.14 -7.69 7.72
N SER A 92 -12.09 -8.02 8.48
CA SER A 92 -12.15 -8.30 9.91
C SER A 92 -11.83 -7.03 10.73
N GLY A 93 -11.49 -5.92 10.07
CA GLY A 93 -11.37 -4.62 10.71
C GLY A 93 -10.01 -4.33 11.33
N GLU A 94 -9.01 -5.23 11.28
CA GLU A 94 -7.70 -4.93 11.87
C GLU A 94 -7.07 -3.71 11.18
N LEU A 95 -7.32 -3.56 9.87
CA LEU A 95 -6.88 -2.44 9.05
C LEU A 95 -7.33 -1.13 9.66
N LEU A 96 -8.54 -1.09 10.23
CA LEU A 96 -9.17 0.15 10.63
C LEU A 96 -8.44 0.73 11.82
N THR A 97 -8.19 -0.11 12.83
CA THR A 97 -7.36 0.22 13.98
C THR A 97 -5.98 0.68 13.49
N ARG A 98 -5.36 -0.12 12.61
CA ARG A 98 -4.01 0.16 12.13
C ARG A 98 -3.93 1.52 11.44
N LEU A 99 -4.90 1.88 10.58
CA LEU A 99 -4.99 3.20 9.98
C LEU A 99 -5.30 4.29 10.98
N LYS A 100 -6.32 4.15 11.83
CA LYS A 100 -6.80 5.34 12.54
C LYS A 100 -5.73 5.93 13.45
N GLN A 101 -4.84 5.07 13.94
CA GLN A 101 -3.62 5.43 14.63
C GLN A 101 -2.82 6.53 13.90
N ILE A 102 -2.74 6.51 12.57
CA ILE A 102 -1.97 7.47 11.78
C ILE A 102 -2.79 8.72 11.43
N GLY A 103 -4.06 8.79 11.87
CA GLY A 103 -4.93 9.95 11.70
C GLY A 103 -5.59 9.94 10.34
N ALA A 104 -6.28 8.84 10.03
CA ALA A 104 -6.77 8.47 8.71
C ALA A 104 -8.28 8.45 8.66
N LEU A 105 -8.95 7.43 9.21
CA LEU A 105 -10.39 7.43 9.21
C LEU A 105 -10.81 8.60 10.09
N GLN A 106 -11.76 9.38 9.60
CA GLN A 106 -12.19 10.63 10.22
C GLN A 106 -13.29 10.32 11.22
N ALA A 2 16.42 1.59 -7.42
CA ALA A 2 15.19 2.38 -7.23
C ALA A 2 14.87 2.65 -5.75
N GLN A 3 15.86 2.71 -4.86
CA GLN A 3 15.68 2.72 -3.41
C GLN A 3 15.45 4.16 -2.91
N GLU A 4 14.55 4.88 -3.57
CA GLU A 4 14.30 6.30 -3.36
C GLU A 4 12.97 6.67 -3.98
N PHE A 5 12.66 6.19 -5.20
CA PHE A 5 11.32 6.30 -5.78
C PHE A 5 10.26 5.80 -4.78
N VAL A 6 10.43 4.56 -4.30
CA VAL A 6 9.62 3.98 -3.24
C VAL A 6 9.82 4.76 -1.94
N ASN A 7 11.07 5.04 -1.57
CA ASN A 7 11.39 5.48 -0.21
C ASN A 7 10.77 6.84 0.09
N CYS A 8 10.88 7.78 -0.86
CA CYS A 8 10.31 9.11 -0.80
C CYS A 8 8.78 9.08 -0.86
N LYS A 9 8.14 8.04 -1.40
CA LYS A 9 6.69 8.00 -1.44
C LYS A 9 6.13 7.82 -0.05
N ILE A 10 6.69 6.91 0.75
CA ILE A 10 6.09 6.58 2.03
C ILE A 10 6.47 7.68 3.03
N GLN A 11 5.50 8.13 3.82
CA GLN A 11 5.74 9.01 4.96
C GLN A 11 5.25 8.31 6.22
N PRO A 12 5.82 8.63 7.40
CA PRO A 12 5.28 8.23 8.69
C PRO A 12 4.01 9.05 8.99
N GLY A 13 2.89 8.62 8.39
CA GLY A 13 1.56 9.19 8.59
C GLY A 13 0.68 9.23 7.33
N LYS A 14 0.99 8.47 6.28
CA LYS A 14 0.23 8.46 5.03
C LYS A 14 -0.04 7.01 4.65
N VAL A 15 -0.87 6.79 3.63
CA VAL A 15 -1.22 5.49 3.14
C VAL A 15 -0.69 5.36 1.71
N VAL A 16 0.32 4.53 1.49
CA VAL A 16 1.05 4.49 0.25
C VAL A 16 1.05 3.05 -0.24
N VAL A 17 0.62 2.84 -1.46
CA VAL A 17 0.35 1.50 -1.97
C VAL A 17 1.06 1.36 -3.30
N PHE A 18 2.07 0.50 -3.37
CA PHE A 18 2.83 0.30 -4.60
C PHE A 18 2.06 -0.68 -5.48
N ILE A 19 1.67 -0.26 -6.69
CA ILE A 19 0.75 -0.98 -7.57
C ILE A 19 1.30 -1.06 -8.98
N LYS A 20 0.73 -1.94 -9.80
CA LYS A 20 0.91 -1.95 -11.24
C LYS A 20 -0.50 -1.85 -11.85
N PRO A 21 -0.68 -1.07 -12.93
CA PRO A 21 -2.00 -0.79 -13.47
C PRO A 21 -2.58 -2.00 -14.22
N THR A 22 -1.77 -3.03 -14.47
CA THR A 22 -2.06 -4.22 -15.24
C THR A 22 -2.88 -5.26 -14.48
N CYS A 23 -2.92 -5.19 -13.15
CA CYS A 23 -3.27 -6.34 -12.32
C CYS A 23 -4.48 -6.14 -11.40
N PRO A 24 -5.38 -7.13 -11.34
CA PRO A 24 -6.64 -7.02 -10.61
C PRO A 24 -6.43 -7.08 -9.10
N TYR A 25 -5.26 -7.50 -8.60
CA TYR A 25 -5.00 -7.56 -7.17
C TYR A 25 -4.80 -6.14 -6.65
N CYS A 26 -4.19 -5.27 -7.47
CA CYS A 26 -4.11 -3.85 -7.16
C CYS A 26 -5.52 -3.26 -7.20
N ARG A 27 -6.31 -3.57 -8.24
CA ARG A 27 -7.70 -3.13 -8.37
C ARG A 27 -8.55 -3.45 -7.14
N ARG A 28 -8.54 -4.70 -6.63
CA ARG A 28 -9.29 -5.02 -5.41
C ARG A 28 -8.84 -4.12 -4.29
N ALA A 29 -7.55 -4.15 -4.00
CA ALA A 29 -7.00 -3.40 -2.89
C ALA A 29 -7.35 -1.92 -2.99
N GLN A 30 -7.40 -1.34 -4.20
CA GLN A 30 -7.84 0.01 -4.44
C GLN A 30 -9.23 0.27 -3.90
N GLU A 31 -10.21 -0.55 -4.28
CA GLU A 31 -11.57 -0.29 -3.83
C GLU A 31 -11.62 -0.49 -2.33
N ILE A 32 -11.14 -1.65 -1.87
CA ILE A 32 -11.09 -2.08 -0.48
C ILE A 32 -10.54 -0.95 0.37
N LEU A 33 -9.37 -0.41 0.01
CA LEU A 33 -8.76 0.60 0.83
C LEU A 33 -9.58 1.87 0.71
N SER A 34 -9.94 2.26 -0.53
CA SER A 34 -10.63 3.53 -0.71
C SER A 34 -12.01 3.59 -0.02
N GLN A 35 -12.64 2.45 0.31
CA GLN A 35 -14.02 2.46 0.82
C GLN A 35 -14.05 2.99 2.24
N LEU A 36 -13.00 2.72 3.02
CA LEU A 36 -12.83 3.29 4.35
C LEU A 36 -12.65 4.81 4.17
N PRO A 37 -13.30 5.66 4.97
CA PRO A 37 -13.26 7.12 4.82
C PRO A 37 -11.92 7.67 5.34
N ILE A 38 -10.85 7.51 4.55
CA ILE A 38 -9.48 7.76 4.98
C ILE A 38 -9.27 9.24 4.68
N LYS A 39 -8.48 9.95 5.51
CA LYS A 39 -8.31 11.40 5.36
C LYS A 39 -7.88 11.68 3.93
N GLN A 40 -8.64 12.53 3.23
CA GLN A 40 -8.45 12.69 1.80
C GLN A 40 -7.10 13.33 1.54
N GLY A 41 -6.26 12.66 0.75
CA GLY A 41 -4.89 13.06 0.45
C GLY A 41 -3.88 12.17 1.18
N LEU A 42 -4.30 11.29 2.09
CA LEU A 42 -3.39 10.33 2.65
C LEU A 42 -3.12 9.17 1.70
N LEU A 43 -4.10 8.75 0.89
CA LEU A 43 -4.02 7.53 0.08
C LEU A 43 -3.38 7.86 -1.27
N GLU A 44 -2.25 7.22 -1.61
CA GLU A 44 -1.68 7.24 -2.95
C GLU A 44 -1.40 5.82 -3.41
N PHE A 45 -1.86 5.50 -4.62
CA PHE A 45 -1.60 4.24 -5.31
C PHE A 45 -0.51 4.53 -6.35
N VAL A 46 0.72 4.15 -6.03
CA VAL A 46 1.96 4.52 -6.69
C VAL A 46 2.23 3.51 -7.81
N ASP A 47 2.18 3.96 -9.07
CA ASP A 47 2.43 3.13 -10.22
C ASP A 47 3.92 2.75 -10.30
N ILE A 48 4.26 1.48 -10.06
CA ILE A 48 5.62 0.96 -10.16
C ILE A 48 6.01 0.54 -11.59
N THR A 49 5.25 0.90 -12.62
CA THR A 49 5.53 0.56 -14.01
C THR A 49 5.84 1.80 -14.84
N ALA A 50 5.04 2.86 -14.67
CA ALA A 50 4.91 3.93 -15.64
C ALA A 50 6.22 4.59 -16.02
N THR A 51 7.02 5.02 -15.04
CA THR A 51 8.30 5.69 -15.32
C THR A 51 9.48 5.01 -14.63
N ASN A 52 9.26 3.89 -13.96
CA ASN A 52 10.20 3.23 -13.05
C ASN A 52 10.19 1.71 -13.27
N HIS A 53 10.71 0.94 -12.32
CA HIS A 53 11.18 -0.42 -12.53
C HIS A 53 10.53 -1.32 -11.49
N THR A 54 9.34 -1.81 -11.81
CA THR A 54 8.54 -2.69 -10.97
C THR A 54 9.45 -3.77 -10.43
N ASN A 55 9.99 -4.59 -11.32
CA ASN A 55 10.85 -5.73 -10.99
C ASN A 55 11.89 -5.41 -9.91
N GLU A 56 12.63 -4.30 -10.06
CA GLU A 56 13.56 -3.81 -9.09
C GLU A 56 12.88 -3.48 -7.77
N ILE A 57 11.82 -2.67 -7.82
CA ILE A 57 11.05 -2.24 -6.66
C ILE A 57 10.36 -3.42 -5.96
N GLN A 58 9.96 -4.46 -6.69
CA GLN A 58 9.20 -5.60 -6.19
C GLN A 58 10.15 -6.35 -5.26
N ASP A 59 11.39 -6.53 -5.73
CA ASP A 59 12.54 -7.14 -5.07
C ASP A 59 12.96 -6.31 -3.86
N TYR A 60 13.18 -5.00 -4.06
CA TYR A 60 13.54 -4.05 -3.02
C TYR A 60 12.54 -4.08 -1.86
N LEU A 61 11.24 -4.03 -2.18
CA LEU A 61 10.19 -4.07 -1.18
C LEU A 61 10.17 -5.44 -0.48
N GLN A 62 10.43 -6.55 -1.19
CA GLN A 62 10.59 -7.85 -0.55
C GLN A 62 11.76 -7.82 0.43
N GLN A 63 12.88 -7.25 0.02
CA GLN A 63 14.05 -7.09 0.86
C GLN A 63 13.72 -6.24 2.10
N LEU A 64 12.97 -5.16 1.90
CA LEU A 64 12.73 -4.13 2.92
C LEU A 64 11.70 -4.65 3.94
N THR A 65 10.78 -5.54 3.54
CA THR A 65 9.76 -6.09 4.42
C THR A 65 9.83 -7.62 4.37
N GLY A 66 9.33 -8.25 3.31
CA GLY A 66 9.38 -9.71 3.16
C GLY A 66 8.56 -10.32 2.02
N ALA A 67 7.70 -9.57 1.30
CA ALA A 67 6.94 -10.11 0.16
C ALA A 67 7.20 -9.30 -1.11
N ARG A 68 7.20 -9.97 -2.27
CA ARG A 68 7.39 -9.38 -3.59
C ARG A 68 6.08 -9.04 -4.27
N THR A 69 5.00 -9.78 -3.96
CA THR A 69 3.72 -9.65 -4.65
C THR A 69 3.21 -8.23 -4.45
N VAL A 70 2.74 -7.59 -5.51
CA VAL A 70 2.03 -6.33 -5.43
C VAL A 70 0.54 -6.63 -5.17
N PRO A 71 -0.23 -5.66 -4.64
CA PRO A 71 0.25 -4.42 -4.05
C PRO A 71 1.09 -4.67 -2.79
N ARG A 72 1.76 -3.63 -2.26
CA ARG A 72 2.21 -3.59 -0.88
C ARG A 72 1.53 -2.36 -0.31
N VAL A 73 0.60 -2.53 0.62
CA VAL A 73 0.04 -1.39 1.35
C VAL A 73 1.00 -1.07 2.47
N PHE A 74 1.47 0.18 2.50
CA PHE A 74 2.12 0.78 3.65
C PHE A 74 1.11 1.72 4.29
N ILE A 75 0.80 1.49 5.56
CA ILE A 75 0.09 2.45 6.40
C ILE A 75 1.17 2.97 7.37
N GLY A 76 1.45 4.28 7.32
CA GLY A 76 2.36 4.95 8.25
C GLY A 76 3.75 4.33 8.26
N LYS A 77 4.42 4.29 7.09
CA LYS A 77 5.73 3.70 6.86
C LYS A 77 5.97 2.32 7.46
N ASP A 78 4.95 1.49 7.59
CA ASP A 78 5.16 0.05 7.72
C ASP A 78 4.17 -0.67 6.84
N CYS A 79 4.56 -1.85 6.33
CA CYS A 79 3.77 -2.60 5.38
C CYS A 79 2.78 -3.46 6.15
N ILE A 80 1.50 -3.41 5.78
CA ILE A 80 0.50 -4.28 6.36
C ILE A 80 0.48 -5.64 5.66
N GLY A 81 0.92 -5.68 4.39
CA GLY A 81 0.93 -6.86 3.55
C GLY A 81 0.46 -6.54 2.12
N GLY A 82 0.33 -7.60 1.31
CA GLY A 82 -0.26 -7.58 -0.02
C GLY A 82 -1.78 -7.68 0.03
N CYS A 83 -2.46 -7.92 -1.11
CA CYS A 83 -3.91 -7.98 -1.19
C CYS A 83 -4.46 -9.12 -0.36
N SER A 84 -3.79 -10.27 -0.35
CA SER A 84 -4.30 -11.40 0.38
C SER A 84 -4.34 -11.10 1.88
N ASP A 85 -3.31 -10.43 2.39
CA ASP A 85 -3.23 -9.97 3.77
C ASP A 85 -4.26 -8.87 4.00
N LEU A 86 -4.28 -7.85 3.14
CA LEU A 86 -5.16 -6.68 3.21
C LEU A 86 -6.62 -7.09 3.34
N VAL A 87 -7.03 -8.14 2.63
CA VAL A 87 -8.35 -8.70 2.73
C VAL A 87 -8.67 -9.04 4.19
N SER A 88 -7.81 -9.72 4.97
CA SER A 88 -8.10 -10.00 6.37
C SER A 88 -8.28 -8.68 7.10
N LEU A 89 -7.37 -7.73 6.88
CA LEU A 89 -7.42 -6.50 7.63
C LEU A 89 -8.73 -5.76 7.32
N GLN A 90 -9.29 -5.89 6.11
CA GLN A 90 -10.64 -5.39 5.84
C GLN A 90 -11.68 -6.24 6.56
N GLN A 91 -11.66 -7.57 6.40
CA GLN A 91 -12.68 -8.51 6.86
C GLN A 91 -12.82 -8.49 8.37
N SER A 92 -11.70 -8.68 9.07
CA SER A 92 -11.54 -8.56 10.52
C SER A 92 -11.80 -7.11 10.95
N GLY A 93 -11.43 -6.15 10.10
CA GLY A 93 -11.49 -4.73 10.41
C GLY A 93 -10.18 -4.24 11.02
N GLU A 94 -9.09 -5.03 11.04
CA GLU A 94 -7.82 -4.57 11.58
C GLU A 94 -7.35 -3.29 10.87
N LEU A 95 -7.70 -3.17 9.58
CA LEU A 95 -7.34 -2.07 8.71
C LEU A 95 -7.82 -0.75 9.27
N LEU A 96 -8.99 -0.73 9.93
CA LEU A 96 -9.56 0.49 10.48
C LEU A 96 -8.69 1.00 11.62
N THR A 97 -8.36 0.14 12.58
CA THR A 97 -7.48 0.47 13.70
C THR A 97 -6.11 0.88 13.16
N ARG A 98 -5.53 0.09 12.26
CA ARG A 98 -4.26 0.39 11.60
C ARG A 98 -4.27 1.79 11.01
N LEU A 99 -5.32 2.13 10.26
CA LEU A 99 -5.47 3.45 9.65
C LEU A 99 -5.67 4.53 10.71
N LYS A 100 -6.52 4.34 11.70
CA LYS A 100 -6.76 5.38 12.70
C LYS A 100 -5.55 5.65 13.59
N GLN A 101 -4.65 4.68 13.75
CA GLN A 101 -3.34 4.90 14.35
C GLN A 101 -2.62 6.07 13.67
N ILE A 102 -2.74 6.17 12.34
CA ILE A 102 -2.07 7.21 11.54
C ILE A 102 -2.99 8.43 11.32
N GLY A 103 -4.12 8.53 12.01
CA GLY A 103 -5.02 9.67 11.95
C GLY A 103 -5.87 9.71 10.68
N ALA A 104 -6.05 8.58 9.99
CA ALA A 104 -6.71 8.50 8.71
C ALA A 104 -8.19 8.75 8.88
N LEU A 105 -8.92 7.86 9.55
CA LEU A 105 -10.34 7.91 9.40
C LEU A 105 -10.84 9.14 10.13
N GLN A 106 -11.71 9.85 9.45
CA GLN A 106 -12.00 11.25 9.68
C GLN A 106 -13.11 11.36 10.72
N ALA A 2 15.40 -0.92 -6.81
CA ALA A 2 15.57 0.52 -6.71
C ALA A 2 15.24 0.97 -5.29
N GLN A 3 16.26 1.15 -4.46
CA GLN A 3 16.16 1.44 -3.03
C GLN A 3 15.92 2.93 -2.80
N GLU A 4 14.88 3.51 -3.40
CA GLU A 4 14.66 4.94 -3.36
C GLU A 4 13.23 5.26 -3.74
N PHE A 5 12.75 4.82 -4.92
CA PHE A 5 11.45 5.21 -5.44
C PHE A 5 10.35 4.97 -4.40
N VAL A 6 10.34 3.78 -3.79
CA VAL A 6 9.40 3.42 -2.73
C VAL A 6 9.63 4.32 -1.51
N ASN A 7 10.85 4.38 -1.01
CA ASN A 7 11.20 5.07 0.24
C ASN A 7 10.80 6.54 0.18
N CYS A 8 10.97 7.18 -0.98
CA CYS A 8 10.60 8.57 -1.19
C CYS A 8 9.09 8.76 -1.26
N LYS A 9 8.29 7.78 -1.71
CA LYS A 9 6.83 7.94 -1.76
C LYS A 9 6.21 7.80 -0.37
N ILE A 10 6.59 6.79 0.41
CA ILE A 10 5.98 6.60 1.72
C ILE A 10 6.36 7.82 2.58
N GLN A 11 5.47 8.21 3.49
CA GLN A 11 5.69 9.29 4.43
C GLN A 11 4.99 8.88 5.73
N PRO A 12 5.53 9.24 6.92
CA PRO A 12 4.85 8.98 8.17
C PRO A 12 3.52 9.71 8.16
N GLY A 13 2.44 9.00 8.49
CA GLY A 13 1.08 9.52 8.46
C GLY A 13 0.43 9.51 7.09
N LYS A 14 0.97 8.82 6.08
CA LYS A 14 0.32 8.64 4.78
C LYS A 14 0.02 7.17 4.54
N VAL A 15 -0.75 6.87 3.50
CA VAL A 15 -1.17 5.53 3.13
C VAL A 15 -0.76 5.32 1.68
N VAL A 16 0.23 4.46 1.46
CA VAL A 16 0.85 4.28 0.15
C VAL A 16 0.82 2.79 -0.17
N VAL A 17 0.02 2.43 -1.15
CA VAL A 17 0.00 1.11 -1.76
C VAL A 17 0.77 1.22 -3.06
N PHE A 18 1.83 0.44 -3.18
CA PHE A 18 2.52 0.28 -4.45
C PHE A 18 1.73 -0.74 -5.26
N ILE A 19 1.43 -0.38 -6.50
CA ILE A 19 0.54 -1.12 -7.38
C ILE A 19 1.10 -1.14 -8.80
N LYS A 20 0.45 -1.90 -9.67
CA LYS A 20 0.55 -1.77 -11.11
C LYS A 20 -0.85 -1.91 -11.69
N PRO A 21 -1.21 -1.19 -12.76
CA PRO A 21 -2.59 -1.12 -13.21
C PRO A 21 -3.00 -2.40 -13.94
N THR A 22 -2.03 -3.24 -14.33
CA THR A 22 -2.19 -4.50 -15.01
C THR A 22 -2.88 -5.53 -14.11
N CYS A 23 -2.42 -5.68 -12.88
CA CYS A 23 -2.84 -6.71 -11.95
C CYS A 23 -4.24 -6.37 -11.37
N PRO A 24 -5.26 -7.23 -11.52
CA PRO A 24 -6.58 -7.03 -10.92
C PRO A 24 -6.53 -7.11 -9.39
N TYR A 25 -5.42 -7.56 -8.81
CA TYR A 25 -5.20 -7.56 -7.38
C TYR A 25 -4.92 -6.13 -6.90
N CYS A 26 -4.30 -5.30 -7.74
CA CYS A 26 -4.10 -3.90 -7.41
C CYS A 26 -5.45 -3.17 -7.51
N ARG A 27 -6.26 -3.53 -8.51
CA ARG A 27 -7.64 -3.07 -8.63
C ARG A 27 -8.40 -3.34 -7.33
N ARG A 28 -8.26 -4.56 -6.78
CA ARG A 28 -8.83 -4.91 -5.49
C ARG A 28 -8.36 -3.94 -4.43
N ALA A 29 -7.06 -3.78 -4.25
CA ALA A 29 -6.55 -2.92 -3.19
C ALA A 29 -7.13 -1.50 -3.26
N GLN A 30 -7.33 -0.93 -4.45
CA GLN A 30 -7.99 0.35 -4.61
C GLN A 30 -9.40 0.38 -4.04
N GLU A 31 -10.23 -0.60 -4.35
CA GLU A 31 -11.61 -0.59 -3.88
C GLU A 31 -11.64 -0.94 -2.40
N ILE A 32 -10.87 -1.95 -2.01
CA ILE A 32 -10.70 -2.37 -0.63
C ILE A 32 -10.37 -1.19 0.26
N LEU A 33 -9.32 -0.45 -0.11
CA LEU A 33 -8.85 0.61 0.76
C LEU A 33 -9.69 1.85 0.57
N SER A 34 -10.07 2.24 -0.66
CA SER A 34 -10.79 3.50 -0.79
C SER A 34 -12.22 3.42 -0.24
N GLN A 35 -12.80 2.23 -0.05
CA GLN A 35 -14.08 2.07 0.63
C GLN A 35 -13.95 2.26 2.14
N LEU A 36 -12.74 2.33 2.69
CA LEU A 36 -12.49 2.85 4.02
C LEU A 36 -12.31 4.37 3.86
N PRO A 37 -12.95 5.22 4.68
CA PRO A 37 -12.97 6.66 4.46
C PRO A 37 -11.70 7.35 4.97
N ILE A 38 -10.53 7.02 4.40
CA ILE A 38 -9.23 7.55 4.80
C ILE A 38 -9.25 9.06 4.52
N LYS A 39 -8.54 9.84 5.34
CA LYS A 39 -8.49 11.28 5.20
C LYS A 39 -8.02 11.63 3.79
N GLN A 40 -8.83 12.42 3.07
CA GLN A 40 -8.57 12.73 1.67
C GLN A 40 -7.24 13.47 1.58
N GLY A 41 -6.24 12.84 0.95
CA GLY A 41 -4.88 13.35 0.85
C GLY A 41 -3.87 12.40 1.47
N LEU A 42 -4.29 11.39 2.24
CA LEU A 42 -3.38 10.40 2.78
C LEU A 42 -3.16 9.24 1.80
N LEU A 43 -4.23 8.78 1.11
CA LEU A 43 -4.23 7.54 0.34
C LEU A 43 -3.73 7.81 -1.08
N GLU A 44 -2.60 7.23 -1.50
CA GLU A 44 -1.98 7.52 -2.79
C GLU A 44 -1.49 6.22 -3.42
N PHE A 45 -2.18 5.73 -4.46
CA PHE A 45 -1.93 4.44 -5.10
C PHE A 45 -0.83 4.64 -6.14
N VAL A 46 0.38 4.18 -5.85
CA VAL A 46 1.58 4.48 -6.63
C VAL A 46 1.76 3.37 -7.65
N ASP A 47 1.56 3.69 -8.92
CA ASP A 47 2.07 2.85 -10.01
C ASP A 47 3.59 2.78 -10.01
N ILE A 48 4.12 1.55 -10.04
CA ILE A 48 5.54 1.28 -10.22
C ILE A 48 5.90 1.05 -11.69
N THR A 49 4.94 1.06 -12.63
CA THR A 49 5.21 0.86 -14.06
C THR A 49 5.43 2.21 -14.78
N ALA A 50 4.65 3.25 -14.45
CA ALA A 50 4.64 4.56 -15.10
C ALA A 50 6.01 5.26 -15.04
N THR A 51 6.78 5.00 -13.98
CA THR A 51 8.11 5.51 -13.76
C THR A 51 8.90 4.44 -13.03
N ASN A 52 10.22 4.57 -13.07
CA ASN A 52 11.16 3.69 -12.39
C ASN A 52 10.97 2.24 -12.86
N HIS A 53 11.49 1.27 -12.12
CA HIS A 53 11.80 -0.06 -12.58
C HIS A 53 10.94 -0.99 -11.76
N THR A 54 9.67 -1.15 -12.13
CA THR A 54 8.66 -1.96 -11.42
C THR A 54 9.29 -3.22 -10.86
N ASN A 55 9.77 -4.09 -11.76
CA ASN A 55 10.32 -5.40 -11.40
C ASN A 55 11.37 -5.27 -10.30
N GLU A 56 12.22 -4.26 -10.36
CA GLU A 56 13.27 -3.94 -9.41
C GLU A 56 12.80 -3.13 -8.19
N ILE A 57 11.59 -2.60 -8.21
CA ILE A 57 10.93 -1.96 -7.08
C ILE A 57 10.24 -3.04 -6.25
N GLN A 58 9.50 -3.94 -6.91
CA GLN A 58 8.72 -4.95 -6.22
C GLN A 58 9.61 -5.99 -5.59
N ASP A 59 10.64 -6.38 -6.33
CA ASP A 59 11.75 -7.14 -5.77
C ASP A 59 12.43 -6.41 -4.60
N TYR A 60 12.56 -5.08 -4.65
CA TYR A 60 12.98 -4.30 -3.48
C TYR A 60 11.95 -4.33 -2.35
N LEU A 61 10.64 -4.38 -2.63
CA LEU A 61 9.63 -4.61 -1.59
C LEU A 61 9.81 -5.99 -0.98
N GLN A 62 10.33 -6.99 -1.69
CA GLN A 62 10.70 -8.26 -1.06
C GLN A 62 11.75 -8.02 0.03
N GLN A 63 12.68 -7.12 -0.20
CA GLN A 63 13.74 -6.79 0.73
C GLN A 63 13.15 -5.97 1.89
N LEU A 64 12.50 -4.85 1.60
CA LEU A 64 12.05 -3.86 2.60
C LEU A 64 10.81 -4.33 3.38
N THR A 65 9.97 -5.20 2.81
CA THR A 65 8.68 -5.59 3.40
C THR A 65 8.58 -7.11 3.61
N GLY A 66 9.13 -7.91 2.70
CA GLY A 66 9.34 -9.34 2.89
C GLY A 66 8.84 -10.20 1.72
N ALA A 67 7.99 -9.69 0.83
CA ALA A 67 7.55 -10.42 -0.35
C ALA A 67 7.43 -9.47 -1.54
N ARG A 68 7.68 -9.96 -2.76
CA ARG A 68 7.68 -9.10 -3.95
C ARG A 68 6.28 -8.80 -4.47
N THR A 69 5.25 -9.49 -3.99
CA THR A 69 3.88 -9.36 -4.46
C THR A 69 3.43 -7.91 -4.41
N VAL A 70 2.64 -7.51 -5.40
CA VAL A 70 1.83 -6.31 -5.43
C VAL A 70 0.37 -6.76 -5.41
N PRO A 71 -0.58 -5.98 -4.85
CA PRO A 71 -0.37 -4.71 -4.17
C PRO A 71 0.46 -4.89 -2.90
N ARG A 72 0.98 -3.80 -2.33
CA ARG A 72 1.73 -3.83 -1.08
C ARG A 72 1.38 -2.59 -0.28
N VAL A 73 0.64 -2.74 0.82
CA VAL A 73 0.11 -1.62 1.59
C VAL A 73 1.13 -1.17 2.63
N PHE A 74 1.45 0.11 2.62
CA PHE A 74 2.05 0.83 3.73
C PHE A 74 0.96 1.68 4.37
N ILE A 75 0.83 1.59 5.70
CA ILE A 75 0.02 2.49 6.50
C ILE A 75 1.04 3.13 7.46
N GLY A 76 1.28 4.44 7.28
CA GLY A 76 2.12 5.25 8.13
C GLY A 76 3.52 4.69 8.33
N LYS A 77 4.34 4.80 7.29
CA LYS A 77 5.69 4.26 7.08
C LYS A 77 5.93 2.79 7.43
N ASP A 78 5.01 2.09 8.07
CA ASP A 78 5.08 0.65 8.25
C ASP A 78 4.35 -0.03 7.09
N CYS A 79 4.58 -1.33 6.89
CA CYS A 79 4.03 -2.12 5.80
C CYS A 79 3.31 -3.33 6.39
N ILE A 80 2.06 -3.56 5.98
CA ILE A 80 1.15 -4.44 6.70
C ILE A 80 0.94 -5.77 6.00
N GLY A 81 1.29 -5.88 4.72
CA GLY A 81 1.02 -7.06 3.91
C GLY A 81 0.80 -6.68 2.45
N GLY A 82 0.58 -7.70 1.63
CA GLY A 82 0.36 -7.60 0.20
C GLY A 82 -1.13 -7.50 -0.09
N CYS A 83 -1.79 -8.65 -0.28
CA CYS A 83 -3.15 -8.75 -0.78
C CYS A 83 -4.03 -9.61 0.12
N SER A 84 -3.71 -10.89 0.29
CA SER A 84 -4.51 -11.79 1.13
C SER A 84 -4.42 -11.34 2.61
N ASP A 85 -3.24 -10.86 3.03
CA ASP A 85 -3.05 -10.29 4.36
C ASP A 85 -3.97 -9.07 4.50
N LEU A 86 -3.83 -8.11 3.57
CA LEU A 86 -4.64 -6.90 3.49
C LEU A 86 -6.14 -7.22 3.57
N VAL A 87 -6.60 -8.23 2.83
CA VAL A 87 -7.97 -8.66 2.80
C VAL A 87 -8.44 -9.00 4.22
N SER A 88 -7.69 -9.76 5.03
CA SER A 88 -8.18 -10.13 6.36
C SER A 88 -8.33 -8.82 7.13
N LEU A 89 -7.28 -7.99 7.10
CA LEU A 89 -7.28 -6.78 7.87
C LEU A 89 -8.47 -5.91 7.45
N GLN A 90 -8.92 -5.90 6.18
CA GLN A 90 -10.13 -5.20 5.82
C GLN A 90 -11.36 -5.92 6.39
N GLN A 91 -11.51 -7.23 6.16
CA GLN A 91 -12.73 -7.98 6.40
C GLN A 91 -13.00 -8.12 7.91
N SER A 92 -11.96 -8.50 8.67
CA SER A 92 -11.91 -8.44 10.14
C SER A 92 -12.03 -7.00 10.62
N GLY A 93 -11.51 -6.06 9.84
CA GLY A 93 -11.48 -4.66 10.16
C GLY A 93 -10.29 -4.30 11.02
N GLU A 94 -9.21 -5.10 11.07
CA GLU A 94 -7.99 -4.64 11.73
C GLU A 94 -7.49 -3.34 11.08
N LEU A 95 -7.54 -3.28 9.74
CA LEU A 95 -7.02 -2.20 8.92
C LEU A 95 -7.62 -0.86 9.35
N LEU A 96 -8.88 -0.85 9.78
CA LEU A 96 -9.56 0.35 10.26
C LEU A 96 -8.87 0.94 11.48
N THR A 97 -8.63 0.16 12.54
CA THR A 97 -7.89 0.66 13.69
C THR A 97 -6.45 1.00 13.29
N ARG A 98 -5.82 0.14 12.48
CA ARG A 98 -4.47 0.34 11.98
C ARG A 98 -4.34 1.70 11.29
N LEU A 99 -5.30 2.07 10.45
CA LEU A 99 -5.43 3.38 9.84
C LEU A 99 -5.68 4.48 10.85
N LYS A 100 -6.58 4.30 11.81
CA LYS A 100 -6.83 5.34 12.79
C LYS A 100 -5.60 5.65 13.64
N GLN A 101 -4.71 4.68 13.82
CA GLN A 101 -3.39 4.89 14.40
C GLN A 101 -2.56 5.95 13.64
N ILE A 102 -2.93 6.34 12.41
CA ILE A 102 -2.25 7.38 11.63
C ILE A 102 -3.17 8.59 11.35
N GLY A 103 -4.33 8.70 12.02
CA GLY A 103 -5.24 9.84 11.88
C GLY A 103 -5.98 9.86 10.54
N ALA A 104 -6.35 8.68 10.03
CA ALA A 104 -6.92 8.48 8.71
C ALA A 104 -8.43 8.58 8.71
N LEU A 105 -9.18 7.68 9.34
CA LEU A 105 -10.60 7.69 9.05
C LEU A 105 -11.20 8.89 9.78
N GLN A 106 -12.03 9.60 9.04
CA GLN A 106 -12.53 10.91 9.40
C GLN A 106 -13.66 10.77 10.38
N ALA A 2 15.24 2.01 -6.50
CA ALA A 2 14.06 1.73 -5.65
C ALA A 2 14.04 2.57 -4.36
N GLN A 3 15.16 2.59 -3.63
CA GLN A 3 15.54 3.26 -2.39
C GLN A 3 15.36 4.79 -2.33
N GLU A 4 14.34 5.32 -3.00
CA GLU A 4 13.95 6.71 -3.01
C GLU A 4 12.53 6.76 -3.57
N PHE A 5 12.30 6.26 -4.78
CA PHE A 5 10.95 6.33 -5.36
C PHE A 5 9.96 5.55 -4.50
N VAL A 6 10.30 4.33 -4.09
CA VAL A 6 9.52 3.64 -3.06
C VAL A 6 9.75 4.37 -1.73
N ASN A 7 11.01 4.45 -1.27
CA ASN A 7 11.30 4.77 0.12
C ASN A 7 10.67 6.09 0.58
N CYS A 8 10.87 7.14 -0.20
CA CYS A 8 10.42 8.48 0.12
C CYS A 8 8.92 8.66 -0.11
N LYS A 9 8.30 7.89 -1.00
CA LYS A 9 6.86 8.02 -1.22
C LYS A 9 6.10 7.56 0.01
N ILE A 10 6.52 6.51 0.71
CA ILE A 10 5.88 6.17 1.95
C ILE A 10 6.38 7.15 3.00
N GLN A 11 5.46 7.72 3.77
CA GLN A 11 5.76 8.58 4.90
C GLN A 11 5.06 8.00 6.14
N PRO A 12 5.54 8.28 7.36
CA PRO A 12 5.02 7.72 8.62
C PRO A 12 3.67 8.29 9.09
N GLY A 13 2.87 8.77 8.13
CA GLY A 13 1.53 9.30 8.35
C GLY A 13 0.74 9.46 7.05
N LYS A 14 1.10 8.76 5.97
CA LYS A 14 0.32 8.69 4.73
C LYS A 14 -0.01 7.21 4.51
N VAL A 15 -0.91 6.91 3.58
CA VAL A 15 -1.26 5.56 3.20
C VAL A 15 -0.85 5.42 1.74
N VAL A 16 0.03 4.51 1.40
CA VAL A 16 0.62 4.46 0.07
C VAL A 16 0.56 3.01 -0.41
N VAL A 17 0.15 2.81 -1.65
CA VAL A 17 0.07 1.47 -2.24
C VAL A 17 0.94 1.44 -3.49
N PHE A 18 1.97 0.59 -3.52
CA PHE A 18 2.72 0.33 -4.74
C PHE A 18 1.93 -0.68 -5.55
N ILE A 19 1.61 -0.35 -6.80
CA ILE A 19 0.65 -1.04 -7.64
C ILE A 19 1.14 -1.17 -9.08
N LYS A 20 0.34 -1.83 -9.90
CA LYS A 20 0.50 -1.92 -11.34
C LYS A 20 -0.83 -1.47 -11.97
N PRO A 21 -0.86 -1.05 -13.24
CA PRO A 21 -1.98 -0.28 -13.81
C PRO A 21 -3.16 -1.14 -14.30
N THR A 22 -3.12 -2.47 -14.13
CA THR A 22 -3.90 -3.40 -14.91
C THR A 22 -4.62 -4.48 -14.10
N CYS A 23 -4.12 -4.83 -12.91
CA CYS A 23 -4.38 -6.07 -12.22
C CYS A 23 -5.74 -6.12 -11.49
N PRO A 24 -6.29 -7.32 -11.24
CA PRO A 24 -7.46 -7.48 -10.39
C PRO A 24 -7.10 -7.21 -8.93
N TYR A 25 -5.84 -7.48 -8.54
CA TYR A 25 -5.41 -7.41 -7.16
C TYR A 25 -5.30 -5.94 -6.76
N CYS A 26 -4.67 -5.11 -7.59
CA CYS A 26 -4.50 -3.70 -7.28
C CYS A 26 -5.88 -3.04 -7.38
N ARG A 27 -6.68 -3.35 -8.43
CA ARG A 27 -8.09 -2.96 -8.53
C ARG A 27 -8.87 -3.27 -7.25
N ARG A 28 -8.72 -4.47 -6.68
CA ARG A 28 -9.35 -4.82 -5.41
C ARG A 28 -8.83 -3.88 -4.32
N ALA A 29 -7.53 -3.91 -4.09
CA ALA A 29 -6.91 -3.20 -2.97
C ALA A 29 -7.27 -1.73 -2.96
N GLN A 30 -7.29 -1.06 -4.11
CA GLN A 30 -7.69 0.32 -4.20
C GLN A 30 -9.08 0.54 -3.73
N GLU A 31 -10.05 -0.26 -4.16
CA GLU A 31 -11.41 -0.14 -3.79
C GLU A 31 -11.57 -0.44 -2.30
N ILE A 32 -11.08 -1.60 -1.87
CA ILE A 32 -11.05 -2.03 -0.48
C ILE A 32 -10.55 -0.90 0.40
N LEU A 33 -9.43 -0.28 0.01
CA LEU A 33 -8.86 0.75 0.84
C LEU A 33 -9.72 2.01 0.71
N SER A 34 -9.99 2.47 -0.53
CA SER A 34 -10.65 3.75 -0.79
C SER A 34 -12.11 3.81 -0.31
N GLN A 35 -12.79 2.68 -0.15
CA GLN A 35 -14.18 2.62 0.32
C GLN A 35 -14.22 2.91 1.83
N LEU A 36 -13.12 2.68 2.57
CA LEU A 36 -12.99 3.16 3.93
C LEU A 36 -12.70 4.67 3.85
N PRO A 37 -13.31 5.50 4.71
CA PRO A 37 -13.20 6.95 4.63
C PRO A 37 -11.87 7.46 5.21
N ILE A 38 -10.75 7.12 4.59
CA ILE A 38 -9.42 7.60 4.98
C ILE A 38 -9.40 9.12 4.73
N LYS A 39 -8.63 9.85 5.52
CA LYS A 39 -8.40 11.27 5.36
C LYS A 39 -7.88 11.55 3.95
N GLN A 40 -8.54 12.41 3.17
CA GLN A 40 -8.13 12.60 1.79
C GLN A 40 -6.73 13.21 1.75
N GLY A 41 -5.99 12.91 0.70
CA GLY A 41 -4.59 13.24 0.58
C GLY A 41 -3.69 12.26 1.31
N LEU A 42 -4.19 11.44 2.25
CA LEU A 42 -3.33 10.45 2.85
C LEU A 42 -3.11 9.30 1.87
N LEU A 43 -4.18 8.82 1.22
CA LEU A 43 -4.15 7.59 0.42
C LEU A 43 -3.63 7.90 -0.99
N GLU A 44 -2.49 7.34 -1.39
CA GLU A 44 -1.92 7.45 -2.72
C GLU A 44 -1.69 6.04 -3.28
N PHE A 45 -1.76 5.91 -4.60
CA PHE A 45 -1.49 4.68 -5.33
C PHE A 45 -0.40 5.00 -6.35
N VAL A 46 0.66 4.19 -6.41
CA VAL A 46 1.95 4.52 -7.00
C VAL A 46 2.34 3.37 -7.93
N ASP A 47 2.15 3.57 -9.23
CA ASP A 47 2.48 2.60 -10.27
C ASP A 47 3.99 2.33 -10.32
N ILE A 48 4.41 1.09 -10.11
CA ILE A 48 5.81 0.67 -10.20
C ILE A 48 6.21 0.21 -11.60
N THR A 49 5.27 0.06 -12.54
CA THR A 49 5.51 -0.47 -13.89
C THR A 49 5.02 0.52 -14.95
N ALA A 50 4.79 1.78 -14.57
CA ALA A 50 4.76 2.86 -15.54
C ALA A 50 6.17 3.05 -16.10
N THR A 51 7.14 3.29 -15.21
CA THR A 51 8.45 3.81 -15.60
C THR A 51 9.59 3.33 -14.69
N ASN A 52 9.39 3.25 -13.36
CA ASN A 52 10.50 3.26 -12.40
C ASN A 52 11.14 1.88 -12.12
N HIS A 53 10.96 0.88 -13.00
CA HIS A 53 11.57 -0.46 -12.88
C HIS A 53 10.93 -1.24 -11.73
N THR A 54 9.76 -1.84 -12.02
CA THR A 54 8.98 -2.67 -11.10
C THR A 54 9.93 -3.69 -10.51
N ASN A 55 10.48 -4.54 -11.37
CA ASN A 55 11.27 -5.71 -10.98
C ASN A 55 12.33 -5.39 -9.92
N GLU A 56 13.08 -4.29 -10.09
CA GLU A 56 14.05 -3.76 -9.16
C GLU A 56 13.41 -3.29 -7.84
N ILE A 57 12.28 -2.59 -7.95
CA ILE A 57 11.47 -2.15 -6.82
C ILE A 57 10.91 -3.37 -6.07
N GLN A 58 10.53 -4.43 -6.76
CA GLN A 58 9.87 -5.61 -6.21
C GLN A 58 10.94 -6.35 -5.39
N ASP A 59 12.16 -6.38 -5.90
CA ASP A 59 13.35 -6.89 -5.22
C ASP A 59 13.62 -6.08 -3.96
N TYR A 60 13.67 -4.75 -4.07
CA TYR A 60 13.80 -3.87 -2.91
C TYR A 60 12.68 -4.08 -1.88
N LEU A 61 11.43 -4.23 -2.32
CA LEU A 61 10.26 -4.44 -1.47
C LEU A 61 10.35 -5.76 -0.71
N GLN A 62 10.92 -6.80 -1.31
CA GLN A 62 11.16 -8.06 -0.61
C GLN A 62 12.03 -7.80 0.61
N GLN A 63 13.10 -7.03 0.45
CA GLN A 63 13.94 -6.67 1.58
C GLN A 63 13.16 -5.79 2.56
N LEU A 64 12.59 -4.67 2.07
CA LEU A 64 12.07 -3.61 2.91
C LEU A 64 10.85 -4.09 3.71
N THR A 65 10.08 -5.05 3.19
CA THR A 65 8.81 -5.48 3.81
C THR A 65 8.78 -6.97 4.16
N GLY A 66 9.53 -7.81 3.45
CA GLY A 66 9.54 -9.25 3.57
C GLY A 66 9.19 -9.92 2.25
N ALA A 67 8.32 -9.33 1.44
CA ALA A 67 7.77 -9.94 0.22
C ALA A 67 7.66 -8.94 -0.93
N ARG A 68 7.61 -9.46 -2.16
CA ARG A 68 7.61 -8.67 -3.39
C ARG A 68 6.22 -8.48 -3.99
N THR A 69 5.19 -9.13 -3.43
CA THR A 69 3.88 -9.20 -4.05
C THR A 69 3.25 -7.81 -4.05
N VAL A 70 2.69 -7.42 -5.19
CA VAL A 70 1.89 -6.21 -5.32
C VAL A 70 0.43 -6.63 -5.26
N PRO A 71 -0.51 -5.76 -4.86
CA PRO A 71 -0.32 -4.43 -4.26
C PRO A 71 0.37 -4.52 -2.89
N ARG A 72 1.40 -3.72 -2.62
CA ARG A 72 2.00 -3.59 -1.29
C ARG A 72 1.29 -2.42 -0.63
N VAL A 73 0.48 -2.65 0.39
CA VAL A 73 -0.08 -1.56 1.18
C VAL A 73 0.93 -1.22 2.26
N PHE A 74 1.30 0.05 2.35
CA PHE A 74 1.90 0.63 3.54
C PHE A 74 0.89 1.60 4.11
N ILE A 75 0.76 1.55 5.43
CA ILE A 75 0.00 2.47 6.25
C ILE A 75 1.09 3.09 7.15
N GLY A 76 1.34 4.38 7.03
CA GLY A 76 2.32 5.15 7.82
C GLY A 76 3.68 4.48 7.93
N LYS A 77 4.47 4.48 6.84
CA LYS A 77 5.73 3.77 6.65
C LYS A 77 5.76 2.30 7.08
N ASP A 78 4.63 1.69 7.42
CA ASP A 78 4.57 0.30 7.87
C ASP A 78 3.79 -0.52 6.85
N CYS A 79 4.45 -1.45 6.16
CA CYS A 79 3.82 -2.37 5.24
C CYS A 79 2.88 -3.29 6.02
N ILE A 80 1.60 -3.34 5.68
CA ILE A 80 0.69 -4.28 6.31
C ILE A 80 0.78 -5.65 5.62
N GLY A 81 1.19 -5.65 4.36
CA GLY A 81 1.32 -6.85 3.55
C GLY A 81 0.73 -6.64 2.16
N GLY A 82 0.43 -7.75 1.48
CA GLY A 82 -0.13 -7.76 0.13
C GLY A 82 -1.64 -7.95 0.17
N CYS A 83 -2.25 -8.36 -0.94
CA CYS A 83 -3.69 -8.28 -1.13
C CYS A 83 -4.39 -9.27 -0.22
N SER A 84 -3.76 -10.42 0.03
CA SER A 84 -4.36 -11.43 0.89
C SER A 84 -4.35 -10.96 2.34
N ASP A 85 -3.28 -10.27 2.74
CA ASP A 85 -3.14 -9.71 4.07
C ASP A 85 -4.21 -8.62 4.19
N LEU A 86 -4.22 -7.68 3.25
CA LEU A 86 -5.13 -6.56 3.19
C LEU A 86 -6.58 -6.98 3.33
N VAL A 87 -7.02 -8.01 2.59
CA VAL A 87 -8.36 -8.53 2.69
C VAL A 87 -8.63 -8.92 4.15
N SER A 88 -7.72 -9.60 4.85
CA SER A 88 -8.02 -10.06 6.20
C SER A 88 -8.16 -8.81 7.06
N LEU A 89 -7.18 -7.90 6.97
CA LEU A 89 -7.21 -6.71 7.78
C LEU A 89 -8.52 -5.96 7.52
N GLN A 90 -9.02 -5.89 6.28
CA GLN A 90 -10.29 -5.26 6.00
C GLN A 90 -11.45 -6.07 6.62
N GLN A 91 -11.59 -7.36 6.29
CA GLN A 91 -12.75 -8.19 6.60
C GLN A 91 -12.84 -8.53 8.10
N SER A 92 -11.70 -8.61 8.79
CA SER A 92 -11.55 -8.78 10.24
C SER A 92 -11.57 -7.43 10.94
N GLY A 93 -11.41 -6.33 10.20
CA GLY A 93 -11.36 -4.98 10.73
C GLY A 93 -9.99 -4.60 11.31
N GLU A 94 -8.93 -5.42 11.19
CA GLU A 94 -7.64 -5.05 11.76
C GLU A 94 -7.08 -3.79 11.05
N LEU A 95 -7.49 -3.56 9.79
CA LEU A 95 -7.14 -2.43 8.95
C LEU A 95 -7.61 -1.12 9.55
N LEU A 96 -8.76 -1.12 10.23
CA LEU A 96 -9.35 0.10 10.76
C LEU A 96 -8.43 0.66 11.83
N THR A 97 -8.00 -0.16 12.79
CA THR A 97 -7.06 0.27 13.81
C THR A 97 -5.74 0.68 13.16
N ARG A 98 -5.20 -0.12 12.23
CA ARG A 98 -3.95 0.17 11.54
C ARG A 98 -4.00 1.56 10.90
N LEU A 99 -5.09 1.88 10.20
CA LEU A 99 -5.28 3.17 9.57
C LEU A 99 -5.48 4.27 10.60
N LYS A 100 -6.41 4.12 11.53
CA LYS A 100 -6.66 5.14 12.56
C LYS A 100 -5.45 5.44 13.41
N GLN A 101 -4.55 4.49 13.60
CA GLN A 101 -3.27 4.74 14.23
C GLN A 101 -2.56 5.92 13.55
N ILE A 102 -2.58 6.01 12.21
CA ILE A 102 -1.86 7.04 11.48
C ILE A 102 -2.73 8.30 11.25
N GLY A 103 -3.95 8.37 11.81
CA GLY A 103 -4.82 9.55 11.72
C GLY A 103 -5.58 9.61 10.39
N ALA A 104 -6.02 8.45 9.90
CA ALA A 104 -6.72 8.29 8.63
C ALA A 104 -8.22 8.46 8.79
N LEU A 105 -8.93 7.54 9.45
CA LEU A 105 -10.36 7.63 9.45
C LEU A 105 -10.69 8.87 10.26
N GLN A 106 -11.59 9.64 9.69
CA GLN A 106 -11.81 11.03 10.00
C GLN A 106 -12.60 11.18 11.29
N ALA A 2 13.13 0.77 -2.89
CA ALA A 2 14.07 1.29 -3.88
C ALA A 2 14.13 2.80 -3.73
N GLN A 3 15.35 3.30 -3.65
CA GLN A 3 15.90 4.63 -3.89
C GLN A 3 15.05 5.83 -3.45
N GLU A 4 13.86 6.02 -4.01
CA GLU A 4 13.08 7.23 -3.88
C GLU A 4 11.64 6.95 -4.28
N PHE A 5 11.43 6.36 -5.45
CA PHE A 5 10.09 6.11 -5.98
C PHE A 5 9.27 5.22 -5.04
N VAL A 6 9.95 4.39 -4.22
CA VAL A 6 9.39 3.81 -3.01
C VAL A 6 9.90 4.59 -1.79
N ASN A 7 11.22 4.68 -1.60
CA ASN A 7 11.80 5.00 -0.29
C ASN A 7 11.53 6.44 0.19
N CYS A 8 11.15 7.36 -0.70
CA CYS A 8 10.74 8.72 -0.37
C CYS A 8 9.20 8.84 -0.43
N LYS A 9 8.54 8.01 -1.22
CA LYS A 9 7.09 8.01 -1.37
C LYS A 9 6.39 7.65 -0.06
N ILE A 10 6.82 6.61 0.65
CA ILE A 10 6.14 6.22 1.89
C ILE A 10 6.28 7.38 2.90
N GLN A 11 5.27 7.66 3.72
CA GLN A 11 5.34 8.71 4.73
C GLN A 11 4.78 8.18 6.06
N PRO A 12 5.41 8.53 7.21
CA PRO A 12 4.87 8.22 8.53
C PRO A 12 3.65 9.11 8.79
N GLY A 13 2.48 8.62 8.40
CA GLY A 13 1.21 9.31 8.48
C GLY A 13 0.46 9.37 7.15
N LYS A 14 0.82 8.53 6.16
CA LYS A 14 0.19 8.39 4.86
C LYS A 14 -0.12 6.94 4.60
N VAL A 15 -1.01 6.66 3.65
CA VAL A 15 -1.36 5.33 3.20
C VAL A 15 -0.83 5.19 1.77
N VAL A 16 0.45 4.89 1.63
CA VAL A 16 1.07 4.76 0.32
C VAL A 16 0.97 3.29 -0.06
N VAL A 17 0.59 3.00 -1.29
CA VAL A 17 0.29 1.65 -1.74
C VAL A 17 0.97 1.46 -3.08
N PHE A 18 1.98 0.61 -3.14
CA PHE A 18 2.65 0.32 -4.40
C PHE A 18 1.77 -0.67 -5.15
N ILE A 19 1.45 -0.35 -6.40
CA ILE A 19 0.50 -1.04 -7.26
C ILE A 19 1.09 -1.15 -8.67
N LYS A 20 0.35 -1.77 -9.58
CA LYS A 20 0.51 -1.60 -11.02
C LYS A 20 -0.90 -1.69 -11.62
N PRO A 21 -1.19 -0.97 -12.72
CA PRO A 21 -2.55 -0.88 -13.25
C PRO A 21 -3.02 -2.20 -13.87
N THR A 22 -2.14 -3.16 -14.14
CA THR A 22 -2.52 -4.45 -14.69
C THR A 22 -3.12 -5.37 -13.62
N CYS A 23 -2.73 -5.22 -12.34
CA CYS A 23 -2.98 -6.21 -11.32
C CYS A 23 -4.45 -6.20 -10.89
N PRO A 24 -5.18 -7.31 -11.02
CA PRO A 24 -6.54 -7.41 -10.50
C PRO A 24 -6.56 -7.46 -8.97
N TYR A 25 -5.43 -7.72 -8.30
CA TYR A 25 -5.38 -7.67 -6.84
C TYR A 25 -5.16 -6.23 -6.40
N CYS A 26 -4.40 -5.43 -7.17
CA CYS A 26 -4.26 -4.01 -6.87
C CYS A 26 -5.65 -3.39 -7.00
N ARG A 27 -6.43 -3.77 -8.01
CA ARG A 27 -7.80 -3.27 -8.18
C ARG A 27 -8.65 -3.48 -6.93
N ARG A 28 -8.55 -4.64 -6.28
CA ARG A 28 -9.25 -4.86 -5.01
C ARG A 28 -8.73 -3.90 -3.98
N ALA A 29 -7.42 -3.90 -3.75
CA ALA A 29 -6.84 -3.05 -2.74
C ALA A 29 -7.25 -1.59 -2.93
N GLN A 30 -7.37 -1.11 -4.17
CA GLN A 30 -7.95 0.18 -4.49
C GLN A 30 -9.40 0.30 -4.04
N GLU A 31 -10.27 -0.67 -4.31
CA GLU A 31 -11.69 -0.53 -3.98
C GLU A 31 -11.86 -0.58 -2.46
N ILE A 32 -11.20 -1.56 -1.83
CA ILE A 32 -11.14 -1.75 -0.41
C ILE A 32 -10.70 -0.44 0.23
N LEU A 33 -9.52 0.06 -0.16
CA LEU A 33 -8.96 1.19 0.54
C LEU A 33 -9.67 2.49 0.16
N SER A 34 -10.15 2.65 -1.09
CA SER A 34 -10.94 3.84 -1.43
C SER A 34 -12.29 3.86 -0.71
N GLN A 35 -12.95 2.72 -0.49
CA GLN A 35 -14.26 2.70 0.18
C GLN A 35 -14.13 2.96 1.68
N LEU A 36 -12.93 2.99 2.27
CA LEU A 36 -12.75 3.45 3.63
C LEU A 36 -12.65 4.99 3.64
N PRO A 37 -13.33 5.69 4.56
CA PRO A 37 -13.38 7.14 4.62
C PRO A 37 -12.13 7.71 5.30
N ILE A 38 -11.01 7.71 4.58
CA ILE A 38 -9.68 8.00 5.12
C ILE A 38 -9.36 9.44 4.71
N LYS A 39 -8.54 10.14 5.51
CA LYS A 39 -8.18 11.53 5.28
C LYS A 39 -7.74 11.73 3.83
N GLN A 40 -8.30 12.76 3.18
CA GLN A 40 -8.05 13.00 1.77
C GLN A 40 -6.55 13.21 1.57
N GLY A 41 -6.02 12.66 0.48
CA GLY A 41 -4.60 12.79 0.16
C GLY A 41 -3.71 11.82 0.93
N LEU A 42 -4.21 11.04 1.91
CA LEU A 42 -3.38 10.01 2.50
C LEU A 42 -3.26 8.81 1.58
N LEU A 43 -4.32 8.43 0.85
CA LEU A 43 -4.31 7.19 0.09
C LEU A 43 -3.65 7.47 -1.25
N GLU A 44 -2.39 7.05 -1.43
CA GLU A 44 -1.60 7.30 -2.63
C GLU A 44 -1.22 5.97 -3.25
N PHE A 45 -1.89 5.60 -4.35
CA PHE A 45 -1.60 4.40 -5.12
C PHE A 45 -0.48 4.75 -6.10
N VAL A 46 0.68 4.09 -5.99
CA VAL A 46 1.93 4.38 -6.69
C VAL A 46 2.24 3.22 -7.64
N ASP A 47 2.12 3.48 -8.93
CA ASP A 47 2.43 2.59 -10.05
C ASP A 47 3.91 2.23 -10.16
N ILE A 48 4.29 1.00 -9.78
CA ILE A 48 5.67 0.50 -9.91
C ILE A 48 6.13 0.44 -11.36
N THR A 49 5.22 0.38 -12.34
CA THR A 49 5.59 0.31 -13.75
C THR A 49 5.51 1.69 -14.41
N ALA A 50 5.19 2.77 -13.67
CA ALA A 50 5.08 4.15 -14.14
C ALA A 50 6.21 4.51 -15.11
N THR A 51 7.42 4.55 -14.59
CA THR A 51 8.65 4.64 -15.37
C THR A 51 9.87 4.17 -14.54
N ASN A 52 9.73 4.08 -13.20
CA ASN A 52 10.84 3.83 -12.29
C ASN A 52 11.70 2.64 -12.71
N HIS A 53 11.06 1.48 -12.84
CA HIS A 53 11.54 0.10 -12.83
C HIS A 53 10.69 -0.64 -11.80
N THR A 54 9.77 -1.46 -12.29
CA THR A 54 8.95 -2.35 -11.48
C THR A 54 9.85 -3.40 -10.83
N ASN A 55 10.49 -4.22 -11.66
CA ASN A 55 11.16 -5.42 -11.15
C ASN A 55 12.28 -5.09 -10.15
N GLU A 56 12.94 -3.94 -10.29
CA GLU A 56 13.91 -3.42 -9.33
C GLU A 56 13.23 -3.11 -7.99
N ILE A 57 12.08 -2.42 -8.02
CA ILE A 57 11.25 -2.19 -6.84
C ILE A 57 10.83 -3.55 -6.25
N GLN A 58 10.53 -4.55 -7.09
CA GLN A 58 9.92 -5.80 -6.67
C GLN A 58 11.00 -6.55 -5.89
N ASP A 59 12.22 -6.64 -6.44
CA ASP A 59 13.41 -7.20 -5.80
C ASP A 59 13.59 -6.61 -4.42
N TYR A 60 13.65 -5.28 -4.44
CA TYR A 60 13.86 -4.46 -3.27
C TYR A 60 12.79 -4.75 -2.22
N LEU A 61 11.51 -4.85 -2.59
CA LEU A 61 10.41 -5.15 -1.66
C LEU A 61 10.61 -6.51 -1.00
N GLN A 62 10.97 -7.53 -1.80
CA GLN A 62 11.20 -8.87 -1.28
C GLN A 62 12.28 -8.87 -0.21
N GLN A 63 13.29 -8.00 -0.33
CA GLN A 63 14.28 -7.78 0.70
C GLN A 63 13.73 -6.92 1.84
N LEU A 64 13.09 -5.81 1.50
CA LEU A 64 12.88 -4.66 2.39
C LEU A 64 11.88 -5.07 3.46
N THR A 65 10.76 -5.69 3.05
CA THR A 65 9.72 -6.13 3.97
C THR A 65 9.87 -7.65 4.16
N GLY A 66 10.08 -8.39 3.06
CA GLY A 66 10.20 -9.84 3.04
C GLY A 66 9.42 -10.50 1.93
N ALA A 67 8.50 -9.79 1.25
CA ALA A 67 7.79 -10.27 0.08
C ALA A 67 7.55 -9.12 -0.86
N ARG A 68 7.29 -9.43 -2.14
CA ARG A 68 7.24 -8.41 -3.17
C ARG A 68 5.91 -8.28 -3.85
N THR A 69 5.09 -9.33 -3.85
CA THR A 69 3.97 -9.36 -4.78
C THR A 69 3.04 -8.22 -4.40
N VAL A 70 2.63 -7.48 -5.42
CA VAL A 70 1.83 -6.27 -5.30
C VAL A 70 0.36 -6.67 -5.19
N PRO A 71 -0.55 -5.80 -4.69
CA PRO A 71 -0.28 -4.49 -4.12
C PRO A 71 0.58 -4.60 -2.86
N ARG A 72 1.26 -3.53 -2.44
CA ARG A 72 1.93 -3.47 -1.14
C ARG A 72 1.36 -2.27 -0.42
N VAL A 73 0.43 -2.49 0.50
CA VAL A 73 -0.08 -1.40 1.32
C VAL A 73 0.94 -1.10 2.40
N PHE A 74 1.36 0.16 2.50
CA PHE A 74 2.15 0.71 3.59
C PHE A 74 1.25 1.72 4.30
N ILE A 75 0.61 1.32 5.40
CA ILE A 75 -0.06 2.27 6.29
C ILE A 75 1.07 2.79 7.20
N GLY A 76 1.28 4.10 7.24
CA GLY A 76 2.25 4.77 8.12
C GLY A 76 3.58 4.04 8.19
N LYS A 77 4.33 4.05 7.09
CA LYS A 77 5.55 3.30 6.82
C LYS A 77 5.60 1.81 7.16
N ASP A 78 4.57 1.22 7.74
CA ASP A 78 4.48 -0.20 8.02
C ASP A 78 3.79 -0.87 6.85
N CYS A 79 4.53 -1.74 6.15
CA CYS A 79 3.94 -2.62 5.17
C CYS A 79 2.98 -3.56 5.89
N ILE A 80 1.69 -3.50 5.57
CA ILE A 80 0.72 -4.43 6.14
C ILE A 80 0.75 -5.73 5.32
N GLY A 81 1.33 -5.67 4.12
CA GLY A 81 1.55 -6.80 3.25
C GLY A 81 0.81 -6.54 1.95
N GLY A 82 0.33 -7.62 1.37
CA GLY A 82 -0.31 -7.60 0.06
C GLY A 82 -1.81 -7.79 0.17
N CYS A 83 -2.39 -8.32 -0.90
CA CYS A 83 -3.82 -8.38 -1.10
C CYS A 83 -4.46 -9.29 -0.07
N SER A 84 -3.82 -10.40 0.28
CA SER A 84 -4.40 -11.36 1.21
C SER A 84 -4.32 -10.86 2.65
N ASP A 85 -3.28 -10.08 2.97
CA ASP A 85 -3.14 -9.44 4.27
C ASP A 85 -4.24 -8.40 4.39
N LEU A 86 -4.32 -7.52 3.38
CA LEU A 86 -5.31 -6.46 3.33
C LEU A 86 -6.73 -7.02 3.42
N VAL A 87 -6.99 -8.20 2.86
CA VAL A 87 -8.26 -8.87 3.00
C VAL A 87 -8.55 -9.15 4.47
N SER A 88 -7.62 -9.72 5.26
CA SER A 88 -7.87 -10.06 6.67
C SER A 88 -8.20 -8.77 7.39
N LEU A 89 -7.30 -7.80 7.27
CA LEU A 89 -7.41 -6.54 7.96
C LEU A 89 -8.72 -5.87 7.55
N GLN A 90 -9.18 -5.99 6.30
CA GLN A 90 -10.48 -5.49 5.92
C GLN A 90 -11.60 -6.32 6.59
N GLN A 91 -11.54 -7.66 6.54
CA GLN A 91 -12.57 -8.60 6.89
C GLN A 91 -12.93 -8.46 8.36
N SER A 92 -11.98 -8.71 9.27
CA SER A 92 -12.21 -8.56 10.70
C SER A 92 -12.11 -7.08 11.10
N GLY A 93 -11.58 -6.23 10.21
CA GLY A 93 -11.56 -4.80 10.41
C GLY A 93 -10.32 -4.31 11.15
N GLU A 94 -9.21 -5.07 11.23
CA GLU A 94 -8.02 -4.52 11.84
C GLU A 94 -7.48 -3.33 11.00
N LEU A 95 -7.80 -3.27 9.70
CA LEU A 95 -7.42 -2.20 8.79
C LEU A 95 -7.82 -0.84 9.35
N LEU A 96 -8.99 -0.76 9.98
CA LEU A 96 -9.55 0.47 10.51
C LEU A 96 -8.65 1.00 11.61
N THR A 97 -8.25 0.13 12.54
CA THR A 97 -7.35 0.45 13.65
C THR A 97 -5.95 0.78 13.14
N ARG A 98 -5.44 -0.02 12.20
CA ARG A 98 -4.16 0.25 11.53
C ARG A 98 -4.17 1.67 10.97
N LEU A 99 -5.25 2.05 10.28
CA LEU A 99 -5.37 3.37 9.68
C LEU A 99 -5.53 4.45 10.73
N LYS A 100 -6.45 4.29 11.68
CA LYS A 100 -6.72 5.31 12.69
C LYS A 100 -5.49 5.65 13.51
N GLN A 101 -4.59 4.70 13.69
CA GLN A 101 -3.26 4.91 14.26
C GLN A 101 -2.56 6.11 13.60
N ILE A 102 -2.68 6.28 12.28
CA ILE A 102 -1.87 7.22 11.51
C ILE A 102 -2.60 8.54 11.21
N GLY A 103 -3.78 8.76 11.80
CA GLY A 103 -4.56 9.99 11.62
C GLY A 103 -5.32 10.00 10.29
N ALA A 104 -6.06 8.92 10.04
CA ALA A 104 -6.68 8.58 8.75
C ALA A 104 -8.20 8.67 8.80
N LEU A 105 -8.93 7.73 9.43
CA LEU A 105 -10.36 7.90 9.45
C LEU A 105 -10.66 9.04 10.40
N GLN A 106 -11.77 9.70 10.09
CA GLN A 106 -12.16 10.93 10.75
C GLN A 106 -12.98 10.55 11.97
N ALA A 2 15.81 1.89 -7.42
CA ALA A 2 14.75 1.81 -6.41
C ALA A 2 15.13 2.74 -5.28
N GLN A 3 15.57 2.26 -4.11
CA GLN A 3 16.35 2.93 -3.04
C GLN A 3 15.78 4.22 -2.42
N GLU A 4 14.77 4.82 -3.05
CA GLU A 4 14.30 6.16 -2.84
C GLU A 4 12.91 6.27 -3.47
N PHE A 5 12.64 5.67 -4.64
CA PHE A 5 11.32 5.67 -5.26
C PHE A 5 10.23 5.26 -4.26
N VAL A 6 10.46 4.16 -3.53
CA VAL A 6 9.58 3.71 -2.46
C VAL A 6 9.71 4.64 -1.25
N ASN A 7 10.94 4.94 -0.80
CA ASN A 7 11.17 5.59 0.49
C ASN A 7 10.73 7.05 0.51
N CYS A 8 10.82 7.77 -0.59
CA CYS A 8 10.39 9.16 -0.71
C CYS A 8 8.88 9.25 -0.87
N LYS A 9 8.21 8.15 -1.26
CA LYS A 9 6.75 8.11 -1.27
C LYS A 9 6.23 7.96 0.15
N ILE A 10 6.59 6.89 0.86
CA ILE A 10 5.96 6.67 2.16
C ILE A 10 6.50 7.70 3.17
N GLN A 11 5.63 8.13 4.07
CA GLN A 11 5.93 8.93 5.26
C GLN A 11 5.08 8.34 6.41
N PRO A 12 5.45 8.53 7.69
CA PRO A 12 4.68 8.02 8.82
C PRO A 12 3.45 8.90 9.08
N GLY A 13 2.50 8.87 8.14
CA GLY A 13 1.28 9.65 8.14
C GLY A 13 0.72 9.80 6.72
N LYS A 14 0.79 8.73 5.91
CA LYS A 14 0.10 8.58 4.63
C LYS A 14 -0.32 7.12 4.52
N VAL A 15 -1.16 6.79 3.54
CA VAL A 15 -1.41 5.44 3.14
C VAL A 15 -0.88 5.30 1.71
N VAL A 16 0.35 4.82 1.53
CA VAL A 16 0.89 4.57 0.20
C VAL A 16 0.59 3.11 -0.15
N VAL A 17 0.31 2.82 -1.42
CA VAL A 17 0.22 1.46 -1.91
C VAL A 17 1.02 1.38 -3.20
N PHE A 18 2.07 0.56 -3.23
CA PHE A 18 2.79 0.29 -4.46
C PHE A 18 1.94 -0.69 -5.26
N ILE A 19 1.54 -0.30 -6.47
CA ILE A 19 0.60 -0.99 -7.37
C ILE A 19 1.19 -1.07 -8.78
N LYS A 20 0.48 -1.63 -9.76
CA LYS A 20 0.80 -1.64 -11.19
C LYS A 20 -0.49 -1.31 -11.96
N PRO A 21 -0.42 -0.96 -13.25
CA PRO A 21 -1.54 -0.35 -13.96
C PRO A 21 -2.62 -1.37 -14.34
N THR A 22 -2.39 -2.65 -14.04
CA THR A 22 -3.19 -3.76 -14.47
C THR A 22 -3.75 -4.44 -13.22
N CYS A 23 -3.13 -5.55 -12.77
CA CYS A 23 -3.33 -6.25 -11.49
C CYS A 23 -4.76 -6.19 -10.93
N PRO A 24 -5.58 -7.24 -11.08
CA PRO A 24 -6.89 -7.28 -10.44
C PRO A 24 -6.77 -7.34 -8.91
N TYR A 25 -5.58 -7.55 -8.34
CA TYR A 25 -5.40 -7.58 -6.89
C TYR A 25 -5.08 -6.17 -6.43
N CYS A 26 -4.35 -5.37 -7.22
CA CYS A 26 -4.16 -3.95 -6.95
C CYS A 26 -5.55 -3.32 -7.01
N ARG A 27 -6.27 -3.50 -8.13
CA ARG A 27 -7.58 -2.88 -8.31
C ARG A 27 -8.56 -3.25 -7.20
N ARG A 28 -8.58 -4.53 -6.76
CA ARG A 28 -9.34 -4.94 -5.57
C ARG A 28 -8.88 -4.14 -4.38
N ALA A 29 -7.61 -4.26 -4.02
CA ALA A 29 -7.07 -3.59 -2.84
C ALA A 29 -7.40 -2.10 -2.86
N GLN A 30 -7.47 -1.47 -4.03
CA GLN A 30 -7.96 -0.13 -4.24
C GLN A 30 -9.39 0.04 -3.77
N GLU A 31 -10.36 -0.75 -4.24
CA GLU A 31 -11.75 -0.52 -3.83
C GLU A 31 -11.93 -0.89 -2.36
N ILE A 32 -11.28 -1.94 -1.93
CA ILE A 32 -11.25 -2.41 -0.55
C ILE A 32 -10.75 -1.26 0.34
N LEU A 33 -9.63 -0.64 -0.02
CA LEU A 33 -9.04 0.38 0.82
C LEU A 33 -9.86 1.66 0.68
N SER A 34 -10.08 2.11 -0.56
CA SER A 34 -10.58 3.45 -0.84
C SER A 34 -11.99 3.67 -0.28
N GLN A 35 -12.78 2.60 -0.08
CA GLN A 35 -14.12 2.68 0.49
C GLN A 35 -14.10 2.95 2.00
N LEU A 36 -12.93 3.10 2.63
CA LEU A 36 -12.82 3.60 3.99
C LEU A 36 -12.76 5.13 3.97
N PRO A 37 -13.33 5.83 4.98
CA PRO A 37 -13.37 7.28 5.05
C PRO A 37 -12.02 7.86 5.53
N ILE A 38 -10.94 7.53 4.80
CA ILE A 38 -9.57 7.90 5.13
C ILE A 38 -9.42 9.39 4.81
N LYS A 39 -8.52 10.08 5.53
CA LYS A 39 -8.24 11.48 5.31
C LYS A 39 -7.88 11.68 3.84
N GLN A 40 -8.60 12.56 3.16
CA GLN A 40 -8.44 12.68 1.72
C GLN A 40 -7.04 13.21 1.43
N GLY A 41 -6.34 12.58 0.48
CA GLY A 41 -4.97 12.89 0.16
C GLY A 41 -3.96 11.96 0.84
N LEU A 42 -4.36 11.18 1.85
CA LEU A 42 -3.46 10.22 2.45
C LEU A 42 -3.25 9.03 1.53
N LEU A 43 -4.30 8.55 0.85
CA LEU A 43 -4.29 7.29 0.13
C LEU A 43 -3.69 7.53 -1.26
N GLU A 44 -2.45 7.14 -1.49
CA GLU A 44 -1.75 7.39 -2.72
C GLU A 44 -1.30 6.04 -3.30
N PHE A 45 -1.89 5.67 -4.44
CA PHE A 45 -1.50 4.49 -5.17
C PHE A 45 -0.30 4.89 -6.02
N VAL A 46 0.77 4.10 -6.04
CA VAL A 46 2.04 4.41 -6.64
C VAL A 46 2.36 3.30 -7.62
N ASP A 47 2.11 3.57 -8.89
CA ASP A 47 2.35 2.67 -10.00
C ASP A 47 3.86 2.40 -10.17
N ILE A 48 4.30 1.15 -9.91
CA ILE A 48 5.70 0.74 -10.08
C ILE A 48 6.14 0.73 -11.56
N THR A 49 5.21 0.88 -12.51
CA THR A 49 5.53 1.03 -13.91
C THR A 49 5.75 2.52 -14.26
N ALA A 50 5.48 3.47 -13.34
CA ALA A 50 5.67 4.90 -13.57
C ALA A 50 7.11 5.30 -13.91
N THR A 51 8.07 4.45 -13.53
CA THR A 51 9.49 4.58 -13.87
C THR A 51 9.98 3.34 -14.62
N ASN A 52 9.10 2.39 -14.92
CA ASN A 52 9.35 1.06 -15.48
C ASN A 52 10.36 0.19 -14.70
N HIS A 53 11.02 0.69 -13.66
CA HIS A 53 11.90 -0.05 -12.76
C HIS A 53 11.15 -1.07 -11.87
N THR A 54 9.91 -1.45 -12.18
CA THR A 54 9.14 -2.53 -11.56
C THR A 54 10.06 -3.66 -11.14
N ASN A 55 10.68 -4.28 -12.14
CA ASN A 55 11.56 -5.44 -11.99
C ASN A 55 12.62 -5.32 -10.89
N GLU A 56 13.01 -4.11 -10.47
CA GLU A 56 13.92 -3.90 -9.35
C GLU A 56 13.18 -3.38 -8.11
N ILE A 57 12.10 -2.62 -8.28
CA ILE A 57 11.29 -2.05 -7.20
C ILE A 57 10.55 -3.20 -6.49
N GLN A 58 10.15 -4.24 -7.23
CA GLN A 58 9.42 -5.39 -6.75
C GLN A 58 10.37 -6.12 -5.78
N ASP A 59 11.58 -6.41 -6.24
CA ASP A 59 12.69 -6.99 -5.48
C ASP A 59 12.93 -6.19 -4.21
N TYR A 60 13.15 -4.89 -4.42
CA TYR A 60 13.38 -3.91 -3.37
C TYR A 60 12.29 -3.99 -2.30
N LEU A 61 11.01 -4.06 -2.70
CA LEU A 61 9.88 -4.18 -1.80
C LEU A 61 9.89 -5.50 -1.03
N GLN A 62 10.34 -6.61 -1.62
CA GLN A 62 10.52 -7.86 -0.90
C GLN A 62 11.58 -7.67 0.18
N GLN A 63 12.76 -7.22 -0.22
CA GLN A 63 13.93 -7.06 0.64
C GLN A 63 13.61 -6.10 1.79
N LEU A 64 12.82 -5.06 1.51
CA LEU A 64 12.44 -4.04 2.48
C LEU A 64 11.36 -4.61 3.41
N THR A 65 10.27 -5.16 2.86
CA THR A 65 9.09 -5.50 3.64
C THR A 65 9.16 -6.99 3.97
N GLY A 66 8.87 -7.84 2.98
CA GLY A 66 8.82 -9.28 3.11
C GLY A 66 8.19 -10.00 1.90
N ALA A 67 7.51 -9.30 1.00
CA ALA A 67 7.03 -9.87 -0.26
C ALA A 67 7.25 -8.86 -1.39
N ARG A 68 7.55 -9.33 -2.60
CA ARG A 68 7.59 -8.44 -3.76
C ARG A 68 6.20 -8.14 -4.25
N THR A 69 5.26 -9.07 -4.06
CA THR A 69 4.04 -9.11 -4.84
C THR A 69 3.27 -7.84 -4.60
N VAL A 70 2.81 -7.22 -5.66
CA VAL A 70 1.97 -6.05 -5.58
C VAL A 70 0.52 -6.52 -5.47
N PRO A 71 -0.40 -5.74 -4.87
CA PRO A 71 -0.11 -4.50 -4.14
C PRO A 71 0.69 -4.76 -2.86
N ARG A 72 1.40 -3.75 -2.37
CA ARG A 72 2.00 -3.73 -1.02
C ARG A 72 1.46 -2.47 -0.34
N VAL A 73 0.55 -2.63 0.60
CA VAL A 73 -0.03 -1.51 1.34
C VAL A 73 0.97 -1.09 2.42
N PHE A 74 1.25 0.21 2.47
CA PHE A 74 2.07 0.91 3.44
C PHE A 74 1.18 1.93 4.14
N ILE A 75 0.59 1.54 5.28
CA ILE A 75 -0.08 2.49 6.16
C ILE A 75 1.07 3.06 7.00
N GLY A 76 1.31 4.37 6.93
CA GLY A 76 2.28 5.13 7.72
C GLY A 76 3.62 4.40 7.94
N LYS A 77 4.40 4.22 6.88
CA LYS A 77 5.68 3.50 6.89
C LYS A 77 5.67 2.14 7.60
N ASP A 78 4.51 1.51 7.73
CA ASP A 78 4.31 0.18 8.31
C ASP A 78 3.61 -0.64 7.23
N CYS A 79 4.37 -1.45 6.48
CA CYS A 79 3.79 -2.28 5.43
C CYS A 79 2.93 -3.35 6.08
N ILE A 80 1.63 -3.35 5.78
CA ILE A 80 0.67 -4.14 6.53
C ILE A 80 0.65 -5.56 5.97
N GLY A 81 1.11 -5.73 4.73
CA GLY A 81 1.02 -6.93 3.95
C GLY A 81 0.62 -6.56 2.52
N GLY A 82 0.28 -7.56 1.71
CA GLY A 82 0.07 -7.38 0.29
C GLY A 82 -1.41 -7.43 -0.07
N CYS A 83 -1.91 -8.65 -0.28
CA CYS A 83 -3.24 -8.91 -0.81
C CYS A 83 -4.01 -9.76 0.22
N SER A 84 -3.55 -10.98 0.48
CA SER A 84 -4.18 -11.90 1.42
C SER A 84 -4.25 -11.29 2.82
N ASP A 85 -3.20 -10.59 3.27
CA ASP A 85 -3.20 -9.83 4.52
C ASP A 85 -4.31 -8.79 4.46
N LEU A 86 -4.24 -7.94 3.44
CA LEU A 86 -5.04 -6.74 3.30
C LEU A 86 -6.54 -7.06 3.36
N VAL A 87 -6.96 -8.17 2.74
CA VAL A 87 -8.30 -8.66 2.80
C VAL A 87 -8.69 -9.08 4.22
N SER A 88 -7.81 -9.74 5.01
CA SER A 88 -8.17 -10.14 6.38
C SER A 88 -8.43 -8.84 7.12
N LEU A 89 -7.48 -7.90 7.01
CA LEU A 89 -7.55 -6.64 7.71
C LEU A 89 -8.86 -5.93 7.34
N GLN A 90 -9.33 -5.99 6.09
CA GLN A 90 -10.65 -5.45 5.75
C GLN A 90 -11.74 -6.22 6.51
N GLN A 91 -11.82 -7.55 6.33
CA GLN A 91 -12.93 -8.38 6.73
C GLN A 91 -13.08 -8.45 8.25
N SER A 92 -11.96 -8.59 8.97
CA SER A 92 -11.83 -8.50 10.41
C SER A 92 -12.16 -7.06 10.82
N GLY A 93 -11.50 -6.10 10.17
CA GLY A 93 -11.52 -4.70 10.53
C GLY A 93 -10.17 -4.23 11.07
N GLU A 94 -9.14 -5.09 11.12
CA GLU A 94 -7.84 -4.67 11.63
C GLU A 94 -7.24 -3.56 10.75
N LEU A 95 -7.66 -3.46 9.49
CA LEU A 95 -7.28 -2.40 8.56
C LEU A 95 -7.58 -1.05 9.16
N LEU A 96 -8.77 -0.88 9.73
CA LEU A 96 -9.23 0.40 10.26
C LEU A 96 -8.32 0.82 11.41
N THR A 97 -8.08 -0.07 12.37
CA THR A 97 -7.16 0.18 13.48
C THR A 97 -5.78 0.59 12.95
N ARG A 98 -5.26 -0.12 11.94
CA ARG A 98 -3.98 0.17 11.31
C ARG A 98 -3.93 1.63 10.84
N LEU A 99 -4.86 2.07 9.99
CA LEU A 99 -4.81 3.43 9.42
C LEU A 99 -5.22 4.50 10.44
N LYS A 100 -6.09 4.19 11.38
CA LYS A 100 -6.36 5.08 12.52
C LYS A 100 -5.08 5.36 13.33
N GLN A 101 -4.14 4.43 13.38
CA GLN A 101 -2.80 4.62 13.98
C GLN A 101 -1.97 5.74 13.30
N ILE A 102 -2.43 6.28 12.17
CA ILE A 102 -1.83 7.39 11.42
C ILE A 102 -2.80 8.58 11.30
N GLY A 103 -3.93 8.53 12.02
CA GLY A 103 -4.93 9.58 12.07
C GLY A 103 -5.68 9.76 10.73
N ALA A 104 -5.94 8.67 10.03
CA ALA A 104 -6.64 8.66 8.76
C ALA A 104 -8.09 9.05 8.94
N LEU A 105 -8.88 8.30 9.70
CA LEU A 105 -10.31 8.46 9.54
C LEU A 105 -10.77 9.78 10.13
N GLN A 106 -11.73 10.37 9.43
CA GLN A 106 -12.36 11.65 9.70
C GLN A 106 -13.81 11.53 9.26
N ALA A 2 13.81 0.42 -5.59
CA ALA A 2 13.90 1.86 -5.84
C ALA A 2 14.29 2.53 -4.55
N GLN A 3 15.09 3.58 -4.70
CA GLN A 3 15.25 4.62 -3.71
C GLN A 3 13.92 5.38 -3.64
N GLU A 4 13.82 6.53 -4.30
CA GLU A 4 12.82 7.52 -3.97
C GLU A 4 11.41 7.12 -4.38
N PHE A 5 11.27 6.34 -5.45
CA PHE A 5 9.97 5.89 -5.94
C PHE A 5 9.22 5.09 -4.85
N VAL A 6 9.93 4.45 -3.92
CA VAL A 6 9.39 3.77 -2.77
C VAL A 6 9.72 4.53 -1.48
N ASN A 7 10.98 4.55 -1.05
CA ASN A 7 11.33 4.95 0.32
C ASN A 7 11.02 6.42 0.58
N CYS A 8 11.35 7.30 -0.37
CA CYS A 8 11.06 8.74 -0.25
C CYS A 8 9.56 9.02 -0.42
N LYS A 9 8.80 8.08 -1.00
CA LYS A 9 7.34 8.16 -1.05
C LYS A 9 6.71 7.94 0.32
N ILE A 10 7.11 6.91 1.08
CA ILE A 10 6.36 6.55 2.29
C ILE A 10 6.87 7.42 3.44
N GLN A 11 5.98 7.81 4.33
CA GLN A 11 6.27 8.29 5.67
C GLN A 11 5.19 7.74 6.62
N PRO A 12 5.35 7.83 7.95
CA PRO A 12 4.22 7.64 8.85
C PRO A 12 3.13 8.66 8.53
N GLY A 13 1.89 8.37 8.91
CA GLY A 13 0.79 9.31 8.74
C GLY A 13 0.30 9.49 7.30
N LYS A 14 0.74 8.66 6.34
CA LYS A 14 0.12 8.55 5.02
C LYS A 14 -0.08 7.07 4.72
N VAL A 15 -0.99 6.73 3.81
CA VAL A 15 -1.16 5.37 3.34
C VAL A 15 -0.61 5.31 1.92
N VAL A 16 0.36 4.43 1.65
CA VAL A 16 1.01 4.36 0.35
C VAL A 16 0.89 2.92 -0.13
N VAL A 17 0.56 2.73 -1.41
CA VAL A 17 0.39 1.41 -2.00
C VAL A 17 1.20 1.36 -3.27
N PHE A 18 2.23 0.51 -3.30
CA PHE A 18 2.95 0.22 -4.52
C PHE A 18 2.09 -0.74 -5.31
N ILE A 19 1.75 -0.35 -6.53
CA ILE A 19 0.82 -1.03 -7.40
C ILE A 19 1.40 -1.13 -8.80
N LYS A 20 0.76 -1.97 -9.61
CA LYS A 20 0.85 -1.92 -11.05
C LYS A 20 -0.63 -2.01 -11.46
N PRO A 21 -1.18 -1.08 -12.24
CA PRO A 21 -2.57 -1.16 -12.65
C PRO A 21 -2.84 -2.40 -13.51
N THR A 22 -1.79 -3.05 -14.03
CA THR A 22 -1.82 -4.26 -14.83
C THR A 22 -1.93 -5.55 -14.01
N CYS A 23 -1.97 -5.49 -12.67
CA CYS A 23 -2.44 -6.59 -11.83
C CYS A 23 -3.89 -6.25 -11.39
N PRO A 24 -4.83 -7.21 -11.51
CA PRO A 24 -6.21 -7.04 -11.05
C PRO A 24 -6.27 -6.90 -9.52
N TYR A 25 -5.19 -7.31 -8.84
CA TYR A 25 -5.11 -7.42 -7.41
C TYR A 25 -4.99 -5.99 -6.88
N CYS A 26 -4.24 -5.14 -7.60
CA CYS A 26 -4.09 -3.74 -7.27
C CYS A 26 -5.45 -3.06 -7.32
N ARG A 27 -6.28 -3.31 -8.34
CA ARG A 27 -7.63 -2.76 -8.40
C ARG A 27 -8.43 -3.07 -7.15
N ARG A 28 -8.46 -4.34 -6.73
CA ARG A 28 -9.18 -4.72 -5.53
C ARG A 28 -8.72 -3.91 -4.36
N ALA A 29 -7.43 -3.98 -4.06
CA ALA A 29 -6.85 -3.26 -2.94
C ALA A 29 -7.18 -1.77 -3.02
N GLN A 30 -7.22 -1.20 -4.23
CA GLN A 30 -7.64 0.17 -4.47
C GLN A 30 -9.09 0.37 -4.08
N GLU A 31 -10.01 -0.48 -4.48
CA GLU A 31 -11.43 -0.28 -4.22
C GLU A 31 -11.69 -0.48 -2.73
N ILE A 32 -11.07 -1.51 -2.15
CA ILE A 32 -11.03 -1.81 -0.74
C ILE A 32 -10.57 -0.57 0.03
N LEU A 33 -9.41 -0.01 -0.34
CA LEU A 33 -8.83 1.05 0.45
C LEU A 33 -9.57 2.36 0.17
N SER A 34 -9.89 2.65 -1.09
CA SER A 34 -10.56 3.90 -1.48
C SER A 34 -11.98 3.98 -0.89
N GLN A 35 -12.63 2.84 -0.60
CA GLN A 35 -13.98 2.85 -0.03
C GLN A 35 -13.99 3.28 1.44
N LEU A 36 -12.87 3.15 2.16
CA LEU A 36 -12.86 3.46 3.59
C LEU A 36 -12.95 4.98 3.77
N PRO A 37 -13.45 5.48 4.91
CA PRO A 37 -13.47 6.91 5.20
C PRO A 37 -12.10 7.35 5.71
N ILE A 38 -11.10 7.54 4.84
CA ILE A 38 -9.73 7.85 5.25
C ILE A 38 -9.55 9.36 5.00
N LYS A 39 -8.66 9.99 5.76
CA LYS A 39 -8.29 11.39 5.59
C LYS A 39 -7.90 11.63 4.11
N GLN A 40 -8.56 12.59 3.46
CA GLN A 40 -8.36 12.81 2.03
C GLN A 40 -6.92 13.27 1.82
N GLY A 41 -6.29 12.75 0.77
CA GLY A 41 -4.90 13.00 0.45
C GLY A 41 -3.96 11.99 1.10
N LEU A 42 -4.39 11.18 2.08
CA LEU A 42 -3.46 10.26 2.70
C LEU A 42 -3.14 9.10 1.80
N LEU A 43 -4.11 8.60 1.03
CA LEU A 43 -3.98 7.36 0.27
C LEU A 43 -3.29 7.68 -1.05
N GLU A 44 -2.11 7.11 -1.31
CA GLU A 44 -1.35 7.30 -2.54
C GLU A 44 -1.11 5.95 -3.20
N PHE A 45 -1.54 5.82 -4.47
CA PHE A 45 -1.29 4.63 -5.28
C PHE A 45 -0.10 4.94 -6.20
N VAL A 46 0.93 4.09 -6.22
CA VAL A 46 2.24 4.39 -6.78
C VAL A 46 2.59 3.31 -7.82
N ASP A 47 2.49 3.65 -9.11
CA ASP A 47 2.67 2.77 -10.26
C ASP A 47 4.11 2.35 -10.56
N ILE A 48 4.47 1.13 -10.15
CA ILE A 48 5.76 0.51 -10.43
C ILE A 48 6.02 0.27 -11.93
N THR A 49 4.99 0.35 -12.77
CA THR A 49 5.09 0.16 -14.21
C THR A 49 4.77 1.45 -14.99
N ALA A 50 4.66 2.60 -14.33
CA ALA A 50 4.59 3.89 -15.03
C ALA A 50 5.80 4.05 -15.93
N THR A 51 7.01 3.86 -15.38
CA THR A 51 8.21 3.81 -16.22
C THR A 51 9.36 3.07 -15.52
N ASN A 52 9.56 3.27 -14.21
CA ASN A 52 10.82 3.01 -13.50
C ASN A 52 11.50 1.73 -13.94
N HIS A 53 10.82 0.61 -13.69
CA HIS A 53 11.23 -0.79 -13.76
C HIS A 53 10.53 -1.50 -12.63
N THR A 54 9.49 -2.25 -12.96
CA THR A 54 8.70 -3.05 -12.04
C THR A 54 9.64 -3.96 -11.30
N ASN A 55 10.31 -4.88 -12.01
CA ASN A 55 11.14 -5.89 -11.35
C ASN A 55 12.22 -5.30 -10.42
N GLU A 56 12.75 -4.11 -10.70
CA GLU A 56 13.65 -3.45 -9.75
C GLU A 56 12.94 -3.13 -8.44
N ILE A 57 11.79 -2.44 -8.54
CA ILE A 57 11.02 -1.99 -7.39
C ILE A 57 10.53 -3.21 -6.62
N GLN A 58 10.13 -4.26 -7.34
CA GLN A 58 9.57 -5.51 -6.85
C GLN A 58 10.61 -6.13 -5.91
N ASP A 59 11.85 -6.21 -6.37
CA ASP A 59 12.96 -6.80 -5.62
C ASP A 59 13.27 -5.99 -4.38
N TYR A 60 13.25 -4.67 -4.55
CA TYR A 60 13.42 -3.74 -3.44
C TYR A 60 12.34 -3.97 -2.38
N LEU A 61 11.06 -4.08 -2.77
CA LEU A 61 9.96 -4.32 -1.83
C LEU A 61 10.12 -5.67 -1.15
N GLN A 62 10.62 -6.69 -1.88
CA GLN A 62 10.95 -7.98 -1.31
C GLN A 62 11.95 -7.82 -0.17
N GLN A 63 13.04 -7.11 -0.41
CA GLN A 63 14.07 -6.88 0.57
C GLN A 63 13.50 -6.10 1.75
N LEU A 64 12.82 -4.99 1.46
CA LEU A 64 12.44 -3.97 2.43
C LEU A 64 11.32 -4.52 3.33
N THR A 65 10.34 -5.24 2.78
CA THR A 65 9.14 -5.65 3.52
C THR A 65 9.10 -7.15 3.85
N GLY A 66 9.93 -7.97 3.21
CA GLY A 66 9.97 -9.40 3.49
C GLY A 66 9.04 -10.19 2.57
N ALA A 67 8.43 -9.56 1.56
CA ALA A 67 7.64 -10.22 0.53
C ALA A 67 7.58 -9.32 -0.70
N ARG A 68 7.48 -9.93 -1.89
CA ARG A 68 7.50 -9.17 -3.14
C ARG A 68 6.11 -8.83 -3.67
N THR A 69 5.04 -9.37 -3.09
CA THR A 69 3.71 -9.25 -3.68
C THR A 69 3.28 -7.80 -3.71
N VAL A 70 2.74 -7.39 -4.85
CA VAL A 70 1.91 -6.21 -5.00
C VAL A 70 0.45 -6.68 -4.92
N PRO A 71 -0.51 -5.78 -4.64
CA PRO A 71 -0.32 -4.43 -4.13
C PRO A 71 0.34 -4.47 -2.74
N ARG A 72 1.25 -3.53 -2.46
CA ARG A 72 2.03 -3.53 -1.23
C ARG A 72 1.58 -2.34 -0.39
N VAL A 73 0.62 -2.54 0.51
CA VAL A 73 0.10 -1.46 1.36
C VAL A 73 1.12 -1.18 2.46
N PHE A 74 1.45 0.11 2.65
CA PHE A 74 2.05 0.68 3.83
C PHE A 74 1.01 1.59 4.46
N ILE A 75 0.44 1.22 5.61
CA ILE A 75 -0.29 2.16 6.44
C ILE A 75 0.79 2.81 7.32
N GLY A 76 1.10 4.08 7.07
CA GLY A 76 2.02 4.89 7.84
C GLY A 76 3.37 4.21 8.06
N LYS A 77 4.14 4.03 6.98
CA LYS A 77 5.42 3.33 6.94
C LYS A 77 5.47 1.98 7.68
N ASP A 78 4.33 1.33 7.94
CA ASP A 78 4.25 -0.07 8.33
C ASP A 78 3.59 -0.79 7.18
N CYS A 79 4.35 -1.63 6.48
CA CYS A 79 3.83 -2.50 5.45
C CYS A 79 2.93 -3.56 6.08
N ILE A 80 1.61 -3.46 5.88
CA ILE A 80 0.68 -4.32 6.60
C ILE A 80 0.53 -5.69 5.93
N GLY A 81 0.98 -5.81 4.68
CA GLY A 81 0.90 -7.02 3.88
C GLY A 81 0.48 -6.72 2.45
N GLY A 82 0.21 -7.80 1.73
CA GLY A 82 -0.31 -7.80 0.38
C GLY A 82 -1.83 -7.99 0.39
N CYS A 83 -2.42 -8.42 -0.74
CA CYS A 83 -3.86 -8.43 -0.91
C CYS A 83 -4.52 -9.34 0.11
N SER A 84 -3.89 -10.48 0.43
CA SER A 84 -4.53 -11.45 1.27
C SER A 84 -4.71 -10.93 2.69
N ASP A 85 -3.63 -10.37 3.24
CA ASP A 85 -3.61 -9.72 4.54
C ASP A 85 -4.60 -8.58 4.50
N LEU A 86 -4.49 -7.70 3.51
CA LEU A 86 -5.37 -6.55 3.36
C LEU A 86 -6.86 -6.94 3.36
N VAL A 87 -7.25 -8.06 2.76
CA VAL A 87 -8.60 -8.58 2.87
C VAL A 87 -8.90 -8.87 4.34
N SER A 88 -8.09 -9.65 5.09
CA SER A 88 -8.47 -10.01 6.46
C SER A 88 -8.58 -8.73 7.28
N LEU A 89 -7.59 -7.84 7.17
CA LEU A 89 -7.59 -6.61 7.92
C LEU A 89 -8.82 -5.77 7.53
N GLN A 90 -9.32 -5.81 6.29
CA GLN A 90 -10.57 -5.16 5.92
C GLN A 90 -11.78 -5.89 6.53
N GLN A 91 -11.92 -7.20 6.28
CA GLN A 91 -13.09 -8.03 6.55
C GLN A 91 -13.27 -8.22 8.06
N SER A 92 -12.22 -8.64 8.76
CA SER A 92 -12.15 -8.70 10.22
C SER A 92 -12.10 -7.28 10.80
N GLY A 93 -11.64 -6.31 10.03
CA GLY A 93 -11.66 -4.91 10.40
C GLY A 93 -10.41 -4.47 11.17
N GLU A 94 -9.34 -5.28 11.24
CA GLU A 94 -8.15 -4.87 11.97
C GLU A 94 -7.48 -3.64 11.33
N LEU A 95 -7.68 -3.45 10.01
CA LEU A 95 -7.19 -2.31 9.26
C LEU A 95 -7.72 -1.00 9.83
N LEU A 96 -8.93 -0.99 10.37
CA LEU A 96 -9.62 0.25 10.73
C LEU A 96 -8.94 0.90 11.93
N THR A 97 -8.64 0.10 12.95
CA THR A 97 -7.88 0.61 14.09
C THR A 97 -6.47 0.99 13.63
N ARG A 98 -5.85 0.19 12.76
CA ARG A 98 -4.47 0.45 12.32
C ARG A 98 -4.38 1.73 11.49
N LEU A 99 -5.33 1.98 10.59
CA LEU A 99 -5.50 3.25 9.89
C LEU A 99 -5.68 4.39 10.88
N LYS A 100 -6.53 4.23 11.90
CA LYS A 100 -6.69 5.27 12.90
C LYS A 100 -5.40 5.55 13.67
N GLN A 101 -4.56 4.55 13.85
CA GLN A 101 -3.23 4.70 14.44
C GLN A 101 -2.29 5.59 13.59
N ILE A 102 -2.65 5.93 12.35
CA ILE A 102 -1.92 6.91 11.55
C ILE A 102 -2.74 8.21 11.35
N GLY A 103 -3.85 8.38 12.08
CA GLY A 103 -4.66 9.59 12.07
C GLY A 103 -5.56 9.69 10.84
N ALA A 104 -5.93 8.56 10.23
CA ALA A 104 -6.66 8.50 8.98
C ALA A 104 -8.12 8.82 9.18
N LEU A 105 -8.88 7.97 9.88
CA LEU A 105 -10.30 8.00 9.67
C LEU A 105 -10.92 9.19 10.40
N GLN A 106 -11.77 9.85 9.66
CA GLN A 106 -12.55 11.02 9.96
C GLN A 106 -13.93 10.75 9.40
N ALA A 2 16.32 0.47 -7.08
CA ALA A 2 14.92 0.80 -6.73
C ALA A 2 14.84 2.17 -6.06
N GLN A 3 15.70 2.44 -5.07
CA GLN A 3 15.95 3.71 -4.41
C GLN A 3 14.85 4.11 -3.43
N GLU A 4 14.99 5.33 -2.92
CA GLU A 4 13.99 6.14 -2.24
C GLU A 4 12.64 6.23 -2.98
N PHE A 5 12.52 5.79 -4.23
CA PHE A 5 11.27 5.76 -4.99
C PHE A 5 10.12 5.23 -4.13
N VAL A 6 10.28 4.02 -3.59
CA VAL A 6 9.34 3.46 -2.63
C VAL A 6 9.39 4.30 -1.36
N ASN A 7 10.57 4.39 -0.75
CA ASN A 7 10.75 4.80 0.65
C ASN A 7 10.13 6.15 0.97
N CYS A 8 10.20 7.10 0.04
CA CYS A 8 9.76 8.47 0.26
C CYS A 8 8.39 8.76 -0.37
N LYS A 9 7.82 7.85 -1.16
CA LYS A 9 6.38 7.92 -1.38
C LYS A 9 5.70 7.65 -0.05
N ILE A 10 6.15 6.64 0.70
CA ILE A 10 5.60 6.36 2.01
C ILE A 10 5.89 7.57 2.91
N GLN A 11 5.08 7.74 3.94
CA GLN A 11 5.33 8.70 4.99
C GLN A 11 4.79 8.09 6.28
N PRO A 12 5.35 8.45 7.44
CA PRO A 12 4.62 8.31 8.68
C PRO A 12 3.44 9.28 8.55
N GLY A 13 2.22 8.77 8.72
CA GLY A 13 0.99 9.52 8.55
C GLY A 13 0.57 9.67 7.09
N LYS A 14 0.79 8.65 6.25
CA LYS A 14 0.22 8.48 4.90
C LYS A 14 -0.09 7.01 4.67
N VAL A 15 -0.94 6.71 3.68
CA VAL A 15 -1.31 5.37 3.30
C VAL A 15 -0.86 5.18 1.85
N VAL A 16 0.15 4.38 1.61
CA VAL A 16 0.84 4.36 0.32
C VAL A 16 0.87 2.94 -0.18
N VAL A 17 0.50 2.74 -1.45
CA VAL A 17 0.23 1.41 -1.96
C VAL A 17 0.94 1.24 -3.29
N PHE A 18 1.95 0.39 -3.32
CA PHE A 18 2.68 0.11 -4.55
C PHE A 18 1.83 -0.87 -5.36
N ILE A 19 1.43 -0.45 -6.56
CA ILE A 19 0.53 -1.16 -7.45
C ILE A 19 1.10 -1.18 -8.86
N LYS A 20 0.50 -1.97 -9.75
CA LYS A 20 0.66 -1.84 -11.19
C LYS A 20 -0.75 -1.76 -11.77
N PRO A 21 -1.01 -0.93 -12.80
CA PRO A 21 -2.30 -0.84 -13.49
C PRO A 21 -2.52 -2.04 -14.42
N THR A 22 -1.95 -3.19 -14.09
CA THR A 22 -2.01 -4.44 -14.83
C THR A 22 -1.98 -5.61 -13.83
N CYS A 23 -2.49 -5.37 -12.62
CA CYS A 23 -2.81 -6.37 -11.62
C CYS A 23 -4.30 -6.26 -11.26
N PRO A 24 -5.09 -7.34 -11.38
CA PRO A 24 -6.45 -7.34 -10.89
C PRO A 24 -6.52 -7.23 -9.36
N TYR A 25 -5.47 -7.64 -8.64
CA TYR A 25 -5.43 -7.55 -7.18
C TYR A 25 -5.10 -6.13 -6.77
N CYS A 26 -4.36 -5.37 -7.59
CA CYS A 26 -4.16 -3.95 -7.35
C CYS A 26 -5.51 -3.24 -7.51
N ARG A 27 -6.26 -3.54 -8.59
CA ARG A 27 -7.60 -3.01 -8.77
C ARG A 27 -8.45 -3.28 -7.52
N ARG A 28 -8.45 -4.51 -6.99
CA ARG A 28 -9.19 -4.78 -5.75
C ARG A 28 -8.72 -3.84 -4.67
N ALA A 29 -7.43 -3.87 -4.36
CA ALA A 29 -6.85 -3.12 -3.26
C ALA A 29 -7.24 -1.64 -3.32
N GLN A 30 -7.27 -1.02 -4.51
CA GLN A 30 -7.77 0.31 -4.69
C GLN A 30 -9.19 0.50 -4.20
N GLU A 31 -10.10 -0.42 -4.53
CA GLU A 31 -11.48 -0.33 -4.12
C GLU A 31 -11.58 -0.57 -2.62
N ILE A 32 -11.02 -1.69 -2.16
CA ILE A 32 -10.90 -2.10 -0.77
C ILE A 32 -10.47 -0.92 0.09
N LEU A 33 -9.37 -0.26 -0.28
CA LEU A 33 -8.82 0.78 0.56
C LEU A 33 -9.63 2.06 0.35
N SER A 34 -9.94 2.45 -0.90
CA SER A 34 -10.47 3.80 -1.12
C SER A 34 -11.99 3.88 -0.85
N GLN A 35 -12.68 2.77 -0.60
CA GLN A 35 -14.05 2.77 -0.07
C GLN A 35 -14.07 3.17 1.41
N LEU A 36 -12.92 3.13 2.12
CA LEU A 36 -12.86 3.49 3.52
C LEU A 36 -12.86 5.01 3.63
N PRO A 37 -13.38 5.59 4.73
CA PRO A 37 -13.40 7.04 4.96
C PRO A 37 -12.03 7.56 5.41
N ILE A 38 -10.95 7.06 4.79
CA ILE A 38 -9.57 7.42 5.09
C ILE A 38 -9.45 8.89 4.69
N LYS A 39 -8.63 9.67 5.42
CA LYS A 39 -8.49 11.08 5.16
C LYS A 39 -8.02 11.20 3.71
N GLN A 40 -8.75 11.93 2.90
CA GLN A 40 -8.41 11.98 1.48
C GLN A 40 -7.06 12.69 1.35
N GLY A 41 -6.25 12.30 0.38
CA GLY A 41 -4.89 12.76 0.24
C GLY A 41 -3.92 11.82 0.94
N LEU A 42 -4.34 11.11 2.00
CA LEU A 42 -3.44 10.16 2.63
C LEU A 42 -3.26 8.94 1.74
N LEU A 43 -4.25 8.54 0.94
CA LEU A 43 -4.11 7.34 0.12
C LEU A 43 -3.38 7.74 -1.16
N GLU A 44 -2.21 7.15 -1.44
CA GLU A 44 -1.53 7.29 -2.72
C GLU A 44 -1.17 5.92 -3.26
N PHE A 45 -1.85 5.52 -4.35
CA PHE A 45 -1.58 4.30 -5.10
C PHE A 45 -0.46 4.61 -6.09
N VAL A 46 0.76 4.15 -5.80
CA VAL A 46 1.99 4.44 -6.53
C VAL A 46 2.14 3.37 -7.59
N ASP A 47 2.08 3.76 -8.86
CA ASP A 47 2.38 2.92 -10.01
C ASP A 47 3.86 2.54 -10.04
N ILE A 48 4.19 1.26 -9.80
CA ILE A 48 5.55 0.72 -9.91
C ILE A 48 6.03 0.63 -11.37
N THR A 49 5.20 0.97 -12.33
CA THR A 49 5.59 0.98 -13.74
C THR A 49 5.07 2.23 -14.42
N ALA A 50 5.03 3.36 -13.71
CA ALA A 50 4.99 4.69 -14.30
C ALA A 50 6.37 5.02 -14.94
N THR A 51 6.82 4.14 -15.84
CA THR A 51 8.06 4.21 -16.59
C THR A 51 9.27 4.38 -15.64
N ASN A 52 9.55 3.38 -14.81
CA ASN A 52 10.76 3.36 -13.99
C ASN A 52 11.29 1.93 -13.88
N HIS A 53 10.94 1.16 -12.84
CA HIS A 53 11.70 -0.04 -12.51
C HIS A 53 10.94 -1.05 -11.64
N THR A 54 9.76 -1.52 -12.10
CA THR A 54 8.90 -2.46 -11.38
C THR A 54 9.70 -3.61 -10.79
N ASN A 55 10.33 -4.42 -11.64
CA ASN A 55 11.03 -5.64 -11.21
C ASN A 55 11.92 -5.36 -10.00
N GLU A 56 12.80 -4.38 -10.11
CA GLU A 56 13.72 -4.05 -9.04
C GLU A 56 12.98 -3.51 -7.82
N ILE A 57 11.96 -2.66 -8.00
CA ILE A 57 11.14 -2.16 -6.91
C ILE A 57 10.48 -3.36 -6.21
N GLN A 58 10.02 -4.36 -6.96
CA GLN A 58 9.19 -5.45 -6.51
C GLN A 58 10.09 -6.33 -5.62
N ASP A 59 11.35 -6.54 -6.03
CA ASP A 59 12.36 -7.36 -5.35
C ASP A 59 12.97 -6.62 -4.15
N TYR A 60 13.26 -5.32 -4.32
CA TYR A 60 13.66 -4.42 -3.25
C TYR A 60 12.63 -4.44 -2.12
N LEU A 61 11.35 -4.26 -2.45
CA LEU A 61 10.26 -4.40 -1.51
C LEU A 61 10.26 -5.80 -0.88
N GLN A 62 10.71 -6.85 -1.57
CA GLN A 62 10.80 -8.18 -0.96
C GLN A 62 11.84 -8.20 0.15
N GLN A 63 12.96 -7.52 -0.03
CA GLN A 63 13.92 -7.40 1.06
C GLN A 63 13.31 -6.55 2.18
N LEU A 64 12.73 -5.41 1.83
CA LEU A 64 12.33 -4.38 2.77
C LEU A 64 11.04 -4.78 3.53
N THR A 65 10.19 -5.66 2.98
CA THR A 65 8.91 -6.05 3.60
C THR A 65 8.67 -7.57 3.61
N GLY A 66 9.54 -8.39 3.03
CA GLY A 66 9.40 -9.85 2.95
C GLY A 66 8.54 -10.29 1.75
N ALA A 67 7.88 -9.35 1.08
CA ALA A 67 6.92 -9.64 0.04
C ALA A 67 7.34 -9.02 -1.27
N ARG A 68 7.20 -9.78 -2.35
CA ARG A 68 7.45 -9.29 -3.70
C ARG A 68 6.13 -8.99 -4.41
N THR A 69 5.08 -9.74 -4.08
CA THR A 69 3.86 -9.73 -4.85
C THR A 69 3.08 -8.45 -4.58
N VAL A 70 2.60 -7.80 -5.64
CA VAL A 70 1.83 -6.56 -5.60
C VAL A 70 0.33 -6.92 -5.53
N PRO A 71 -0.57 -6.02 -5.08
CA PRO A 71 -0.30 -4.73 -4.45
C PRO A 71 0.51 -4.87 -3.16
N ARG A 72 1.03 -3.76 -2.63
CA ARG A 72 1.75 -3.71 -1.36
C ARG A 72 1.27 -2.49 -0.58
N VAL A 73 0.53 -2.67 0.51
CA VAL A 73 0.06 -1.54 1.31
C VAL A 73 1.07 -1.25 2.40
N PHE A 74 1.53 -0.01 2.46
CA PHE A 74 2.14 0.61 3.63
C PHE A 74 1.07 1.50 4.24
N ILE A 75 0.61 1.20 5.45
CA ILE A 75 -0.07 2.18 6.28
C ILE A 75 1.04 2.76 7.15
N GLY A 76 1.23 4.09 7.12
CA GLY A 76 2.09 4.84 8.03
C GLY A 76 3.45 4.18 8.29
N LYS A 77 4.33 4.21 7.29
CA LYS A 77 5.63 3.55 7.25
C LYS A 77 5.68 2.07 7.69
N ASP A 78 4.56 1.37 7.82
CA ASP A 78 4.53 -0.08 8.04
C ASP A 78 3.82 -0.79 6.90
N CYS A 79 4.52 -1.69 6.22
CA CYS A 79 3.91 -2.60 5.27
C CYS A 79 2.97 -3.55 6.00
N ILE A 80 1.66 -3.48 5.76
CA ILE A 80 0.73 -4.45 6.32
C ILE A 80 0.68 -5.73 5.48
N GLY A 81 1.25 -5.69 4.26
CA GLY A 81 1.34 -6.85 3.39
C GLY A 81 0.70 -6.58 2.04
N GLY A 82 0.33 -7.67 1.38
CA GLY A 82 -0.27 -7.73 0.05
C GLY A 82 -1.78 -7.82 0.13
N CYS A 83 -2.42 -8.33 -0.92
CA CYS A 83 -3.87 -8.28 -1.06
C CYS A 83 -4.53 -9.17 -0.01
N SER A 84 -3.95 -10.34 0.29
CA SER A 84 -4.60 -11.23 1.25
C SER A 84 -4.54 -10.61 2.64
N ASP A 85 -3.37 -10.08 3.00
CA ASP A 85 -3.16 -9.49 4.31
C ASP A 85 -4.04 -8.26 4.44
N LEU A 86 -4.08 -7.41 3.41
CA LEU A 86 -5.00 -6.29 3.34
C LEU A 86 -6.45 -6.72 3.52
N VAL A 87 -6.90 -7.80 2.86
CA VAL A 87 -8.23 -8.35 3.02
C VAL A 87 -8.42 -8.80 4.48
N SER A 88 -7.42 -9.40 5.15
CA SER A 88 -7.60 -9.93 6.50
C SER A 88 -7.85 -8.70 7.38
N LEU A 89 -6.92 -7.73 7.31
CA LEU A 89 -6.98 -6.55 8.12
C LEU A 89 -8.30 -5.82 7.81
N GLN A 90 -8.83 -5.85 6.59
CA GLN A 90 -10.16 -5.32 6.32
C GLN A 90 -11.24 -6.15 7.04
N GLN A 91 -11.41 -7.43 6.70
CA GLN A 91 -12.53 -8.25 7.07
C GLN A 91 -12.56 -8.56 8.57
N SER A 92 -11.39 -8.78 9.17
CA SER A 92 -11.19 -8.95 10.61
C SER A 92 -11.02 -7.60 11.31
N GLY A 93 -11.02 -6.49 10.56
CA GLY A 93 -11.11 -5.15 11.09
C GLY A 93 -9.80 -4.57 11.58
N GLU A 94 -8.65 -5.28 11.53
CA GLU A 94 -7.44 -4.71 12.12
C GLU A 94 -7.01 -3.43 11.40
N LEU A 95 -7.29 -3.33 10.09
CA LEU A 95 -6.92 -2.22 9.23
C LEU A 95 -7.48 -0.93 9.77
N LEU A 96 -8.68 -0.94 10.35
CA LEU A 96 -9.34 0.27 10.77
C LEU A 96 -8.58 0.90 11.93
N THR A 97 -8.16 0.10 12.90
CA THR A 97 -7.26 0.53 13.96
C THR A 97 -5.93 0.98 13.34
N ARG A 98 -5.30 0.12 12.53
CA ARG A 98 -3.98 0.38 11.92
C ARG A 98 -3.96 1.72 11.18
N LEU A 99 -5.05 2.05 10.47
CA LEU A 99 -5.28 3.33 9.83
C LEU A 99 -5.53 4.44 10.83
N LYS A 100 -6.53 4.35 11.71
CA LYS A 100 -6.89 5.54 12.50
C LYS A 100 -5.77 5.94 13.45
N GLN A 101 -4.96 4.97 13.86
CA GLN A 101 -3.68 5.14 14.53
C GLN A 101 -2.84 6.24 13.85
N ILE A 102 -2.88 6.35 12.50
CA ILE A 102 -2.07 7.31 11.74
C ILE A 102 -2.90 8.54 11.29
N GLY A 103 -4.09 8.75 11.83
CA GLY A 103 -4.91 9.93 11.57
C GLY A 103 -5.62 9.85 10.22
N ALA A 104 -6.14 8.67 9.87
CA ALA A 104 -6.69 8.34 8.57
C ALA A 104 -8.20 8.40 8.62
N LEU A 105 -8.91 7.40 9.15
CA LEU A 105 -10.34 7.51 9.16
C LEU A 105 -10.63 8.75 9.97
N GLN A 106 -11.54 9.56 9.43
CA GLN A 106 -11.72 10.93 9.85
C GLN A 106 -12.24 10.91 11.28
N ALA A 2 13.17 0.47 -3.53
CA ALA A 2 13.77 0.39 -4.85
C ALA A 2 13.67 1.75 -5.43
N GLN A 3 14.83 2.36 -5.56
CA GLN A 3 15.01 3.76 -5.79
C GLN A 3 14.36 4.66 -4.73
N GLU A 4 14.75 5.94 -4.73
CA GLU A 4 14.10 6.96 -3.92
C GLU A 4 12.66 7.21 -4.38
N PHE A 5 12.33 6.79 -5.61
CA PHE A 5 10.98 6.72 -6.13
C PHE A 5 10.07 6.01 -5.13
N VAL A 6 10.46 4.84 -4.61
CA VAL A 6 9.72 4.21 -3.51
C VAL A 6 9.93 5.01 -2.22
N ASN A 7 11.17 5.28 -1.81
CA ASN A 7 11.46 5.71 -0.43
C ASN A 7 10.71 7.00 -0.08
N CYS A 8 10.91 8.06 -0.87
CA CYS A 8 10.31 9.36 -0.59
C CYS A 8 8.86 9.47 -1.07
N LYS A 9 8.32 8.49 -1.81
CA LYS A 9 6.88 8.47 -2.03
C LYS A 9 6.13 8.26 -0.73
N ILE A 10 6.73 7.68 0.32
CA ILE A 10 6.01 7.41 1.56
C ILE A 10 6.29 8.56 2.53
N GLN A 11 5.37 8.78 3.47
CA GLN A 11 5.56 9.60 4.65
C GLN A 11 4.98 8.83 5.86
N PRO A 12 5.49 9.05 7.08
CA PRO A 12 5.06 8.31 8.28
C PRO A 12 3.75 8.89 8.84
N GLY A 13 2.69 8.79 8.06
CA GLY A 13 1.36 9.29 8.38
C GLY A 13 0.50 9.48 7.14
N LYS A 14 0.72 8.63 6.13
CA LYS A 14 -0.07 8.50 4.94
C LYS A 14 -0.30 7.02 4.69
N VAL A 15 -1.14 6.70 3.71
CA VAL A 15 -1.50 5.33 3.36
C VAL A 15 -0.98 5.16 1.94
N VAL A 16 0.03 4.32 1.75
CA VAL A 16 0.90 4.39 0.59
C VAL A 16 1.06 2.99 -0.01
N VAL A 17 0.59 2.80 -1.24
CA VAL A 17 0.55 1.49 -1.89
C VAL A 17 1.35 1.52 -3.18
N PHE A 18 2.26 0.54 -3.36
CA PHE A 18 2.99 0.36 -4.60
C PHE A 18 2.23 -0.70 -5.38
N ILE A 19 1.85 -0.38 -6.62
CA ILE A 19 0.90 -1.12 -7.45
C ILE A 19 1.37 -1.15 -8.89
N LYS A 20 0.74 -1.98 -9.72
CA LYS A 20 0.89 -2.00 -11.18
C LYS A 20 -0.53 -1.88 -11.76
N PRO A 21 -0.71 -1.26 -12.93
CA PRO A 21 -2.02 -1.13 -13.56
C PRO A 21 -2.49 -2.50 -14.07
N THR A 22 -1.57 -3.28 -14.62
CA THR A 22 -1.75 -4.62 -15.14
C THR A 22 -1.73 -5.65 -14.00
N CYS A 23 -2.49 -5.38 -12.93
CA CYS A 23 -2.78 -6.28 -11.82
C CYS A 23 -4.25 -6.13 -11.40
N PRO A 24 -5.02 -7.22 -11.33
CA PRO A 24 -6.34 -7.19 -10.76
C PRO A 24 -6.31 -7.21 -9.22
N TYR A 25 -5.21 -7.63 -8.58
CA TYR A 25 -5.15 -7.51 -7.12
C TYR A 25 -4.95 -6.04 -6.77
N CYS A 26 -4.20 -5.28 -7.56
CA CYS A 26 -4.01 -3.86 -7.30
C CYS A 26 -5.36 -3.15 -7.47
N ARG A 27 -6.14 -3.54 -8.49
CA ARG A 27 -7.51 -3.07 -8.65
C ARG A 27 -8.33 -3.32 -7.38
N ARG A 28 -8.34 -4.56 -6.90
CA ARG A 28 -9.04 -4.95 -5.68
C ARG A 28 -8.60 -4.04 -4.55
N ALA A 29 -7.30 -4.05 -4.26
CA ALA A 29 -6.72 -3.37 -3.12
C ALA A 29 -7.08 -1.90 -3.11
N GLN A 30 -7.06 -1.20 -4.24
CA GLN A 30 -7.53 0.16 -4.34
C GLN A 30 -8.94 0.32 -3.83
N GLU A 31 -9.85 -0.52 -4.29
CA GLU A 31 -11.26 -0.44 -4.01
C GLU A 31 -11.51 -0.76 -2.54
N ILE A 32 -10.94 -1.87 -2.08
CA ILE A 32 -10.87 -2.32 -0.70
C ILE A 32 -10.41 -1.16 0.18
N LEU A 33 -9.24 -0.58 -0.13
CA LEU A 33 -8.65 0.44 0.71
C LEU A 33 -9.54 1.67 0.69
N SER A 34 -9.99 2.10 -0.50
CA SER A 34 -10.80 3.31 -0.61
C SER A 34 -12.17 3.20 0.08
N GLN A 35 -12.69 1.99 0.35
CA GLN A 35 -14.01 1.85 0.99
C GLN A 35 -13.92 2.22 2.47
N LEU A 36 -12.76 2.06 3.08
CA LEU A 36 -12.51 2.55 4.43
C LEU A 36 -12.41 4.08 4.34
N PRO A 37 -13.04 4.85 5.24
CA PRO A 37 -13.22 6.30 5.07
C PRO A 37 -11.98 7.09 5.51
N ILE A 38 -10.86 6.88 4.83
CA ILE A 38 -9.56 7.48 5.16
C ILE A 38 -9.66 9.01 5.01
N LYS A 39 -8.91 9.75 5.85
CA LYS A 39 -8.69 11.18 5.75
C LYS A 39 -8.34 11.54 4.32
N GLN A 40 -9.10 12.46 3.73
CA GLN A 40 -8.98 12.76 2.31
C GLN A 40 -7.55 13.21 2.00
N GLY A 41 -6.93 12.60 0.98
CA GLY A 41 -5.58 12.93 0.56
C GLY A 41 -4.51 12.11 1.26
N LEU A 42 -4.84 11.24 2.22
CA LEU A 42 -3.82 10.37 2.79
C LEU A 42 -3.50 9.18 1.90
N LEU A 43 -4.48 8.69 1.13
CA LEU A 43 -4.37 7.41 0.43
C LEU A 43 -3.71 7.70 -0.92
N GLU A 44 -2.52 7.16 -1.18
CA GLU A 44 -1.81 7.29 -2.43
C GLU A 44 -1.51 5.90 -2.97
N PHE A 45 -1.79 5.70 -4.26
CA PHE A 45 -1.42 4.51 -5.00
C PHE A 45 -0.33 4.94 -5.99
N VAL A 46 0.71 4.12 -6.17
CA VAL A 46 1.96 4.50 -6.79
C VAL A 46 2.37 3.41 -7.77
N ASP A 47 2.26 3.71 -9.06
CA ASP A 47 2.57 2.79 -10.15
C ASP A 47 4.06 2.43 -10.19
N ILE A 48 4.39 1.13 -10.12
CA ILE A 48 5.75 0.61 -10.26
C ILE A 48 6.21 0.60 -11.73
N THR A 49 5.29 0.65 -12.67
CA THR A 49 5.55 0.64 -14.09
C THR A 49 5.78 2.06 -14.62
N ALA A 50 5.63 3.10 -13.77
CA ALA A 50 5.71 4.50 -14.15
C ALA A 50 6.99 4.79 -14.94
N THR A 51 8.16 4.52 -14.37
CA THR A 51 9.41 4.54 -15.10
C THR A 51 10.41 3.52 -14.51
N ASN A 52 10.94 3.76 -13.31
CA ASN A 52 12.18 3.19 -12.76
C ASN A 52 12.47 1.75 -13.21
N HIS A 53 11.93 0.74 -12.51
CA HIS A 53 12.02 -0.67 -12.85
C HIS A 53 10.95 -1.38 -12.02
N THR A 54 9.80 -1.71 -12.59
CA THR A 54 8.72 -2.41 -11.89
C THR A 54 9.30 -3.64 -11.24
N ASN A 55 9.81 -4.54 -12.09
CA ASN A 55 10.35 -5.83 -11.75
C ASN A 55 11.61 -5.76 -10.86
N GLU A 56 12.19 -4.57 -10.60
CA GLU A 56 13.11 -4.42 -9.48
C GLU A 56 12.33 -4.03 -8.22
N ILE A 57 11.28 -3.23 -8.34
CA ILE A 57 10.63 -2.58 -7.22
C ILE A 57 9.89 -3.67 -6.44
N GLN A 58 9.10 -4.48 -7.15
CA GLN A 58 8.37 -5.59 -6.58
C GLN A 58 9.33 -6.52 -5.86
N ASP A 59 10.46 -6.81 -6.51
CA ASP A 59 11.55 -7.63 -6.00
C ASP A 59 12.06 -7.09 -4.67
N TYR A 60 12.47 -5.83 -4.70
CA TYR A 60 13.02 -5.07 -3.59
C TYR A 60 12.03 -5.03 -2.40
N LEU A 61 10.72 -5.10 -2.62
CA LEU A 61 9.77 -5.17 -1.52
C LEU A 61 9.99 -6.43 -0.66
N GLN A 62 10.47 -7.52 -1.24
CA GLN A 62 10.78 -8.72 -0.47
C GLN A 62 11.84 -8.40 0.59
N GLN A 63 12.79 -7.54 0.24
CA GLN A 63 13.82 -7.06 1.14
C GLN A 63 13.27 -6.02 2.11
N LEU A 64 12.55 -5.01 1.59
CA LEU A 64 12.21 -3.80 2.33
C LEU A 64 11.06 -4.08 3.31
N THR A 65 10.14 -5.02 3.02
CA THR A 65 9.11 -5.47 3.95
C THR A 65 9.24 -6.96 4.22
N GLY A 66 9.07 -7.79 3.18
CA GLY A 66 9.06 -9.23 3.36
C GLY A 66 8.59 -10.01 2.13
N ALA A 67 7.63 -9.47 1.36
CA ALA A 67 7.06 -10.17 0.21
C ALA A 67 7.37 -9.38 -1.07
N ARG A 68 7.59 -10.10 -2.16
CA ARG A 68 7.98 -9.51 -3.44
C ARG A 68 6.78 -9.00 -4.25
N THR A 69 5.64 -8.87 -3.60
CA THR A 69 4.35 -8.84 -4.26
C THR A 69 3.80 -7.43 -4.28
N VAL A 70 2.82 -7.27 -5.15
CA VAL A 70 2.04 -6.09 -5.35
C VAL A 70 0.59 -6.57 -5.51
N PRO A 71 -0.41 -5.80 -5.02
CA PRO A 71 -0.25 -4.58 -4.26
C PRO A 71 0.35 -4.91 -2.89
N ARG A 72 1.01 -3.94 -2.26
CA ARG A 72 1.55 -4.11 -0.93
C ARG A 72 1.46 -2.76 -0.25
N VAL A 73 0.90 -2.71 0.96
CA VAL A 73 0.42 -1.49 1.59
C VAL A 73 1.37 -1.07 2.71
N PHE A 74 1.83 0.17 2.71
CA PHE A 74 2.36 0.86 3.88
C PHE A 74 1.19 1.63 4.47
N ILE A 75 0.87 1.42 5.74
CA ILE A 75 0.08 2.33 6.54
C ILE A 75 1.13 3.03 7.44
N GLY A 76 1.34 4.33 7.25
CA GLY A 76 2.30 5.12 8.01
C GLY A 76 3.71 4.51 8.02
N LYS A 77 4.29 4.31 6.84
CA LYS A 77 5.52 3.57 6.56
C LYS A 77 5.67 2.19 7.22
N ASP A 78 4.70 1.68 7.95
CA ASP A 78 4.71 0.32 8.49
C ASP A 78 3.91 -0.57 7.52
N CYS A 79 4.33 -1.82 7.27
CA CYS A 79 3.73 -2.64 6.23
C CYS A 79 2.76 -3.67 6.80
N ILE A 80 1.52 -3.62 6.29
CA ILE A 80 0.42 -4.41 6.81
C ILE A 80 0.43 -5.81 6.19
N GLY A 81 1.06 -5.96 5.02
CA GLY A 81 1.03 -7.16 4.22
C GLY A 81 0.63 -6.87 2.78
N GLY A 82 0.27 -7.94 2.08
CA GLY A 82 -0.15 -7.93 0.68
C GLY A 82 -1.67 -7.93 0.58
N CYS A 83 -2.23 -8.25 -0.60
CA CYS A 83 -3.67 -8.20 -0.79
C CYS A 83 -4.36 -9.25 0.08
N SER A 84 -3.73 -10.41 0.31
CA SER A 84 -4.38 -11.45 1.10
C SER A 84 -4.64 -10.97 2.53
N ASP A 85 -3.64 -10.28 3.10
CA ASP A 85 -3.70 -9.68 4.43
C ASP A 85 -4.73 -8.57 4.38
N LEU A 86 -4.55 -7.64 3.44
CA LEU A 86 -5.37 -6.45 3.28
C LEU A 86 -6.86 -6.79 3.24
N VAL A 87 -7.24 -7.88 2.57
CA VAL A 87 -8.60 -8.39 2.56
C VAL A 87 -9.02 -8.68 4.00
N SER A 88 -8.35 -9.56 4.77
CA SER A 88 -8.66 -9.73 6.20
C SER A 88 -8.76 -8.43 6.98
N LEU A 89 -7.72 -7.61 6.93
CA LEU A 89 -7.69 -6.38 7.70
C LEU A 89 -8.86 -5.49 7.28
N GLN A 90 -9.32 -5.49 6.02
CA GLN A 90 -10.49 -4.73 5.62
C GLN A 90 -11.77 -5.39 6.18
N GLN A 91 -11.96 -6.70 5.95
CA GLN A 91 -13.19 -7.44 6.19
C GLN A 91 -13.44 -7.56 7.69
N SER A 92 -12.49 -8.17 8.42
CA SER A 92 -12.50 -8.26 9.87
C SER A 92 -12.31 -6.88 10.52
N GLY A 93 -11.84 -5.92 9.73
CA GLY A 93 -11.71 -4.55 10.17
C GLY A 93 -10.44 -4.29 10.97
N GLU A 94 -9.45 -5.19 11.00
CA GLU A 94 -8.23 -4.86 11.74
C GLU A 94 -7.49 -3.65 11.11
N LEU A 95 -7.71 -3.38 9.81
CA LEU A 95 -7.18 -2.20 9.13
C LEU A 95 -7.74 -0.91 9.71
N LEU A 96 -8.92 -0.91 10.33
CA LEU A 96 -9.48 0.33 10.88
C LEU A 96 -8.58 0.82 11.99
N THR A 97 -8.25 -0.03 12.95
CA THR A 97 -7.29 0.26 14.01
C THR A 97 -5.93 0.63 13.40
N ARG A 98 -5.42 -0.21 12.48
CA ARG A 98 -4.16 0.03 11.78
C ARG A 98 -4.09 1.48 11.25
N LEU A 99 -5.13 1.89 10.51
CA LEU A 99 -5.26 3.20 9.90
C LEU A 99 -5.42 4.28 10.95
N LYS A 100 -6.37 4.14 11.88
CA LYS A 100 -6.62 5.23 12.83
C LYS A 100 -5.41 5.53 13.69
N GLN A 101 -4.52 4.55 13.91
CA GLN A 101 -3.24 4.78 14.57
C GLN A 101 -2.40 5.84 13.86
N ILE A 102 -2.46 5.95 12.52
CA ILE A 102 -1.75 7.03 11.80
C ILE A 102 -2.50 8.36 11.87
N GLY A 103 -3.78 8.35 12.26
CA GLY A 103 -4.71 9.46 12.11
C GLY A 103 -5.23 9.43 10.68
N ALA A 104 -6.25 8.61 10.41
CA ALA A 104 -6.82 8.36 9.10
C ALA A 104 -8.33 8.41 9.14
N LEU A 105 -9.06 7.40 9.63
CA LEU A 105 -10.50 7.45 9.50
C LEU A 105 -11.02 8.60 10.34
N GLN A 106 -11.92 9.34 9.73
CA GLN A 106 -12.24 10.70 10.11
C GLN A 106 -13.58 10.72 10.81
N ALA A 2 16.39 0.34 -6.48
CA ALA A 2 15.33 1.34 -6.48
C ALA A 2 14.92 1.74 -5.05
N GLN A 3 15.90 1.90 -4.14
CA GLN A 3 15.68 2.41 -2.80
C GLN A 3 15.63 3.95 -2.83
N GLU A 4 14.64 4.50 -3.53
CA GLU A 4 14.48 5.94 -3.71
C GLU A 4 13.05 6.17 -4.19
N PHE A 5 12.62 5.61 -5.32
CA PHE A 5 11.25 5.82 -5.77
C PHE A 5 10.27 5.36 -4.70
N VAL A 6 10.34 4.08 -4.31
CA VAL A 6 9.53 3.53 -3.22
C VAL A 6 9.93 4.23 -1.92
N ASN A 7 11.24 4.31 -1.65
CA ASN A 7 11.81 4.65 -0.35
C ASN A 7 11.56 6.12 0.02
N CYS A 8 11.18 6.97 -0.95
CA CYS A 8 10.79 8.36 -0.76
C CYS A 8 9.28 8.55 -0.85
N LYS A 9 8.55 7.68 -1.57
CA LYS A 9 7.10 7.83 -1.73
C LYS A 9 6.39 7.69 -0.40
N ILE A 10 6.77 6.70 0.41
CA ILE A 10 6.13 6.44 1.68
C ILE A 10 6.41 7.64 2.60
N GLN A 11 5.42 8.05 3.40
CA GLN A 11 5.60 8.94 4.54
C GLN A 11 5.07 8.24 5.79
N PRO A 12 5.51 8.61 7.00
CA PRO A 12 5.15 7.94 8.25
C PRO A 12 3.73 8.22 8.75
N GLY A 13 2.89 8.73 7.85
CA GLY A 13 1.55 9.22 8.10
C GLY A 13 0.82 9.50 6.79
N LYS A 14 0.91 8.59 5.82
CA LYS A 14 0.08 8.55 4.62
C LYS A 14 -0.20 7.06 4.40
N VAL A 15 -1.19 6.73 3.58
CA VAL A 15 -1.41 5.37 3.14
C VAL A 15 -0.84 5.27 1.73
N VAL A 16 0.35 4.72 1.58
CA VAL A 16 1.02 4.64 0.30
C VAL A 16 0.94 3.20 -0.16
N VAL A 17 0.42 2.98 -1.37
CA VAL A 17 0.12 1.64 -1.86
C VAL A 17 0.80 1.47 -3.21
N PHE A 18 1.85 0.65 -3.26
CA PHE A 18 2.51 0.38 -4.53
C PHE A 18 1.65 -0.60 -5.30
N ILE A 19 1.40 -0.31 -6.57
CA ILE A 19 0.54 -1.05 -7.49
C ILE A 19 1.23 -1.12 -8.86
N LYS A 20 0.75 -2.02 -9.71
CA LYS A 20 0.96 -1.94 -11.15
C LYS A 20 -0.44 -1.70 -11.75
N PRO A 21 -0.54 -0.93 -12.86
CA PRO A 21 -1.79 -0.30 -13.30
C PRO A 21 -2.75 -1.27 -14.01
N THR A 22 -2.56 -2.57 -13.88
CA THR A 22 -3.08 -3.60 -14.77
C THR A 22 -3.79 -4.72 -14.02
N CYS A 23 -3.47 -4.88 -12.74
CA CYS A 23 -3.69 -6.12 -12.03
C CYS A 23 -5.01 -6.20 -11.26
N PRO A 24 -5.60 -7.40 -11.13
CA PRO A 24 -6.76 -7.62 -10.28
C PRO A 24 -6.42 -7.45 -8.80
N TYR A 25 -5.15 -7.64 -8.42
CA TYR A 25 -4.71 -7.65 -7.04
C TYR A 25 -4.74 -6.19 -6.57
N CYS A 26 -4.25 -5.29 -7.43
CA CYS A 26 -4.16 -3.87 -7.23
C CYS A 26 -5.59 -3.32 -7.15
N ARG A 27 -6.42 -3.68 -8.14
CA ARG A 27 -7.82 -3.29 -8.23
C ARG A 27 -8.58 -3.64 -6.98
N ARG A 28 -8.42 -4.87 -6.49
CA ARG A 28 -9.08 -5.30 -5.27
C ARG A 28 -8.71 -4.34 -4.17
N ALA A 29 -7.42 -4.22 -3.88
CA ALA A 29 -6.96 -3.37 -2.80
C ALA A 29 -7.48 -1.95 -2.95
N GLN A 30 -7.58 -1.41 -4.16
CA GLN A 30 -8.18 -0.15 -4.45
C GLN A 30 -9.61 -0.06 -3.94
N GLU A 31 -10.49 -0.96 -4.35
CA GLU A 31 -11.91 -0.83 -4.01
C GLU A 31 -12.14 -1.12 -2.53
N ILE A 32 -11.37 -2.06 -1.99
CA ILE A 32 -11.33 -2.40 -0.59
C ILE A 32 -10.94 -1.18 0.23
N LEU A 33 -9.86 -0.50 -0.17
CA LEU A 33 -9.32 0.57 0.61
C LEU A 33 -10.18 1.81 0.42
N SER A 34 -10.49 2.17 -0.82
CA SER A 34 -10.99 3.52 -1.10
C SER A 34 -12.37 3.79 -0.51
N GLN A 35 -13.20 2.76 -0.30
CA GLN A 35 -14.52 2.94 0.27
C GLN A 35 -14.47 3.07 1.81
N LEU A 36 -13.32 2.82 2.45
CA LEU A 36 -13.14 3.16 3.84
C LEU A 36 -12.98 4.68 3.91
N PRO A 37 -13.64 5.39 4.84
CA PRO A 37 -13.52 6.84 4.98
C PRO A 37 -12.16 7.16 5.59
N ILE A 38 -11.21 7.64 4.80
CA ILE A 38 -9.82 7.86 5.21
C ILE A 38 -9.54 9.34 4.94
N LYS A 39 -8.63 9.97 5.69
CA LYS A 39 -8.37 11.40 5.53
C LYS A 39 -7.95 11.66 4.08
N GLN A 40 -8.66 12.55 3.40
CA GLN A 40 -8.48 12.69 1.96
C GLN A 40 -7.07 13.20 1.69
N GLY A 41 -6.40 12.63 0.70
CA GLY A 41 -5.02 12.92 0.39
C GLY A 41 -4.03 12.06 1.19
N LEU A 42 -4.48 11.13 2.05
CA LEU A 42 -3.56 10.14 2.58
C LEU A 42 -3.30 9.02 1.59
N LEU A 43 -4.34 8.57 0.86
CA LEU A 43 -4.36 7.27 0.21
C LEU A 43 -3.86 7.38 -1.22
N GLU A 44 -2.57 7.17 -1.45
CA GLU A 44 -1.96 7.29 -2.76
C GLU A 44 -1.56 5.91 -3.27
N PHE A 45 -2.20 5.49 -4.36
CA PHE A 45 -1.80 4.32 -5.13
C PHE A 45 -0.71 4.78 -6.10
N VAL A 46 0.48 4.21 -5.98
CA VAL A 46 1.74 4.62 -6.60
C VAL A 46 2.14 3.55 -7.59
N ASP A 47 2.49 3.95 -8.81
CA ASP A 47 2.72 3.02 -9.91
C ASP A 47 4.14 2.46 -9.83
N ILE A 48 4.33 1.17 -10.07
CA ILE A 48 5.65 0.54 -10.17
C ILE A 48 6.08 0.35 -11.63
N THR A 49 5.35 0.82 -12.62
CA THR A 49 5.65 0.57 -14.03
C THR A 49 5.95 1.86 -14.77
N ALA A 50 5.40 2.98 -14.31
CA ALA A 50 5.31 4.23 -15.06
C ALA A 50 6.68 4.70 -15.52
N THR A 51 7.60 4.86 -14.56
CA THR A 51 8.79 5.69 -14.72
C THR A 51 9.99 5.14 -13.95
N ASN A 52 9.89 3.95 -13.35
CA ASN A 52 10.78 3.56 -12.25
C ASN A 52 11.19 2.09 -12.11
N HIS A 53 10.72 1.18 -12.97
CA HIS A 53 11.13 -0.24 -13.03
C HIS A 53 10.66 -1.09 -11.86
N THR A 54 9.46 -1.63 -12.08
CA THR A 54 8.78 -2.70 -11.37
C THR A 54 9.78 -3.71 -10.87
N ASN A 55 10.46 -4.38 -11.79
CA ASN A 55 11.36 -5.48 -11.48
C ASN A 55 12.33 -5.11 -10.34
N GLU A 56 12.93 -3.93 -10.43
CA GLU A 56 13.86 -3.38 -9.45
C GLU A 56 13.15 -3.06 -8.14
N ILE A 57 12.04 -2.33 -8.24
CA ILE A 57 11.19 -1.93 -7.13
C ILE A 57 10.74 -3.15 -6.33
N GLN A 58 10.37 -4.23 -7.01
CA GLN A 58 9.73 -5.41 -6.46
C GLN A 58 10.82 -6.14 -5.67
N ASP A 59 12.00 -6.29 -6.28
CA ASP A 59 13.19 -6.89 -5.68
C ASP A 59 13.55 -6.17 -4.38
N TYR A 60 13.59 -4.83 -4.41
CA TYR A 60 13.86 -4.01 -3.24
C TYR A 60 12.73 -4.13 -2.19
N LEU A 61 11.46 -4.07 -2.62
CA LEU A 61 10.30 -4.15 -1.73
C LEU A 61 10.36 -5.42 -0.90
N GLN A 62 10.73 -6.55 -1.53
CA GLN A 62 10.93 -7.80 -0.82
C GLN A 62 11.96 -7.59 0.28
N GLN A 63 13.16 -7.11 -0.06
CA GLN A 63 14.24 -6.97 0.89
C GLN A 63 13.80 -6.09 2.06
N LEU A 64 13.25 -4.92 1.74
CA LEU A 64 12.90 -3.87 2.69
C LEU A 64 11.87 -4.41 3.68
N THR A 65 10.83 -5.11 3.22
CA THR A 65 9.71 -5.52 4.06
C THR A 65 9.85 -6.98 4.48
N GLY A 66 9.77 -7.91 3.53
CA GLY A 66 9.74 -9.35 3.71
C GLY A 66 8.77 -10.02 2.73
N ALA A 67 8.03 -9.25 1.92
CA ALA A 67 7.25 -9.77 0.81
C ALA A 67 7.25 -8.77 -0.32
N ARG A 68 6.98 -9.24 -1.53
CA ARG A 68 7.07 -8.40 -2.72
C ARG A 68 5.73 -8.31 -3.43
N THR A 69 4.88 -9.32 -3.33
CA THR A 69 3.79 -9.47 -4.28
C THR A 69 2.87 -8.25 -4.17
N VAL A 70 2.50 -7.67 -5.30
CA VAL A 70 1.77 -6.42 -5.29
C VAL A 70 0.28 -6.71 -5.09
N PRO A 71 -0.53 -5.72 -4.64
CA PRO A 71 -0.12 -4.40 -4.15
C PRO A 71 0.68 -4.53 -2.84
N ARG A 72 1.29 -3.44 -2.37
CA ARG A 72 1.93 -3.40 -1.05
C ARG A 72 1.42 -2.17 -0.34
N VAL A 73 0.45 -2.32 0.57
CA VAL A 73 -0.07 -1.20 1.36
C VAL A 73 0.93 -0.90 2.47
N PHE A 74 1.32 0.37 2.61
CA PHE A 74 2.07 0.93 3.74
C PHE A 74 1.14 1.91 4.43
N ILE A 75 0.60 1.53 5.58
CA ILE A 75 -0.12 2.43 6.48
C ILE A 75 1.00 3.10 7.31
N GLY A 76 1.34 4.35 7.00
CA GLY A 76 2.34 5.15 7.72
C GLY A 76 3.67 4.41 7.92
N LYS A 77 4.35 4.11 6.80
CA LYS A 77 5.50 3.23 6.68
C LYS A 77 5.41 1.86 7.37
N ASP A 78 4.25 1.41 7.82
CA ASP A 78 4.06 0.05 8.29
C ASP A 78 3.39 -0.73 7.18
N CYS A 79 4.16 -1.57 6.46
CA CYS A 79 3.58 -2.40 5.42
C CYS A 79 2.69 -3.45 6.08
N ILE A 80 1.40 -3.41 5.78
CA ILE A 80 0.42 -4.31 6.35
C ILE A 80 0.39 -5.64 5.60
N GLY A 81 0.78 -5.61 4.33
CA GLY A 81 0.76 -6.78 3.47
C GLY A 81 0.28 -6.44 2.07
N GLY A 82 0.08 -7.51 1.30
CA GLY A 82 -0.49 -7.48 -0.04
C GLY A 82 -2.00 -7.67 0.00
N CYS A 83 -2.64 -7.88 -1.16
CA CYS A 83 -4.09 -7.88 -1.26
C CYS A 83 -4.69 -9.01 -0.42
N SER A 84 -4.05 -10.18 -0.38
CA SER A 84 -4.58 -11.31 0.35
C SER A 84 -4.53 -11.08 1.87
N ASP A 85 -3.54 -10.35 2.36
CA ASP A 85 -3.46 -9.97 3.78
C ASP A 85 -4.48 -8.88 4.04
N LEU A 86 -4.47 -7.84 3.20
CA LEU A 86 -5.33 -6.66 3.28
C LEU A 86 -6.81 -7.04 3.36
N VAL A 87 -7.26 -8.12 2.70
CA VAL A 87 -8.61 -8.61 2.82
C VAL A 87 -8.91 -8.89 4.30
N SER A 88 -8.07 -9.63 5.04
CA SER A 88 -8.38 -9.93 6.43
C SER A 88 -8.41 -8.61 7.19
N LEU A 89 -7.44 -7.73 6.98
CA LEU A 89 -7.42 -6.51 7.75
C LEU A 89 -8.70 -5.71 7.50
N GLN A 90 -9.31 -5.76 6.31
CA GLN A 90 -10.62 -5.17 6.10
C GLN A 90 -11.67 -5.99 6.88
N GLN A 91 -11.84 -7.28 6.56
CA GLN A 91 -12.94 -8.16 6.96
C GLN A 91 -12.94 -8.38 8.48
N SER A 92 -11.80 -8.76 9.05
CA SER A 92 -11.54 -8.87 10.48
C SER A 92 -11.38 -7.49 11.15
N GLY A 93 -11.40 -6.39 10.38
CA GLY A 93 -11.45 -5.04 10.91
C GLY A 93 -10.12 -4.47 11.39
N GLU A 94 -9.00 -5.23 11.32
CA GLU A 94 -7.73 -4.78 11.88
C GLU A 94 -7.27 -3.47 11.22
N LEU A 95 -7.57 -3.32 9.92
CA LEU A 95 -7.16 -2.17 9.13
C LEU A 95 -7.72 -0.89 9.70
N LEU A 96 -8.92 -0.93 10.29
CA LEU A 96 -9.61 0.27 10.73
C LEU A 96 -8.84 0.90 11.89
N THR A 97 -8.31 0.09 12.81
CA THR A 97 -7.46 0.60 13.88
C THR A 97 -6.11 0.99 13.29
N ARG A 98 -5.49 0.12 12.47
CA ARG A 98 -4.20 0.41 11.82
C ARG A 98 -4.21 1.75 11.10
N LEU A 99 -5.30 2.08 10.41
CA LEU A 99 -5.51 3.36 9.77
C LEU A 99 -5.62 4.47 10.80
N LYS A 100 -6.54 4.39 11.76
CA LYS A 100 -6.67 5.46 12.76
C LYS A 100 -5.39 5.67 13.57
N GLN A 101 -4.52 4.66 13.69
CA GLN A 101 -3.19 4.78 14.23
C GLN A 101 -2.45 5.96 13.59
N ILE A 102 -2.58 6.16 12.26
CA ILE A 102 -1.80 7.17 11.55
C ILE A 102 -2.56 8.50 11.37
N GLY A 103 -3.82 8.59 11.83
CA GLY A 103 -4.66 9.76 11.63
C GLY A 103 -5.40 9.69 10.30
N ALA A 104 -6.22 8.66 10.11
CA ALA A 104 -6.86 8.32 8.84
C ALA A 104 -8.38 8.41 8.92
N LEU A 105 -9.09 7.49 9.59
CA LEU A 105 -10.52 7.64 9.66
C LEU A 105 -10.77 8.95 10.41
N GLN A 106 -11.69 9.75 9.89
CA GLN A 106 -11.68 11.19 10.10
C GLN A 106 -12.39 11.57 11.39
N ALA A 2 16.94 1.63 -7.82
CA ALA A 2 15.68 2.15 -7.28
C ALA A 2 15.55 1.77 -5.81
N GLN A 3 15.45 2.76 -4.91
CA GLN A 3 14.99 2.57 -3.54
C GLN A 3 14.05 3.72 -3.18
N GLU A 4 14.51 4.97 -3.29
CA GLU A 4 13.73 6.12 -2.83
C GLU A 4 12.42 6.32 -3.59
N PHE A 5 12.23 5.71 -4.77
CA PHE A 5 10.93 5.70 -5.45
C PHE A 5 9.86 5.19 -4.47
N VAL A 6 10.17 4.11 -3.76
CA VAL A 6 9.38 3.61 -2.64
C VAL A 6 9.70 4.44 -1.40
N ASN A 7 10.97 4.45 -0.96
CA ASN A 7 11.32 4.81 0.40
C ASN A 7 11.12 6.30 0.73
N CYS A 8 10.90 7.16 -0.28
CA CYS A 8 10.58 8.57 -0.10
C CYS A 8 9.10 8.89 -0.38
N LYS A 9 8.33 8.02 -1.05
CA LYS A 9 6.90 8.24 -1.21
C LYS A 9 6.27 8.21 0.17
N ILE A 10 6.46 7.08 0.88
CA ILE A 10 5.80 6.83 2.14
C ILE A 10 6.38 7.78 3.21
N GLN A 11 5.57 8.13 4.19
CA GLN A 11 5.97 8.70 5.49
C GLN A 11 4.98 8.12 6.53
N PRO A 12 5.16 8.33 7.85
CA PRO A 12 4.48 7.53 8.88
C PRO A 12 3.01 7.92 9.11
N GLY A 13 2.44 8.62 8.16
CA GLY A 13 1.10 9.19 8.17
C GLY A 13 0.50 9.25 6.76
N LYS A 14 1.10 8.60 5.75
CA LYS A 14 0.51 8.43 4.42
C LYS A 14 0.08 6.98 4.25
N VAL A 15 -0.97 6.71 3.49
CA VAL A 15 -1.40 5.38 3.13
C VAL A 15 -0.95 5.12 1.68
N VAL A 16 0.28 4.64 1.48
CA VAL A 16 0.76 4.38 0.13
C VAL A 16 0.42 2.94 -0.23
N VAL A 17 0.16 2.67 -1.51
CA VAL A 17 0.07 1.33 -2.05
C VAL A 17 0.90 1.30 -3.31
N PHE A 18 1.96 0.50 -3.34
CA PHE A 18 2.71 0.28 -4.59
C PHE A 18 1.95 -0.76 -5.39
N ILE A 19 1.68 -0.46 -6.66
CA ILE A 19 0.74 -1.18 -7.52
C ILE A 19 1.27 -1.25 -8.95
N LYS A 20 0.55 -1.97 -9.82
CA LYS A 20 0.61 -1.82 -11.27
C LYS A 20 -0.85 -1.91 -11.76
N PRO A 21 -1.26 -1.16 -12.79
CA PRO A 21 -2.66 -1.01 -13.16
C PRO A 21 -3.28 -2.31 -13.65
N THR A 22 -2.49 -3.18 -14.27
CA THR A 22 -2.96 -4.43 -14.83
C THR A 22 -3.43 -5.40 -13.74
N CYS A 23 -2.77 -5.39 -12.58
CA CYS A 23 -2.99 -6.31 -11.49
C CYS A 23 -4.44 -6.17 -10.99
N PRO A 24 -5.28 -7.21 -11.06
CA PRO A 24 -6.60 -7.19 -10.46
C PRO A 24 -6.52 -7.21 -8.92
N TYR A 25 -5.38 -7.65 -8.35
CA TYR A 25 -5.21 -7.65 -6.91
C TYR A 25 -5.01 -6.21 -6.50
N CYS A 26 -4.25 -5.42 -7.28
CA CYS A 26 -4.08 -4.01 -7.02
C CYS A 26 -5.44 -3.33 -7.09
N ARG A 27 -6.24 -3.58 -8.14
CA ARG A 27 -7.55 -2.97 -8.28
C ARG A 27 -8.45 -3.26 -7.09
N ARG A 28 -8.52 -4.52 -6.62
CA ARG A 28 -9.29 -4.80 -5.43
C ARG A 28 -8.79 -3.96 -4.28
N ALA A 29 -7.49 -4.03 -4.01
CA ALA A 29 -6.89 -3.29 -2.92
C ALA A 29 -7.24 -1.80 -2.97
N GLN A 30 -7.28 -1.20 -4.17
CA GLN A 30 -7.77 0.14 -4.38
C GLN A 30 -9.18 0.33 -3.89
N GLU A 31 -10.11 -0.51 -4.30
CA GLU A 31 -11.51 -0.43 -3.92
C GLU A 31 -11.64 -0.59 -2.42
N ILE A 32 -11.11 -1.70 -1.89
CA ILE A 32 -11.04 -2.05 -0.49
C ILE A 32 -10.53 -0.88 0.33
N LEU A 33 -9.45 -0.22 -0.12
CA LEU A 33 -8.88 0.85 0.67
C LEU A 33 -9.73 2.11 0.47
N SER A 34 -10.15 2.41 -0.77
CA SER A 34 -10.97 3.60 -1.03
C SER A 34 -12.31 3.62 -0.30
N GLN A 35 -12.84 2.46 0.12
CA GLN A 35 -14.15 2.33 0.74
C GLN A 35 -14.15 2.87 2.17
N LEU A 36 -12.99 3.14 2.76
CA LEU A 36 -12.87 3.64 4.11
C LEU A 36 -12.67 5.17 4.05
N PRO A 37 -13.39 5.96 4.86
CA PRO A 37 -13.40 7.42 4.77
C PRO A 37 -12.11 7.99 5.40
N ILE A 38 -11.02 7.98 4.63
CA ILE A 38 -9.67 8.23 5.13
C ILE A 38 -9.33 9.67 4.74
N LYS A 39 -8.41 10.30 5.46
CA LYS A 39 -7.91 11.62 5.15
C LYS A 39 -7.49 11.67 3.69
N GLN A 40 -8.05 12.58 2.91
CA GLN A 40 -7.71 12.63 1.50
C GLN A 40 -6.24 13.04 1.33
N GLY A 41 -5.65 12.68 0.21
CA GLY A 41 -4.23 12.88 -0.02
C GLY A 41 -3.36 11.85 0.69
N LEU A 42 -3.85 11.16 1.74
CA LEU A 42 -3.08 10.10 2.34
C LEU A 42 -3.07 8.88 1.43
N LEU A 43 -4.18 8.58 0.75
CA LEU A 43 -4.30 7.34 0.02
C LEU A 43 -3.66 7.54 -1.35
N GLU A 44 -2.45 7.02 -1.59
CA GLU A 44 -1.79 7.14 -2.87
C GLU A 44 -1.44 5.77 -3.43
N PHE A 45 -2.10 5.41 -4.53
CA PHE A 45 -1.80 4.25 -5.33
C PHE A 45 -0.66 4.63 -6.29
N VAL A 46 0.55 4.14 -6.04
CA VAL A 46 1.77 4.45 -6.76
C VAL A 46 2.00 3.34 -7.77
N ASP A 47 1.75 3.62 -9.05
CA ASP A 47 2.19 2.73 -10.13
C ASP A 47 3.71 2.65 -10.18
N ILE A 48 4.23 1.44 -10.29
CA ILE A 48 5.65 1.13 -10.43
C ILE A 48 5.96 0.69 -11.87
N THR A 49 4.95 0.36 -12.69
CA THR A 49 5.09 0.04 -14.11
C THR A 49 5.05 1.32 -14.97
N ALA A 50 4.76 2.47 -14.35
CA ALA A 50 4.95 3.83 -14.80
C ALA A 50 6.44 4.10 -14.97
N THR A 51 7.01 3.43 -15.98
CA THR A 51 8.35 3.51 -16.55
C THR A 51 9.53 3.28 -15.59
N ASN A 52 9.29 3.13 -14.27
CA ASN A 52 10.30 3.36 -13.25
C ASN A 52 10.93 2.05 -12.72
N HIS A 53 10.73 0.94 -13.43
CA HIS A 53 11.29 -0.41 -13.25
C HIS A 53 10.53 -1.14 -12.11
N THR A 54 9.42 -1.83 -12.40
CA THR A 54 8.80 -2.74 -11.46
C THR A 54 9.81 -3.62 -10.78
N ASN A 55 10.51 -4.48 -11.54
CA ASN A 55 11.39 -5.50 -11.00
C ASN A 55 12.28 -4.91 -9.92
N GLU A 56 12.97 -3.81 -10.20
CA GLU A 56 13.90 -3.20 -9.26
C GLU A 56 13.17 -2.80 -7.98
N ILE A 57 12.05 -2.08 -8.14
CA ILE A 57 11.25 -1.58 -7.03
C ILE A 57 10.70 -2.79 -6.23
N GLN A 58 10.37 -3.88 -6.91
CA GLN A 58 9.63 -5.01 -6.38
C GLN A 58 10.65 -5.85 -5.59
N ASP A 59 11.89 -5.94 -6.11
CA ASP A 59 13.05 -6.58 -5.51
C ASP A 59 13.45 -5.87 -4.23
N TYR A 60 13.50 -4.54 -4.32
CA TYR A 60 13.71 -3.66 -3.19
C TYR A 60 12.58 -3.84 -2.16
N LEU A 61 11.31 -3.88 -2.58
CA LEU A 61 10.18 -4.16 -1.68
C LEU A 61 10.36 -5.51 -0.98
N GLN A 62 10.87 -6.52 -1.68
CA GLN A 62 11.20 -7.81 -1.11
C GLN A 62 12.24 -7.67 -0.01
N GLN A 63 13.26 -6.84 -0.19
CA GLN A 63 14.21 -6.52 0.87
C GLN A 63 13.50 -5.79 2.02
N LEU A 64 12.88 -4.66 1.70
CA LEU A 64 12.36 -3.64 2.61
C LEU A 64 11.20 -4.18 3.47
N THR A 65 10.39 -5.13 2.99
CA THR A 65 9.25 -5.66 3.73
C THR A 65 9.25 -7.19 3.84
N GLY A 66 9.86 -7.91 2.90
CA GLY A 66 9.92 -9.38 2.90
C GLY A 66 9.12 -10.03 1.79
N ALA A 67 8.46 -9.28 0.90
CA ALA A 67 7.81 -9.86 -0.28
C ALA A 67 7.82 -8.85 -1.43
N ARG A 68 7.98 -9.38 -2.65
CA ARG A 68 7.97 -8.55 -3.87
C ARG A 68 6.55 -8.32 -4.39
N THR A 69 5.61 -9.13 -3.96
CA THR A 69 4.32 -9.27 -4.60
C THR A 69 3.53 -8.00 -4.34
N VAL A 70 2.91 -7.48 -5.39
CA VAL A 70 2.07 -6.29 -5.31
C VAL A 70 0.60 -6.75 -5.18
N PRO A 71 -0.34 -5.85 -4.81
CA PRO A 71 -0.11 -4.54 -4.22
C PRO A 71 0.66 -4.68 -2.91
N ARG A 72 1.32 -3.62 -2.43
CA ARG A 72 1.92 -3.59 -1.09
C ARG A 72 1.40 -2.36 -0.39
N VAL A 73 0.49 -2.53 0.55
CA VAL A 73 -0.10 -1.45 1.32
C VAL A 73 0.87 -1.09 2.44
N PHE A 74 1.26 0.18 2.51
CA PHE A 74 1.97 0.80 3.61
C PHE A 74 1.00 1.76 4.29
N ILE A 75 0.41 1.34 5.39
CA ILE A 75 -0.36 2.24 6.25
C ILE A 75 0.69 2.90 7.15
N GLY A 76 0.96 4.19 6.94
CA GLY A 76 1.90 5.02 7.70
C GLY A 76 3.21 4.29 7.93
N LYS A 77 3.91 4.04 6.82
CA LYS A 77 5.16 3.30 6.69
C LYS A 77 5.26 1.97 7.42
N ASP A 78 4.17 1.35 7.85
CA ASP A 78 4.15 -0.08 8.15
C ASP A 78 3.55 -0.79 6.95
N CYS A 79 4.32 -1.63 6.25
CA CYS A 79 3.78 -2.51 5.22
C CYS A 79 2.87 -3.54 5.89
N ILE A 80 1.55 -3.44 5.70
CA ILE A 80 0.62 -4.31 6.40
C ILE A 80 0.47 -5.64 5.67
N GLY A 81 1.00 -5.74 4.46
CA GLY A 81 1.07 -6.95 3.66
C GLY A 81 0.65 -6.65 2.23
N GLY A 82 0.38 -7.72 1.48
CA GLY A 82 -0.13 -7.67 0.13
C GLY A 82 -1.66 -7.72 0.14
N CYS A 83 -2.28 -7.97 -1.02
CA CYS A 83 -3.74 -7.98 -1.11
C CYS A 83 -4.32 -9.05 -0.21
N SER A 84 -3.70 -10.23 -0.15
CA SER A 84 -4.28 -11.32 0.59
C SER A 84 -4.29 -10.99 2.09
N ASP A 85 -3.38 -10.14 2.55
CA ASP A 85 -3.22 -9.81 3.95
C ASP A 85 -4.19 -8.68 4.27
N LEU A 86 -4.14 -7.62 3.45
CA LEU A 86 -5.07 -6.49 3.44
C LEU A 86 -6.52 -6.96 3.49
N VAL A 87 -6.84 -8.04 2.78
CA VAL A 87 -8.16 -8.64 2.77
C VAL A 87 -8.63 -8.94 4.19
N SER A 88 -7.83 -9.58 5.05
CA SER A 88 -8.30 -9.92 6.39
C SER A 88 -8.49 -8.62 7.15
N LEU A 89 -7.52 -7.70 7.04
CA LEU A 89 -7.63 -6.45 7.76
C LEU A 89 -8.90 -5.71 7.30
N GLN A 90 -9.33 -5.82 6.05
CA GLN A 90 -10.63 -5.31 5.60
C GLN A 90 -11.78 -6.14 6.23
N GLN A 91 -11.81 -7.47 6.05
CA GLN A 91 -12.95 -8.32 6.35
C GLN A 91 -13.17 -8.38 7.87
N SER A 92 -12.11 -8.68 8.63
CA SER A 92 -12.04 -8.61 10.08
C SER A 92 -12.06 -7.15 10.55
N GLY A 93 -11.88 -6.19 9.64
CA GLY A 93 -11.97 -4.78 9.93
C GLY A 93 -10.82 -4.28 10.80
N GLU A 94 -9.70 -5.01 10.94
CA GLU A 94 -8.56 -4.48 11.66
C GLU A 94 -8.02 -3.22 10.96
N LEU A 95 -8.16 -3.15 9.64
CA LEU A 95 -7.69 -2.09 8.76
C LEU A 95 -8.11 -0.72 9.26
N LEU A 96 -9.32 -0.61 9.82
CA LEU A 96 -9.86 0.63 10.33
C LEU A 96 -8.99 1.18 11.46
N THR A 97 -8.75 0.38 12.50
CA THR A 97 -7.84 0.75 13.58
C THR A 97 -6.42 0.93 13.03
N ARG A 98 -5.94 0.02 12.16
CA ARG A 98 -4.60 0.13 11.61
C ARG A 98 -4.41 1.45 10.89
N LEU A 99 -5.41 1.95 10.16
CA LEU A 99 -5.37 3.27 9.56
C LEU A 99 -5.43 4.35 10.61
N LYS A 100 -6.38 4.33 11.54
CA LYS A 100 -6.41 5.33 12.61
C LYS A 100 -5.12 5.41 13.42
N GLN A 101 -4.36 4.32 13.49
CA GLN A 101 -3.00 4.29 14.02
C GLN A 101 -2.14 5.43 13.45
N ILE A 102 -2.34 5.80 12.18
CA ILE A 102 -1.50 6.77 11.48
C ILE A 102 -2.16 8.16 11.41
N GLY A 103 -3.41 8.28 11.88
CA GLY A 103 -4.25 9.46 11.69
C GLY A 103 -4.72 9.55 10.24
N ALA A 104 -5.81 8.85 9.93
CA ALA A 104 -6.38 8.64 8.60
C ALA A 104 -7.89 8.77 8.69
N LEU A 105 -8.62 7.83 9.31
CA LEU A 105 -10.04 8.01 9.41
C LEU A 105 -10.29 9.20 10.32
N GLN A 106 -11.38 9.86 10.00
CA GLN A 106 -12.12 10.74 10.88
C GLN A 106 -12.39 9.97 12.16
N ALA A 2 17.44 -0.73 -6.94
CA ALA A 2 16.66 0.51 -6.97
C ALA A 2 16.04 0.79 -5.60
N GLN A 3 16.76 1.46 -4.69
CA GLN A 3 16.24 1.81 -3.38
C GLN A 3 16.06 3.34 -3.31
N GLU A 4 14.96 3.85 -3.84
CA GLU A 4 14.68 5.29 -3.78
C GLU A 4 13.22 5.56 -4.08
N PHE A 5 12.69 5.21 -5.26
CA PHE A 5 11.33 5.57 -5.68
C PHE A 5 10.31 5.21 -4.60
N VAL A 6 10.37 3.98 -4.10
CA VAL A 6 9.48 3.53 -3.04
C VAL A 6 9.71 4.34 -1.76
N ASN A 7 10.97 4.46 -1.34
CA ASN A 7 11.29 5.02 -0.04
C ASN A 7 10.86 6.48 0.03
N CYS A 8 11.20 7.23 -1.02
CA CYS A 8 10.88 8.63 -1.24
C CYS A 8 9.44 8.82 -1.77
N LYS A 9 8.60 7.77 -1.76
CA LYS A 9 7.15 7.89 -1.97
C LYS A 9 6.42 7.69 -0.67
N ILE A 10 6.91 6.82 0.23
CA ILE A 10 6.25 6.66 1.52
C ILE A 10 6.36 7.98 2.30
N GLN A 11 5.35 8.23 3.11
CA GLN A 11 5.43 9.16 4.21
C GLN A 11 4.74 8.46 5.41
N PRO A 12 5.28 8.55 6.63
CA PRO A 12 4.54 8.17 7.83
C PRO A 12 3.32 9.08 7.98
N GLY A 13 2.31 8.63 8.72
CA GLY A 13 1.02 9.33 8.79
C GLY A 13 0.32 9.45 7.43
N LYS A 14 0.72 8.67 6.43
CA LYS A 14 0.09 8.53 5.12
C LYS A 14 -0.03 7.04 4.81
N VAL A 15 -0.95 6.65 3.94
CA VAL A 15 -1.12 5.27 3.52
C VAL A 15 -0.63 5.17 2.08
N VAL A 16 0.54 4.61 1.85
CA VAL A 16 1.15 4.59 0.53
C VAL A 16 1.11 3.15 0.00
N VAL A 17 0.54 2.95 -1.18
CA VAL A 17 0.20 1.62 -1.67
C VAL A 17 0.79 1.44 -3.05
N PHE A 18 1.77 0.55 -3.14
CA PHE A 18 2.54 0.33 -4.34
C PHE A 18 1.77 -0.65 -5.21
N ILE A 19 1.52 -0.30 -6.47
CA ILE A 19 0.56 -0.96 -7.35
C ILE A 19 1.07 -0.98 -8.80
N LYS A 20 0.26 -1.54 -9.69
CA LYS A 20 0.41 -1.56 -11.14
C LYS A 20 -0.97 -1.33 -11.75
N PRO A 21 -1.08 -0.91 -13.02
CA PRO A 21 -2.33 -0.46 -13.60
C PRO A 21 -3.21 -1.63 -14.03
N THR A 22 -2.64 -2.83 -14.17
CA THR A 22 -3.18 -3.98 -14.87
C THR A 22 -3.13 -5.24 -14.01
N CYS A 23 -3.12 -5.04 -12.68
CA CYS A 23 -3.16 -6.10 -11.69
C CYS A 23 -4.56 -6.08 -11.06
N PRO A 24 -5.38 -7.13 -11.23
CA PRO A 24 -6.68 -7.20 -10.59
C PRO A 24 -6.54 -7.30 -9.07
N TYR A 25 -5.36 -7.68 -8.55
CA TYR A 25 -5.12 -7.70 -7.12
C TYR A 25 -4.97 -6.25 -6.65
N CYS A 26 -4.31 -5.40 -7.45
CA CYS A 26 -4.18 -3.99 -7.12
C CYS A 26 -5.60 -3.39 -7.15
N ARG A 27 -6.36 -3.62 -8.23
CA ARG A 27 -7.77 -3.20 -8.32
C ARG A 27 -8.56 -3.60 -7.08
N ARG A 28 -8.46 -4.85 -6.62
CA ARG A 28 -9.09 -5.27 -5.37
C ARG A 28 -8.68 -4.33 -4.26
N ALA A 29 -7.39 -4.27 -3.95
CA ALA A 29 -6.90 -3.46 -2.85
C ALA A 29 -7.40 -2.02 -2.96
N GLN A 30 -7.49 -1.45 -4.15
CA GLN A 30 -8.01 -0.13 -4.39
C GLN A 30 -9.49 -0.01 -4.03
N GLU A 31 -10.37 -0.92 -4.41
CA GLU A 31 -11.78 -0.76 -4.05
C GLU A 31 -12.04 -1.12 -2.59
N ILE A 32 -11.26 -2.06 -2.07
CA ILE A 32 -11.21 -2.43 -0.67
C ILE A 32 -10.85 -1.17 0.12
N LEU A 33 -9.74 -0.52 -0.25
CA LEU A 33 -9.17 0.56 0.52
C LEU A 33 -9.97 1.84 0.27
N SER A 34 -10.09 2.23 -1.00
CA SER A 34 -10.45 3.60 -1.37
C SER A 34 -11.86 3.97 -0.93
N GLN A 35 -12.75 3.00 -0.69
CA GLN A 35 -14.11 3.32 -0.30
C GLN A 35 -14.21 3.84 1.14
N LEU A 36 -13.21 3.55 2.00
CA LEU A 36 -13.27 3.92 3.41
C LEU A 36 -13.09 5.44 3.58
N PRO A 37 -13.69 6.07 4.61
CA PRO A 37 -13.49 7.48 4.90
C PRO A 37 -12.07 7.66 5.47
N ILE A 38 -11.16 8.27 4.72
CA ILE A 38 -9.76 8.40 5.11
C ILE A 38 -9.42 9.87 4.92
N LYS A 39 -8.51 10.37 5.77
CA LYS A 39 -8.12 11.77 5.83
C LYS A 39 -7.63 12.23 4.47
N GLN A 40 -7.73 13.55 4.25
CA GLN A 40 -7.48 14.22 2.98
C GLN A 40 -6.27 13.62 2.25
N GLY A 41 -6.53 12.76 1.26
CA GLY A 41 -5.52 12.32 0.32
C GLY A 41 -4.49 11.40 0.97
N LEU A 42 -4.76 10.77 2.12
CA LEU A 42 -3.76 9.93 2.75
C LEU A 42 -3.60 8.63 1.99
N LEU A 43 -4.60 8.15 1.24
CA LEU A 43 -4.43 6.91 0.49
C LEU A 43 -3.77 7.27 -0.83
N GLU A 44 -2.47 6.99 -0.96
CA GLU A 44 -1.64 7.44 -2.06
C GLU A 44 -1.18 6.20 -2.83
N PHE A 45 -1.81 5.94 -3.98
CA PHE A 45 -1.50 4.79 -4.82
C PHE A 45 -0.31 5.16 -5.72
N VAL A 46 0.70 4.30 -5.79
CA VAL A 46 2.01 4.57 -6.35
C VAL A 46 2.32 3.47 -7.36
N ASP A 47 2.14 3.78 -8.64
CA ASP A 47 2.30 2.82 -9.71
C ASP A 47 3.78 2.60 -10.04
N ILE A 48 4.27 1.36 -9.90
CA ILE A 48 5.67 1.00 -10.10
C ILE A 48 6.01 0.69 -11.57
N THR A 49 5.03 0.58 -12.46
CA THR A 49 5.23 0.29 -13.87
C THR A 49 4.72 1.47 -14.72
N ALA A 50 4.46 2.61 -14.10
CA ALA A 50 4.38 3.92 -14.71
C ALA A 50 5.79 4.34 -15.14
N THR A 51 6.33 3.63 -16.14
CA THR A 51 7.60 3.84 -16.82
C THR A 51 8.83 3.56 -15.91
N ASN A 52 8.65 3.50 -14.58
CA ASN A 52 9.70 3.14 -13.64
C ASN A 52 10.04 1.65 -13.79
N HIS A 53 11.13 1.20 -13.17
CA HIS A 53 11.65 -0.14 -13.29
C HIS A 53 11.08 -1.00 -12.17
N THR A 54 9.79 -1.31 -12.32
CA THR A 54 8.98 -2.22 -11.49
C THR A 54 9.84 -3.38 -11.00
N ASN A 55 10.35 -4.21 -11.90
CA ASN A 55 11.11 -5.42 -11.54
C ASN A 55 12.27 -5.18 -10.56
N GLU A 56 12.94 -4.04 -10.61
CA GLU A 56 13.98 -3.64 -9.66
C GLU A 56 13.37 -3.15 -8.34
N ILE A 57 12.35 -2.31 -8.43
CA ILE A 57 11.58 -1.81 -7.29
C ILE A 57 10.98 -2.98 -6.50
N GLN A 58 10.53 -4.02 -7.20
CA GLN A 58 9.84 -5.20 -6.70
C GLN A 58 10.81 -5.93 -5.79
N ASP A 59 12.05 -6.10 -6.25
CA ASP A 59 13.14 -6.71 -5.50
C ASP A 59 13.39 -5.92 -4.22
N TYR A 60 13.44 -4.60 -4.37
CA TYR A 60 13.57 -3.71 -3.22
C TYR A 60 12.39 -3.84 -2.24
N LEU A 61 11.14 -4.03 -2.69
CA LEU A 61 10.02 -4.34 -1.79
C LEU A 61 10.36 -5.56 -0.94
N GLN A 62 10.85 -6.62 -1.59
CA GLN A 62 11.25 -7.85 -0.95
C GLN A 62 12.26 -7.59 0.17
N GLN A 63 13.28 -6.78 -0.12
CA GLN A 63 14.32 -6.46 0.83
C GLN A 63 13.78 -5.59 1.96
N LEU A 64 12.94 -4.61 1.64
CA LEU A 64 12.53 -3.55 2.55
C LEU A 64 11.50 -4.10 3.57
N THR A 65 10.76 -5.16 3.25
CA THR A 65 9.78 -5.77 4.14
C THR A 65 10.13 -7.24 4.38
N GLY A 66 10.06 -8.04 3.33
CA GLY A 66 10.19 -9.49 3.32
C GLY A 66 9.36 -10.15 2.22
N ALA A 67 8.55 -9.40 1.46
CA ALA A 67 7.76 -9.93 0.36
C ALA A 67 7.73 -8.92 -0.78
N ARG A 68 7.77 -9.41 -2.01
CA ARG A 68 7.78 -8.55 -3.19
C ARG A 68 6.40 -8.36 -3.78
N THR A 69 5.42 -9.17 -3.41
CA THR A 69 4.13 -9.17 -4.06
C THR A 69 3.45 -7.81 -3.92
N VAL A 70 2.77 -7.39 -4.98
CA VAL A 70 1.91 -6.23 -5.04
C VAL A 70 0.46 -6.72 -5.07
N PRO A 71 -0.52 -5.87 -4.69
CA PRO A 71 -0.35 -4.54 -4.13
C PRO A 71 0.32 -4.63 -2.77
N ARG A 72 1.22 -3.69 -2.47
CA ARG A 72 1.91 -3.65 -1.18
C ARG A 72 1.37 -2.45 -0.44
N VAL A 73 0.39 -2.68 0.44
CA VAL A 73 -0.14 -1.62 1.28
C VAL A 73 0.89 -1.31 2.35
N PHE A 74 1.25 -0.04 2.46
CA PHE A 74 2.21 0.47 3.42
C PHE A 74 1.48 1.56 4.23
N ILE A 75 0.92 1.17 5.37
CA ILE A 75 0.19 2.06 6.27
C ILE A 75 1.28 2.72 7.12
N GLY A 76 1.44 4.04 7.03
CA GLY A 76 2.23 4.85 7.93
C GLY A 76 3.65 4.33 8.15
N LYS A 77 4.47 4.37 7.09
CA LYS A 77 5.80 3.79 7.03
C LYS A 77 5.93 2.35 7.58
N ASP A 78 4.92 1.51 7.47
CA ASP A 78 5.02 0.08 7.78
C ASP A 78 4.16 -0.73 6.81
N CYS A 79 4.54 -1.96 6.48
CA CYS A 79 3.78 -2.81 5.56
C CYS A 79 2.76 -3.64 6.34
N ILE A 80 1.53 -3.79 5.81
CA ILE A 80 0.57 -4.69 6.42
C ILE A 80 0.75 -6.14 5.95
N GLY A 81 1.62 -6.42 4.98
CA GLY A 81 1.79 -7.72 4.35
C GLY A 81 1.85 -7.50 2.86
N GLY A 82 0.67 -7.51 2.25
CA GLY A 82 0.43 -6.97 0.92
C GLY A 82 -1.07 -6.95 0.64
N CYS A 83 -1.65 -8.10 0.27
CA CYS A 83 -3.04 -8.19 -0.18
C CYS A 83 -3.83 -9.25 0.60
N SER A 84 -3.26 -10.41 0.93
CA SER A 84 -4.06 -11.43 1.63
C SER A 84 -4.22 -11.09 3.12
N ASP A 85 -3.29 -10.32 3.67
CA ASP A 85 -3.44 -9.64 4.95
C ASP A 85 -4.52 -8.58 4.81
N LEU A 86 -4.50 -7.81 3.71
CA LEU A 86 -5.48 -6.75 3.48
C LEU A 86 -6.90 -7.31 3.45
N VAL A 87 -7.09 -8.51 2.91
CA VAL A 87 -8.34 -9.23 2.95
C VAL A 87 -8.75 -9.48 4.41
N SER A 88 -7.86 -9.94 5.29
CA SER A 88 -8.19 -10.22 6.68
C SER A 88 -8.61 -8.90 7.32
N LEU A 89 -7.80 -7.85 7.11
CA LEU A 89 -8.04 -6.53 7.64
C LEU A 89 -9.41 -6.05 7.18
N GLN A 90 -9.85 -6.29 5.94
CA GLN A 90 -11.22 -6.00 5.54
C GLN A 90 -12.20 -6.86 6.36
N GLN A 91 -12.09 -8.19 6.29
CA GLN A 91 -13.11 -9.14 6.73
C GLN A 91 -13.32 -9.04 8.24
N SER A 92 -12.22 -9.10 9.00
CA SER A 92 -12.18 -8.92 10.45
C SER A 92 -12.31 -7.45 10.84
N GLY A 93 -12.41 -6.53 9.89
CA GLY A 93 -12.51 -5.11 10.13
C GLY A 93 -11.23 -4.49 10.70
N GLU A 94 -10.11 -5.21 10.83
CA GLU A 94 -8.94 -4.62 11.46
C GLU A 94 -8.39 -3.45 10.60
N LEU A 95 -8.70 -3.41 9.29
CA LEU A 95 -8.36 -2.32 8.39
C LEU A 95 -8.74 -0.96 8.94
N LEU A 96 -9.90 -0.85 9.60
CA LEU A 96 -10.39 0.40 10.13
C LEU A 96 -9.44 0.86 11.24
N THR A 97 -9.14 -0.03 12.19
CA THR A 97 -8.19 0.19 13.27
C THR A 97 -6.82 0.55 12.67
N ARG A 98 -6.29 -0.28 11.77
CA ARG A 98 -5.00 -0.13 11.09
C ARG A 98 -4.88 1.22 10.42
N LEU A 99 -5.94 1.73 9.81
CA LEU A 99 -5.93 3.05 9.20
C LEU A 99 -5.97 4.12 10.29
N LYS A 100 -6.89 4.06 11.26
CA LYS A 100 -6.89 5.11 12.28
C LYS A 100 -5.60 5.15 13.10
N GLN A 101 -4.87 4.04 13.16
CA GLN A 101 -3.51 3.95 13.71
C GLN A 101 -2.54 4.97 13.07
N ILE A 102 -2.84 5.53 11.89
CA ILE A 102 -2.05 6.63 11.31
C ILE A 102 -2.79 7.97 11.25
N GLY A 103 -3.98 8.08 11.86
CA GLY A 103 -4.81 9.28 11.80
C GLY A 103 -5.50 9.43 10.45
N ALA A 104 -6.00 8.32 9.90
CA ALA A 104 -6.67 8.25 8.61
C ALA A 104 -8.15 8.49 8.76
N LEU A 105 -8.94 7.54 9.26
CA LEU A 105 -10.33 7.84 9.49
C LEU A 105 -10.29 9.00 10.48
N GLN A 106 -11.07 10.03 10.20
CA GLN A 106 -10.86 11.32 10.84
C GLN A 106 -11.25 11.21 12.31
N ALA A 2 15.39 -0.05 -5.61
CA ALA A 2 14.77 1.28 -5.75
C ALA A 2 14.65 1.96 -4.39
N GLN A 3 15.79 2.30 -3.79
CA GLN A 3 15.95 2.77 -2.42
C GLN A 3 15.53 4.23 -2.20
N GLU A 4 14.58 4.72 -2.99
CA GLU A 4 14.33 6.13 -3.16
C GLU A 4 12.94 6.24 -3.78
N PHE A 5 12.69 5.62 -4.94
CA PHE A 5 11.37 5.61 -5.56
C PHE A 5 10.33 5.00 -4.62
N VAL A 6 10.62 3.87 -3.97
CA VAL A 6 9.75 3.33 -2.92
C VAL A 6 10.03 4.06 -1.61
N ASN A 7 11.30 4.18 -1.21
CA ASN A 7 11.66 4.56 0.16
C ASN A 7 11.14 5.96 0.52
N CYS A 8 11.37 6.93 -0.36
CA CYS A 8 10.92 8.31 -0.18
C CYS A 8 9.41 8.45 -0.42
N LYS A 9 8.79 7.52 -1.16
CA LYS A 9 7.35 7.53 -1.36
C LYS A 9 6.62 7.30 -0.05
N ILE A 10 7.01 6.28 0.73
CA ILE A 10 6.35 6.00 1.99
C ILE A 10 6.61 7.19 2.91
N GLN A 11 5.65 7.44 3.81
CA GLN A 11 5.75 8.44 4.85
C GLN A 11 5.00 7.87 6.06
N PRO A 12 5.35 8.25 7.29
CA PRO A 12 4.43 8.10 8.40
C PRO A 12 3.18 8.96 8.17
N GLY A 13 2.11 8.65 8.88
CA GLY A 13 0.85 9.37 8.76
C GLY A 13 0.30 9.46 7.34
N LYS A 14 0.65 8.53 6.45
CA LYS A 14 0.17 8.47 5.07
C LYS A 14 -0.05 6.99 4.72
N VAL A 15 -0.84 6.71 3.70
CA VAL A 15 -1.26 5.37 3.32
C VAL A 15 -0.79 5.15 1.89
N VAL A 16 0.44 4.68 1.73
CA VAL A 16 1.11 4.65 0.44
C VAL A 16 1.13 3.20 0.00
N VAL A 17 0.70 2.92 -1.24
CA VAL A 17 0.41 1.57 -1.69
C VAL A 17 1.07 1.36 -3.04
N PHE A 18 2.08 0.49 -3.10
CA PHE A 18 2.73 0.19 -4.37
C PHE A 18 1.85 -0.83 -5.09
N ILE A 19 1.44 -0.53 -6.32
CA ILE A 19 0.49 -1.28 -7.14
C ILE A 19 1.04 -1.49 -8.55
N LYS A 20 0.31 -2.19 -9.42
CA LYS A 20 0.51 -2.09 -10.87
C LYS A 20 -0.85 -1.94 -11.55
N PRO A 21 -0.92 -1.44 -12.80
CA PRO A 21 -2.18 -1.18 -13.47
C PRO A 21 -2.78 -2.49 -14.01
N THR A 22 -1.95 -3.46 -14.38
CA THR A 22 -2.35 -4.74 -14.93
C THR A 22 -2.52 -5.80 -13.83
N CYS A 23 -2.36 -5.46 -12.54
CA CYS A 23 -2.64 -6.34 -11.41
C CYS A 23 -4.11 -6.20 -10.93
N PRO A 24 -4.95 -7.22 -11.13
CA PRO A 24 -6.32 -7.22 -10.60
C PRO A 24 -6.33 -7.31 -9.06
N TYR A 25 -5.33 -7.91 -8.42
CA TYR A 25 -5.30 -7.98 -6.96
C TYR A 25 -4.92 -6.62 -6.36
N CYS A 26 -4.24 -5.75 -7.12
CA CYS A 26 -4.08 -4.35 -6.76
C CYS A 26 -5.47 -3.71 -6.86
N ARG A 27 -6.14 -3.87 -7.99
CA ARG A 27 -7.42 -3.23 -8.30
C ARG A 27 -8.50 -3.51 -7.24
N ARG A 28 -8.55 -4.71 -6.67
CA ARG A 28 -9.38 -5.00 -5.51
C ARG A 28 -8.98 -4.12 -4.36
N ALA A 29 -7.73 -4.27 -3.94
CA ALA A 29 -7.18 -3.54 -2.80
C ALA A 29 -7.41 -2.04 -2.93
N GLN A 30 -7.38 -1.50 -4.15
CA GLN A 30 -7.74 -0.15 -4.49
C GLN A 30 -9.14 0.21 -4.07
N GLU A 31 -10.13 -0.59 -4.46
CA GLU A 31 -11.50 -0.31 -4.14
C GLU A 31 -11.66 -0.42 -2.64
N ILE A 32 -11.25 -1.57 -2.09
CA ILE A 32 -11.28 -1.88 -0.68
C ILE A 32 -10.72 -0.73 0.15
N LEU A 33 -9.53 -0.24 -0.21
CA LEU A 33 -8.93 0.82 0.57
C LEU A 33 -9.71 2.10 0.30
N SER A 34 -10.03 2.42 -0.97
CA SER A 34 -10.83 3.62 -1.24
C SER A 34 -12.26 3.61 -0.66
N GLN A 35 -12.82 2.47 -0.24
CA GLN A 35 -14.17 2.39 0.33
C GLN A 35 -14.16 2.95 1.76
N LEU A 36 -13.03 2.82 2.46
CA LEU A 36 -12.86 3.27 3.82
C LEU A 36 -12.61 4.78 3.81
N PRO A 37 -13.23 5.58 4.71
CA PRO A 37 -13.15 7.05 4.70
C PRO A 37 -11.82 7.58 5.26
N ILE A 38 -10.70 7.23 4.62
CA ILE A 38 -9.37 7.71 4.97
C ILE A 38 -9.35 9.22 4.68
N LYS A 39 -8.55 9.98 5.44
CA LYS A 39 -8.31 11.39 5.19
C LYS A 39 -7.85 11.60 3.75
N GLN A 40 -8.57 12.46 3.03
CA GLN A 40 -8.30 12.76 1.63
C GLN A 40 -6.83 13.17 1.50
N GLY A 41 -6.10 12.54 0.58
CA GLY A 41 -4.70 12.80 0.32
C GLY A 41 -3.79 11.75 0.95
N LEU A 42 -4.23 11.04 2.01
CA LEU A 42 -3.36 10.07 2.63
C LEU A 42 -3.24 8.82 1.75
N LEU A 43 -4.31 8.39 1.09
CA LEU A 43 -4.34 7.14 0.36
C LEU A 43 -3.75 7.38 -1.02
N GLU A 44 -2.53 6.92 -1.29
CA GLU A 44 -1.93 7.08 -2.60
C GLU A 44 -1.39 5.75 -3.14
N PHE A 45 -2.01 5.32 -4.23
CA PHE A 45 -1.62 4.14 -4.99
C PHE A 45 -0.50 4.56 -5.94
N VAL A 46 0.72 4.17 -5.64
CA VAL A 46 1.94 4.44 -6.38
C VAL A 46 2.14 3.27 -7.34
N ASP A 47 2.28 3.54 -8.62
CA ASP A 47 2.48 2.50 -9.61
C ASP A 47 3.94 2.06 -9.67
N ILE A 48 4.23 0.76 -9.58
CA ILE A 48 5.57 0.21 -9.81
C ILE A 48 6.03 0.45 -11.26
N THR A 49 5.08 0.64 -12.18
CA THR A 49 5.28 0.79 -13.59
C THR A 49 4.44 1.99 -14.04
N ALA A 50 4.55 3.09 -13.28
CA ALA A 50 4.13 4.41 -13.71
C ALA A 50 4.78 4.72 -15.05
N THR A 51 6.09 4.49 -15.12
CA THR A 51 6.94 4.76 -16.26
C THR A 51 7.90 3.57 -16.48
N ASN A 52 8.66 3.21 -15.44
CA ASN A 52 9.79 2.27 -15.49
C ASN A 52 10.17 1.85 -14.05
N HIS A 53 11.36 1.32 -13.80
CA HIS A 53 11.88 0.85 -12.51
C HIS A 53 11.13 -0.31 -11.84
N THR A 54 10.02 -0.83 -12.37
CA THR A 54 9.22 -1.91 -11.75
C THR A 54 10.10 -2.99 -11.16
N ASN A 55 10.88 -3.65 -12.02
CA ASN A 55 11.79 -4.73 -11.63
C ASN A 55 12.68 -4.32 -10.43
N GLU A 56 13.30 -3.14 -10.48
CA GLU A 56 14.11 -2.56 -9.41
C GLU A 56 13.31 -2.22 -8.14
N ILE A 57 12.02 -1.93 -8.29
CA ILE A 57 11.08 -1.58 -7.24
C ILE A 57 10.58 -2.87 -6.59
N GLN A 58 10.44 -3.93 -7.38
CA GLN A 58 9.93 -5.23 -7.02
C GLN A 58 10.97 -5.93 -6.15
N ASP A 59 12.22 -5.97 -6.63
CA ASP A 59 13.41 -6.34 -5.87
C ASP A 59 13.42 -5.68 -4.51
N TYR A 60 13.27 -4.35 -4.56
CA TYR A 60 13.28 -3.51 -3.38
C TYR A 60 12.15 -3.82 -2.41
N LEU A 61 10.93 -4.06 -2.90
CA LEU A 61 9.80 -4.44 -2.05
C LEU A 61 10.13 -5.73 -1.31
N GLN A 62 10.77 -6.69 -1.99
CA GLN A 62 11.27 -7.92 -1.41
C GLN A 62 12.20 -7.60 -0.25
N GLN A 63 13.18 -6.73 -0.48
CA GLN A 63 14.17 -6.32 0.51
C GLN A 63 13.53 -5.61 1.70
N LEU A 64 12.61 -4.67 1.43
CA LEU A 64 12.06 -3.78 2.45
C LEU A 64 11.04 -4.54 3.29
N THR A 65 10.23 -5.44 2.72
CA THR A 65 9.09 -6.03 3.43
C THR A 65 9.25 -7.53 3.69
N GLY A 66 9.98 -8.26 2.85
CA GLY A 66 10.11 -9.70 2.90
C GLY A 66 9.36 -10.40 1.77
N ALA A 67 8.60 -9.67 0.94
CA ALA A 67 8.02 -10.21 -0.28
C ALA A 67 7.90 -9.12 -1.33
N ARG A 68 8.05 -9.46 -2.60
CA ARG A 68 7.91 -8.51 -3.69
C ARG A 68 6.45 -8.33 -4.12
N THR A 69 5.58 -9.26 -3.77
CA THR A 69 4.29 -9.38 -4.42
C THR A 69 3.45 -8.15 -4.14
N VAL A 70 2.84 -7.61 -5.20
CA VAL A 70 1.99 -6.44 -5.13
C VAL A 70 0.55 -6.87 -4.80
N PRO A 71 -0.33 -5.93 -4.40
CA PRO A 71 0.02 -4.59 -3.94
C PRO A 71 0.82 -4.70 -2.62
N ARG A 72 1.48 -3.62 -2.20
CA ARG A 72 2.12 -3.54 -0.90
C ARG A 72 1.60 -2.26 -0.27
N VAL A 73 0.57 -2.37 0.57
CA VAL A 73 0.07 -1.24 1.35
C VAL A 73 1.08 -1.00 2.46
N PHE A 74 1.48 0.26 2.65
CA PHE A 74 2.21 0.76 3.79
C PHE A 74 1.27 1.72 4.51
N ILE A 75 0.73 1.27 5.64
CA ILE A 75 0.03 2.13 6.58
C ILE A 75 1.14 2.73 7.45
N GLY A 76 1.44 4.01 7.25
CA GLY A 76 2.41 4.80 8.02
C GLY A 76 3.72 4.05 8.26
N LYS A 77 4.51 3.85 7.20
CA LYS A 77 5.74 3.09 7.18
C LYS A 77 5.70 1.72 7.88
N ASP A 78 4.56 1.03 7.90
CA ASP A 78 4.55 -0.41 8.14
C ASP A 78 3.72 -1.08 7.04
N CYS A 79 4.29 -2.08 6.37
CA CYS A 79 3.57 -2.82 5.35
C CYS A 79 2.56 -3.74 6.02
N ILE A 80 1.35 -3.86 5.50
CA ILE A 80 0.30 -4.71 6.04
C ILE A 80 -0.06 -5.85 5.08
N GLY A 81 0.76 -6.07 4.05
CA GLY A 81 0.49 -7.02 2.99
C GLY A 81 -0.32 -6.34 1.89
N GLY A 82 -1.17 -7.10 1.20
CA GLY A 82 -1.86 -6.57 0.04
C GLY A 82 -2.83 -7.52 -0.67
N CYS A 83 -2.85 -8.81 -0.36
CA CYS A 83 -3.81 -9.77 -0.85
C CYS A 83 -3.84 -10.80 0.25
N SER A 84 -4.96 -11.46 0.42
CA SER A 84 -5.26 -12.22 1.62
C SER A 84 -5.28 -11.35 2.88
N ASP A 85 -4.13 -10.96 3.41
CA ASP A 85 -4.00 -10.21 4.67
C ASP A 85 -4.86 -8.97 4.61
N LEU A 86 -4.73 -8.24 3.50
CA LEU A 86 -5.46 -7.03 3.17
C LEU A 86 -6.96 -7.20 3.36
N VAL A 87 -7.52 -8.31 2.88
CA VAL A 87 -8.93 -8.62 2.96
C VAL A 87 -9.30 -8.85 4.41
N SER A 88 -8.57 -9.67 5.19
CA SER A 88 -8.90 -9.85 6.62
C SER A 88 -8.90 -8.48 7.28
N LEU A 89 -7.87 -7.68 7.05
CA LEU A 89 -7.72 -6.43 7.75
C LEU A 89 -8.94 -5.56 7.45
N GLN A 90 -9.53 -5.59 6.25
CA GLN A 90 -10.80 -4.91 6.00
C GLN A 90 -11.93 -5.61 6.79
N GLN A 91 -12.14 -6.91 6.57
CA GLN A 91 -13.30 -7.69 6.99
C GLN A 91 -13.39 -7.77 8.52
N SER A 92 -12.31 -8.21 9.17
CA SER A 92 -12.08 -8.27 10.60
C SER A 92 -11.90 -6.86 11.18
N GLY A 93 -11.63 -5.86 10.34
CA GLY A 93 -11.61 -4.45 10.73
C GLY A 93 -10.27 -3.99 11.24
N GLU A 94 -9.23 -4.85 11.28
CA GLU A 94 -7.95 -4.45 11.84
C GLU A 94 -7.34 -3.28 11.06
N LEU A 95 -7.58 -3.22 9.75
CA LEU A 95 -7.10 -2.17 8.85
C LEU A 95 -7.58 -0.81 9.34
N LEU A 96 -8.82 -0.77 9.84
CA LEU A 96 -9.49 0.45 10.24
C LEU A 96 -8.74 1.07 11.40
N THR A 97 -8.53 0.31 12.48
CA THR A 97 -7.77 0.75 13.63
C THR A 97 -6.32 1.07 13.23
N ARG A 98 -5.69 0.25 12.38
CA ARG A 98 -4.34 0.49 11.88
C ARG A 98 -4.24 1.83 11.16
N LEU A 99 -5.23 2.15 10.34
CA LEU A 99 -5.33 3.42 9.62
C LEU A 99 -5.58 4.56 10.59
N LYS A 100 -6.54 4.44 11.51
CA LYS A 100 -6.76 5.47 12.53
C LYS A 100 -5.53 5.72 13.39
N GLN A 101 -4.70 4.70 13.60
CA GLN A 101 -3.44 4.83 14.30
C GLN A 101 -2.54 5.88 13.64
N ILE A 102 -2.72 6.16 12.35
CA ILE A 102 -1.89 7.11 11.61
C ILE A 102 -2.74 8.27 11.05
N GLY A 103 -3.91 8.56 11.65
CA GLY A 103 -4.62 9.81 11.43
C GLY A 103 -5.62 9.78 10.27
N ALA A 104 -5.99 8.60 9.79
CA ALA A 104 -6.70 8.42 8.54
C ALA A 104 -8.19 8.61 8.73
N LEU A 105 -8.88 7.70 9.39
CA LEU A 105 -10.31 7.72 9.28
C LEU A 105 -10.82 8.91 10.06
N GLN A 106 -11.89 9.45 9.52
CA GLN A 106 -12.51 10.68 9.97
C GLN A 106 -13.40 10.39 11.18
N ALA A 2 13.10 0.98 -3.01
CA ALA A 2 13.73 1.21 -4.32
C ALA A 2 14.76 2.31 -4.18
N GLN A 3 15.29 2.84 -5.29
CA GLN A 3 16.17 4.01 -5.31
C GLN A 3 15.73 5.10 -4.32
N GLU A 4 14.53 5.63 -4.55
CA GLU A 4 14.04 6.86 -3.95
C GLU A 4 12.53 6.91 -4.14
N PHE A 5 12.00 6.79 -5.35
CA PHE A 5 10.60 7.11 -5.64
C PHE A 5 9.60 6.36 -4.75
N VAL A 6 9.90 5.10 -4.40
CA VAL A 6 9.16 4.33 -3.40
C VAL A 6 9.31 5.00 -2.03
N ASN A 7 10.55 5.12 -1.58
CA ASN A 7 10.98 5.47 -0.24
C ASN A 7 10.55 6.90 0.13
N CYS A 8 10.52 7.78 -0.87
CA CYS A 8 10.02 9.15 -0.90
C CYS A 8 8.57 9.19 -0.44
N LYS A 9 7.71 8.35 -1.01
CA LYS A 9 6.27 8.38 -0.77
C LYS A 9 5.92 7.94 0.65
N ILE A 10 6.82 7.26 1.36
CA ILE A 10 6.57 6.80 2.71
C ILE A 10 6.63 8.01 3.66
N GLN A 11 5.63 8.20 4.52
CA GLN A 11 5.74 9.01 5.73
C GLN A 11 5.19 8.20 6.91
N PRO A 12 5.54 8.54 8.16
CA PRO A 12 4.93 7.99 9.37
C PRO A 12 3.55 8.65 9.59
N GLY A 13 2.61 8.31 8.70
CA GLY A 13 1.32 8.89 8.57
C GLY A 13 1.08 9.21 7.10
N LYS A 14 1.02 8.16 6.28
CA LYS A 14 0.52 8.12 4.92
C LYS A 14 0.01 6.71 4.70
N VAL A 15 -0.87 6.51 3.73
CA VAL A 15 -1.32 5.20 3.32
C VAL A 15 -0.87 5.02 1.87
N VAL A 16 0.34 4.54 1.64
CA VAL A 16 0.78 4.25 0.28
C VAL A 16 0.31 2.85 -0.08
N VAL A 17 0.07 2.59 -1.36
CA VAL A 17 0.03 1.25 -1.91
C VAL A 17 0.90 1.28 -3.16
N PHE A 18 2.00 0.52 -3.15
CA PHE A 18 2.75 0.32 -4.38
C PHE A 18 1.97 -0.71 -5.21
N ILE A 19 1.64 -0.38 -6.46
CA ILE A 19 0.72 -1.10 -7.35
C ILE A 19 1.18 -1.00 -8.81
N LYS A 20 0.48 -1.67 -9.73
CA LYS A 20 0.62 -1.57 -11.19
C LYS A 20 -0.71 -1.10 -11.79
N PRO A 21 -0.71 -0.56 -13.02
CA PRO A 21 -1.89 -0.05 -13.68
C PRO A 21 -2.69 -1.19 -14.33
N THR A 22 -2.59 -2.42 -13.82
CA THR A 22 -3.41 -3.52 -14.27
C THR A 22 -3.85 -4.33 -13.05
N CYS A 23 -3.30 -5.54 -12.81
CA CYS A 23 -3.45 -6.42 -11.67
C CYS A 23 -4.83 -6.37 -11.01
N PRO A 24 -5.72 -7.36 -11.22
CA PRO A 24 -6.98 -7.40 -10.48
C PRO A 24 -6.76 -7.47 -8.96
N TYR A 25 -5.56 -7.82 -8.50
CA TYR A 25 -5.16 -7.83 -7.10
C TYR A 25 -4.95 -6.37 -6.63
N CYS A 26 -4.22 -5.56 -7.40
CA CYS A 26 -4.04 -4.13 -7.13
C CYS A 26 -5.39 -3.43 -7.24
N ARG A 27 -6.17 -3.74 -8.27
CA ARG A 27 -7.53 -3.23 -8.47
C ARG A 27 -8.37 -3.49 -7.23
N ARG A 28 -8.31 -4.70 -6.66
CA ARG A 28 -8.98 -5.01 -5.42
C ARG A 28 -8.53 -4.05 -4.34
N ALA A 29 -7.24 -4.03 -4.04
CA ALA A 29 -6.73 -3.21 -2.95
C ALA A 29 -7.15 -1.75 -3.11
N GLN A 30 -7.18 -1.22 -4.33
CA GLN A 30 -7.63 0.14 -4.61
C GLN A 30 -9.05 0.37 -4.17
N GLU A 31 -10.00 -0.47 -4.58
CA GLU A 31 -11.41 -0.25 -4.24
C GLU A 31 -11.64 -0.53 -2.77
N ILE A 32 -11.01 -1.60 -2.25
CA ILE A 32 -11.05 -1.98 -0.85
C ILE A 32 -10.62 -0.80 0.01
N LEU A 33 -9.45 -0.22 -0.29
CA LEU A 33 -8.91 0.84 0.55
C LEU A 33 -9.73 2.10 0.31
N SER A 34 -10.03 2.45 -0.95
CA SER A 34 -10.88 3.60 -1.24
C SER A 34 -12.25 3.54 -0.55
N GLN A 35 -12.78 2.35 -0.26
CA GLN A 35 -14.09 2.18 0.35
C GLN A 35 -14.05 2.57 1.83
N LEU A 36 -12.89 2.59 2.48
CA LEU A 36 -12.75 3.09 3.84
C LEU A 36 -12.53 4.60 3.77
N PRO A 37 -13.23 5.40 4.58
CA PRO A 37 -13.06 6.84 4.58
C PRO A 37 -11.75 7.18 5.30
N ILE A 38 -10.78 7.73 4.57
CA ILE A 38 -9.41 7.89 5.06
C ILE A 38 -9.04 9.34 4.77
N LYS A 39 -8.12 9.91 5.56
CA LYS A 39 -7.69 11.29 5.40
C LYS A 39 -7.21 11.48 3.97
N GLN A 40 -7.77 12.42 3.23
CA GLN A 40 -7.27 12.67 1.88
C GLN A 40 -5.84 13.21 2.02
N GLY A 41 -5.00 12.95 1.02
CA GLY A 41 -3.57 13.19 1.13
C GLY A 41 -2.85 11.96 1.66
N LEU A 42 -3.48 11.10 2.50
CA LEU A 42 -2.83 9.89 2.94
C LEU A 42 -2.84 8.82 1.85
N LEU A 43 -3.97 8.56 1.18
CA LEU A 43 -4.11 7.34 0.38
C LEU A 43 -3.48 7.57 -0.99
N GLU A 44 -2.32 6.98 -1.27
CA GLU A 44 -1.60 7.24 -2.51
C GLU A 44 -1.21 5.92 -3.18
N PHE A 45 -1.84 5.66 -4.33
CA PHE A 45 -1.59 4.50 -5.16
C PHE A 45 -0.39 4.83 -6.04
N VAL A 46 0.80 4.31 -5.70
CA VAL A 46 2.08 4.64 -6.31
C VAL A 46 2.41 3.54 -7.31
N ASP A 47 2.58 3.88 -8.57
CA ASP A 47 2.69 2.88 -9.62
C ASP A 47 4.14 2.45 -9.84
N ILE A 48 4.41 1.15 -9.93
CA ILE A 48 5.74 0.55 -10.08
C ILE A 48 6.19 0.41 -11.54
N THR A 49 5.30 0.58 -12.52
CA THR A 49 5.53 0.20 -13.91
C THR A 49 4.92 1.24 -14.87
N ALA A 50 4.36 2.33 -14.34
CA ALA A 50 3.92 3.49 -15.11
C ALA A 50 5.05 4.08 -15.95
N THR A 51 6.31 3.80 -15.60
CA THR A 51 7.43 3.94 -16.51
C THR A 51 8.15 2.59 -16.63
N ASN A 52 8.97 2.21 -15.64
CA ASN A 52 9.86 1.04 -15.68
C ASN A 52 10.29 0.68 -14.25
N HIS A 53 11.36 -0.11 -14.06
CA HIS A 53 11.96 -0.49 -12.79
C HIS A 53 11.08 -1.35 -11.87
N THR A 54 9.92 -1.85 -12.29
CA THR A 54 9.00 -2.60 -11.41
C THR A 54 9.76 -3.69 -10.68
N ASN A 55 10.30 -4.66 -11.41
CA ASN A 55 10.96 -5.81 -10.80
C ASN A 55 12.08 -5.38 -9.85
N GLU A 56 12.87 -4.37 -10.24
CA GLU A 56 13.90 -3.75 -9.41
C GLU A 56 13.32 -3.19 -8.10
N ILE A 57 12.22 -2.43 -8.21
CA ILE A 57 11.45 -1.88 -7.11
C ILE A 57 10.96 -3.03 -6.23
N GLN A 58 10.55 -4.14 -6.84
CA GLN A 58 9.76 -5.18 -6.20
C GLN A 58 10.71 -6.06 -5.37
N ASP A 59 11.90 -6.33 -5.93
CA ASP A 59 12.99 -7.08 -5.30
C ASP A 59 13.38 -6.38 -4.01
N TYR A 60 13.69 -5.09 -4.14
CA TYR A 60 13.95 -4.18 -3.02
C TYR A 60 12.79 -4.23 -2.03
N LEU A 61 11.54 -4.10 -2.51
CA LEU A 61 10.35 -4.10 -1.67
C LEU A 61 10.26 -5.37 -0.83
N GLN A 62 10.79 -6.51 -1.28
CA GLN A 62 10.89 -7.69 -0.44
C GLN A 62 11.73 -7.37 0.78
N GLN A 63 12.98 -6.98 0.57
CA GLN A 63 13.93 -6.74 1.64
C GLN A 63 13.46 -5.60 2.54
N LEU A 64 12.83 -4.58 1.96
CA LEU A 64 12.33 -3.39 2.64
C LEU A 64 11.04 -3.72 3.41
N THR A 65 10.31 -4.79 3.10
CA THR A 65 9.09 -5.17 3.81
C THR A 65 9.12 -6.63 4.33
N GLY A 66 8.93 -7.61 3.45
CA GLY A 66 8.84 -9.03 3.74
C GLY A 66 8.24 -9.86 2.60
N ALA A 67 7.73 -9.24 1.53
CA ALA A 67 7.30 -9.93 0.32
C ALA A 67 7.49 -9.00 -0.88
N ARG A 68 7.69 -9.59 -2.07
CA ARG A 68 7.76 -8.85 -3.33
C ARG A 68 6.44 -8.86 -4.07
N THR A 69 5.41 -9.55 -3.58
CA THR A 69 4.13 -9.55 -4.28
C THR A 69 3.54 -8.14 -4.13
N VAL A 70 2.90 -7.63 -5.18
CA VAL A 70 2.04 -6.45 -5.16
C VAL A 70 0.58 -6.91 -5.15
N PRO A 71 -0.38 -6.08 -4.69
CA PRO A 71 -0.20 -4.75 -4.07
C PRO A 71 0.58 -4.84 -2.76
N ARG A 72 1.12 -3.72 -2.28
CA ARG A 72 1.83 -3.62 -0.99
C ARG A 72 1.30 -2.42 -0.25
N VAL A 73 0.38 -2.61 0.68
CA VAL A 73 -0.15 -1.51 1.49
C VAL A 73 0.91 -1.15 2.52
N PHE A 74 1.35 0.10 2.48
CA PHE A 74 2.14 0.76 3.49
C PHE A 74 1.21 1.69 4.26
N ILE A 75 0.70 1.24 5.40
CA ILE A 75 0.15 2.16 6.38
C ILE A 75 1.38 2.61 7.17
N GLY A 76 1.68 3.91 7.08
CA GLY A 76 2.55 4.66 7.99
C GLY A 76 3.88 3.99 8.32
N LYS A 77 4.91 4.22 7.50
CA LYS A 77 6.24 3.62 7.43
C LYS A 77 6.34 2.10 7.50
N ASP A 78 5.29 1.39 7.87
CA ASP A 78 5.25 -0.06 7.88
C ASP A 78 4.56 -0.56 6.61
N CYS A 79 4.66 -1.86 6.32
CA CYS A 79 3.89 -2.54 5.29
C CYS A 79 3.08 -3.63 5.97
N ILE A 80 1.77 -3.64 5.75
CA ILE A 80 0.85 -4.41 6.58
C ILE A 80 0.77 -5.86 6.11
N GLY A 81 1.09 -6.11 4.84
CA GLY A 81 0.68 -7.27 4.11
C GLY A 81 0.32 -6.82 2.69
N GLY A 82 -0.03 -7.79 1.85
CA GLY A 82 -0.15 -7.57 0.43
C GLY A 82 -1.59 -7.51 -0.01
N CYS A 83 -2.19 -8.67 -0.26
CA CYS A 83 -3.52 -8.81 -0.83
C CYS A 83 -4.40 -9.69 0.07
N SER A 84 -4.08 -10.97 0.25
CA SER A 84 -4.82 -11.86 1.16
C SER A 84 -4.93 -11.24 2.56
N ASP A 85 -3.79 -10.81 3.07
CA ASP A 85 -3.59 -10.31 4.42
C ASP A 85 -4.31 -8.97 4.54
N LEU A 86 -4.30 -8.18 3.46
CA LEU A 86 -4.96 -6.88 3.39
C LEU A 86 -6.48 -7.07 3.43
N VAL A 87 -7.00 -8.08 2.73
CA VAL A 87 -8.40 -8.42 2.75
C VAL A 87 -8.82 -8.83 4.16
N SER A 88 -8.07 -9.65 4.91
CA SER A 88 -8.38 -9.80 6.33
C SER A 88 -8.43 -8.51 7.09
N LEU A 89 -7.45 -7.62 6.95
CA LEU A 89 -7.58 -6.34 7.60
C LEU A 89 -8.91 -5.67 7.20
N GLN A 90 -9.36 -5.66 5.94
CA GLN A 90 -10.67 -5.07 5.63
C GLN A 90 -11.79 -5.84 6.37
N GLN A 91 -11.86 -7.16 6.20
CA GLN A 91 -12.97 -8.02 6.56
C GLN A 91 -13.10 -8.28 8.06
N SER A 92 -11.99 -8.55 8.76
CA SER A 92 -11.97 -8.58 10.21
C SER A 92 -12.07 -7.14 10.75
N GLY A 93 -11.85 -6.13 9.91
CA GLY A 93 -11.87 -4.73 10.31
C GLY A 93 -10.53 -4.28 10.85
N GLU A 94 -9.48 -5.12 10.88
CA GLU A 94 -8.22 -4.71 11.48
C GLU A 94 -7.54 -3.57 10.68
N LEU A 95 -7.92 -3.35 9.41
CA LEU A 95 -7.45 -2.24 8.57
C LEU A 95 -7.87 -0.92 9.17
N LEU A 96 -9.12 -0.83 9.66
CA LEU A 96 -9.66 0.39 10.25
C LEU A 96 -8.84 0.77 11.47
N THR A 97 -8.52 -0.21 12.32
CA THR A 97 -7.64 -0.03 13.46
C THR A 97 -6.27 0.45 12.98
N ARG A 98 -5.63 -0.27 12.04
CA ARG A 98 -4.32 0.09 11.48
C ARG A 98 -4.31 1.53 10.96
N LEU A 99 -5.34 1.92 10.24
CA LEU A 99 -5.50 3.24 9.67
C LEU A 99 -5.62 4.27 10.77
N LYS A 100 -6.51 4.08 11.74
CA LYS A 100 -6.68 5.09 12.76
C LYS A 100 -5.53 5.17 13.74
N GLN A 101 -4.76 4.10 13.88
CA GLN A 101 -3.44 4.13 14.49
C GLN A 101 -2.57 5.24 13.86
N ILE A 102 -2.77 5.60 12.59
CA ILE A 102 -2.09 6.70 11.91
C ILE A 102 -3.05 7.87 11.58
N GLY A 103 -4.14 8.02 12.35
CA GLY A 103 -5.02 9.18 12.35
C GLY A 103 -5.85 9.36 11.08
N ALA A 104 -6.01 8.30 10.31
CA ALA A 104 -6.53 8.29 8.96
C ALA A 104 -8.02 8.48 8.92
N LEU A 105 -8.82 7.65 9.60
CA LEU A 105 -10.25 7.81 9.46
C LEU A 105 -10.56 9.16 10.08
N GLN A 106 -11.35 9.95 9.37
CA GLN A 106 -11.32 11.40 9.46
C GLN A 106 -12.49 11.84 10.31
#